data_5NI4
#
_entry.id   5NI4
#
_cell.length_a   139.560
_cell.length_b   139.560
_cell.length_c   87.950
_cell.angle_alpha   90.00
_cell.angle_beta   90.00
_cell.angle_gamma   120.00
#
_symmetry.space_group_name_H-M   'P 32'
#
loop_
_entity.id
_entity.type
_entity.pdbx_description
1 polymer 'Leukotriene A-4 hydrolase'
2 non-polymer 'ZINC ION'
3 non-polymer IMIDAZOLE
4 non-polymer '5S-5,6-oxido-7,9-trans-11,14-cis-eicosatetraenoic acid'
5 water water
#
_entity_poly.entity_id   1
_entity_poly.type   'polypeptide(L)'
_entity_poly.pdbx_seq_one_letter_code
;MHHHHHHPEIVDTCSLASPASVCRTKHLHLRCSVDFTRRTLTGTAALTVQSQEDNLRSLVLDTKDLTIEKVVINGQEVKY
ALGERQSYKGSPMEISLPIALSKNQEIVIEISFETSPKSSALQWLTPEQTSGKEHPYLFSQCQAIHCRAILPCQDTPSVK
LTYTAEVSVPKELVALMSAIRDGETPDPEDPSRKIYKFIQKVPIPCYLIALVVGALESRQIGPRTLVWSEKEQVEKSAYE
FSETESMLKIAEDLGGPYVWGQYDLLVLPPSFPYGGMANPCLTFVTPTLLAGDKSLSNVIAHEISHSWTGNLVTNKTWDH
FWLNEGHTVYLERHICGRLFGEKFRHFNALGGWGELQNSVKTFGETHPFTKLVVDLTDIDPDVAYSSVPYEKGFALLFYL
EQLLGGPEIFLGFLKAYVEKFSYKSITTDDWKDFLYSYFKDKVDVLNQVDWNAWLYSPGLPPIKPNYDMTLTNACIALSQ
RWITAKEDDLNSFNATDLKDLSSHQLNEFLAQTLQRAPLPLGHIKRMQEVYNFNAINNSEIRFRWLRLCIQSKWEDAIPL
ALKMATEQGRMKFTRPLFKDLAAFDKSHDQAVRTYQEHKASMHPVTAMLVGKDLKVD
;
_entity_poly.pdbx_strand_id   A,B,C
#
loop_
_chem_comp.id
_chem_comp.type
_chem_comp.name
_chem_comp.formula
DJ3 non-polymer '5S-5,6-oxido-7,9-trans-11,14-cis-eicosatetraenoic acid' 'C20 H30 O3'
IMD non-polymer IMIDAZOLE 'C3 H5 N2 1'
ZN non-polymer 'ZINC ION' 'Zn 2'
#
# COMPACT_ATOMS: atom_id res chain seq x y z
N ILE A 10 -9.95 -13.25 -47.73
CA ILE A 10 -9.18 -12.22 -47.04
C ILE A 10 -9.30 -12.41 -45.54
N VAL A 11 -8.15 -12.47 -44.85
CA VAL A 11 -8.10 -12.68 -43.41
C VAL A 11 -7.51 -11.44 -42.75
N ASP A 12 -8.03 -11.11 -41.58
CA ASP A 12 -7.50 -10.02 -40.76
C ASP A 12 -6.47 -10.61 -39.82
N THR A 13 -5.19 -10.50 -40.19
CA THR A 13 -4.12 -11.09 -39.39
C THR A 13 -3.77 -10.27 -38.16
N CYS A 14 -4.50 -9.18 -37.90
CA CYS A 14 -4.30 -8.41 -36.67
C CYS A 14 -5.33 -8.72 -35.60
N SER A 15 -6.32 -9.56 -35.91
CA SER A 15 -7.40 -9.88 -35.00
C SER A 15 -7.42 -11.37 -34.68
N LEU A 16 -7.71 -11.69 -33.41
CA LEU A 16 -7.88 -13.07 -32.97
C LEU A 16 -9.36 -13.47 -32.86
N ALA A 17 -10.27 -12.55 -33.17
CA ALA A 17 -11.69 -12.82 -33.01
C ALA A 17 -12.21 -13.68 -34.17
N SER A 18 -13.40 -14.25 -33.95
CA SER A 18 -14.11 -14.89 -35.05
C SER A 18 -14.30 -13.89 -36.18
N PRO A 19 -14.05 -14.27 -37.44
CA PRO A 19 -14.19 -13.32 -38.54
C PRO A 19 -15.64 -13.08 -38.92
N ALA A 20 -15.82 -12.06 -39.77
CA ALA A 20 -17.14 -11.64 -40.20
C ALA A 20 -17.91 -12.75 -40.91
N SER A 21 -17.20 -13.75 -41.46
CA SER A 21 -17.86 -14.86 -42.11
C SER A 21 -18.42 -15.87 -41.12
N VAL A 22 -18.04 -15.77 -39.85
CA VAL A 22 -18.56 -16.64 -38.80
C VAL A 22 -19.69 -15.96 -38.04
N CYS A 23 -19.46 -14.73 -37.57
CA CYS A 23 -20.48 -13.94 -36.91
C CYS A 23 -20.13 -12.46 -37.03
N ARG A 24 -21.12 -11.62 -36.79
N ARG A 24 -21.13 -11.61 -36.80
CA ARG A 24 -20.95 -10.18 -36.96
CA ARG A 24 -20.98 -10.18 -36.97
C ARG A 24 -21.61 -9.43 -35.81
C ARG A 24 -21.61 -9.44 -35.80
N THR A 25 -20.86 -8.55 -35.17
CA THR A 25 -21.42 -7.67 -34.15
C THR A 25 -22.21 -6.58 -34.84
N LYS A 26 -23.49 -6.45 -34.48
CA LYS A 26 -24.34 -5.44 -35.07
CA LYS A 26 -24.38 -5.45 -35.06
C LYS A 26 -24.49 -4.20 -34.21
N HIS A 27 -24.36 -4.33 -32.89
CA HIS A 27 -24.58 -3.21 -32.00
C HIS A 27 -23.83 -3.45 -30.70
N LEU A 28 -23.30 -2.36 -30.15
CA LEU A 28 -22.71 -2.35 -28.83
C LEU A 28 -23.50 -1.39 -27.96
N HIS A 29 -23.82 -1.82 -26.75
CA HIS A 29 -24.32 -0.92 -25.72
C HIS A 29 -23.32 -0.93 -24.59
N LEU A 30 -22.61 0.17 -24.43
CA LEU A 30 -21.54 0.31 -23.44
C LEU A 30 -22.07 1.07 -22.23
N ARG A 31 -21.96 0.47 -21.06
CA ARG A 31 -22.33 1.10 -19.80
C ARG A 31 -21.12 1.01 -18.88
N CYS A 32 -20.45 2.13 -18.62
CA CYS A 32 -19.18 2.07 -17.92
C CYS A 32 -19.00 3.26 -16.99
N SER A 33 -17.99 3.16 -16.14
CA SER A 33 -17.67 4.18 -15.16
C SER A 33 -16.17 4.43 -15.20
N VAL A 34 -15.79 5.71 -15.20
CA VAL A 34 -14.39 6.13 -15.30
C VAL A 34 -13.88 6.41 -13.89
N ASP A 35 -12.94 5.60 -13.42
CA ASP A 35 -12.36 5.72 -12.09
C ASP A 35 -10.95 6.30 -12.22
N PHE A 36 -10.81 7.58 -11.89
CA PHE A 36 -9.49 8.22 -11.99
C PHE A 36 -8.56 7.80 -10.86
N THR A 37 -9.11 7.34 -9.74
CA THR A 37 -8.25 6.89 -8.63
C THR A 37 -7.48 5.63 -9.02
N ARG A 38 -8.19 4.65 -9.58
CA ARG A 38 -7.57 3.40 -9.99
C ARG A 38 -7.14 3.40 -11.46
N ARG A 39 -7.55 4.41 -12.23
CA ARG A 39 -7.21 4.48 -13.65
C ARG A 39 -7.79 3.29 -14.41
N THR A 40 -9.08 3.05 -14.20
CA THR A 40 -9.79 1.93 -14.83
C THR A 40 -11.12 2.40 -15.38
N LEU A 41 -11.51 1.82 -16.52
CA LEU A 41 -12.88 1.84 -16.99
C LEU A 41 -13.52 0.54 -16.58
N THR A 42 -14.68 0.61 -15.95
CA THR A 42 -15.37 -0.58 -15.48
C THR A 42 -16.80 -0.56 -15.98
N GLY A 43 -17.30 -1.72 -16.40
CA GLY A 43 -18.71 -1.76 -16.75
C GLY A 43 -19.05 -2.98 -17.61
N THR A 44 -20.04 -2.78 -18.47
CA THR A 44 -20.58 -3.86 -19.28
C THR A 44 -20.59 -3.46 -20.75
N ALA A 45 -20.19 -4.39 -21.60
CA ALA A 45 -20.28 -4.27 -23.04
C ALA A 45 -21.32 -5.29 -23.51
N ALA A 46 -22.46 -4.81 -23.97
CA ALA A 46 -23.52 -5.67 -24.50
C ALA A 46 -23.38 -5.71 -26.02
N LEU A 47 -22.95 -6.84 -26.54
CA LEU A 47 -22.74 -7.04 -27.97
C LEU A 47 -23.91 -7.80 -28.56
N THR A 48 -24.59 -7.19 -29.52
CA THR A 48 -25.58 -7.89 -30.34
C THR A 48 -24.85 -8.55 -31.49
N VAL A 49 -24.84 -9.88 -31.50
CA VAL A 49 -24.06 -10.65 -32.47
C VAL A 49 -25.01 -11.51 -33.30
N GLN A 50 -24.74 -11.56 -34.61
CA GLN A 50 -25.52 -12.35 -35.54
C GLN A 50 -24.66 -13.43 -36.16
N SER A 51 -25.12 -14.68 -36.06
CA SER A 51 -24.40 -15.79 -36.67
C SER A 51 -24.49 -15.74 -38.18
N GLN A 52 -23.38 -16.04 -38.84
CA GLN A 52 -23.35 -16.19 -40.29
C GLN A 52 -23.30 -17.66 -40.72
N GLU A 53 -23.44 -18.58 -39.78
CA GLU A 53 -23.35 -20.00 -40.11
C GLU A 53 -24.28 -20.81 -39.22
N ASP A 54 -24.63 -21.99 -39.71
CA ASP A 54 -25.44 -22.91 -38.91
C ASP A 54 -24.57 -23.60 -37.87
N ASN A 55 -25.21 -24.00 -36.77
CA ASN A 55 -24.55 -24.77 -35.73
C ASN A 55 -23.37 -23.99 -35.13
N LEU A 56 -23.52 -22.68 -35.03
CA LEU A 56 -22.53 -21.88 -34.33
C LEU A 56 -22.70 -22.08 -32.82
N ARG A 57 -21.68 -22.64 -32.18
CA ARG A 57 -21.75 -22.99 -30.77
C ARG A 57 -20.74 -22.25 -29.92
N SER A 58 -19.82 -21.49 -30.51
CA SER A 58 -18.91 -20.66 -29.74
C SER A 58 -18.37 -19.57 -30.65
N LEU A 59 -17.82 -18.53 -30.03
CA LEU A 59 -17.18 -17.47 -30.78
C LEU A 59 -16.06 -16.87 -29.95
N VAL A 60 -15.19 -16.15 -30.64
CA VAL A 60 -13.98 -15.59 -30.04
C VAL A 60 -13.99 -14.08 -30.25
N LEU A 61 -13.63 -13.35 -29.20
CA LEU A 61 -13.51 -11.91 -29.25
C LEU A 61 -12.06 -11.51 -28.96
N ASP A 62 -11.70 -10.31 -29.40
CA ASP A 62 -10.40 -9.72 -29.04
C ASP A 62 -10.46 -9.07 -27.67
N THR A 63 -9.37 -9.21 -26.91
CA THR A 63 -9.19 -8.48 -25.67
C THR A 63 -7.71 -8.19 -25.51
N LYS A 64 -7.40 -7.19 -24.67
CA LYS A 64 -6.01 -6.90 -24.34
C LYS A 64 -5.97 -6.28 -22.95
N ASP A 65 -5.41 -7.02 -21.99
CA ASP A 65 -5.23 -6.53 -20.63
C ASP A 65 -6.55 -6.13 -19.98
N LEU A 66 -7.60 -6.89 -20.29
CA LEU A 66 -8.91 -6.70 -19.69
C LEU A 66 -9.12 -7.75 -18.60
N THR A 67 -9.78 -7.33 -17.52
CA THR A 67 -10.26 -8.25 -16.49
C THR A 67 -11.73 -8.53 -16.77
N ILE A 68 -12.06 -9.80 -16.98
CA ILE A 68 -13.43 -10.23 -17.28
C ILE A 68 -14.02 -10.81 -16.01
N GLU A 69 -15.13 -10.24 -15.55
CA GLU A 69 -15.82 -10.72 -14.36
C GLU A 69 -16.80 -11.84 -14.67
N LYS A 70 -17.60 -11.66 -15.73
CA LYS A 70 -18.62 -12.64 -16.10
C LYS A 70 -19.15 -12.29 -17.48
N VAL A 71 -19.75 -13.28 -18.12
CA VAL A 71 -20.39 -13.15 -19.43
C VAL A 71 -21.81 -13.66 -19.29
N VAL A 72 -22.79 -12.85 -19.70
CA VAL A 72 -24.20 -13.15 -19.47
C VAL A 72 -24.92 -13.18 -20.81
N ILE A 73 -25.72 -14.23 -21.02
CA ILE A 73 -26.62 -14.35 -22.16
C ILE A 73 -27.98 -14.78 -21.64
N ASN A 74 -29.02 -14.05 -22.02
CA ASN A 74 -30.38 -14.36 -21.60
C ASN A 74 -30.46 -14.50 -20.08
N GLY A 75 -29.82 -13.58 -19.37
CA GLY A 75 -29.92 -13.53 -17.92
C GLY A 75 -29.17 -14.61 -17.16
N GLN A 76 -28.34 -15.42 -17.82
CA GLN A 76 -27.59 -16.48 -17.16
C GLN A 76 -26.12 -16.38 -17.55
N GLU A 77 -25.24 -16.61 -16.57
CA GLU A 77 -23.81 -16.64 -16.85
C GLU A 77 -23.47 -17.81 -17.77
N VAL A 78 -22.50 -17.60 -18.64
CA VAL A 78 -22.08 -18.60 -19.61
C VAL A 78 -20.60 -18.86 -19.42
N LYS A 79 -20.15 -19.99 -19.96
CA LYS A 79 -18.75 -20.34 -19.89
C LYS A 79 -17.95 -19.56 -20.93
N TYR A 80 -16.76 -19.13 -20.53
CA TYR A 80 -15.86 -18.44 -21.43
C TYR A 80 -14.44 -18.75 -20.99
N ALA A 81 -13.49 -18.49 -21.87
CA ALA A 81 -12.09 -18.75 -21.58
C ALA A 81 -11.22 -17.64 -22.16
N LEU A 82 -10.39 -17.03 -21.33
CA LEU A 82 -9.35 -16.15 -21.82
C LEU A 82 -8.13 -16.97 -22.22
N GLY A 83 -7.60 -16.71 -23.41
CA GLY A 83 -6.54 -17.51 -23.96
C GLY A 83 -5.16 -16.94 -23.70
N GLU A 84 -4.16 -17.66 -24.16
CA GLU A 84 -2.78 -17.22 -24.04
C GLU A 84 -2.58 -15.92 -24.80
N ARG A 85 -1.78 -15.03 -24.23
CA ARG A 85 -1.49 -13.76 -24.87
C ARG A 85 -0.64 -13.96 -26.13
N GLN A 86 -0.93 -13.16 -27.16
CA GLN A 86 -0.15 -13.15 -28.39
C GLN A 86 0.40 -11.74 -28.58
N SER A 87 1.34 -11.36 -27.69
CA SER A 87 1.97 -10.06 -27.65
C SER A 87 1.00 -8.92 -27.97
N TYR A 88 1.30 -8.13 -29.01
CA TYR A 88 0.53 -6.91 -29.28
C TYR A 88 -0.91 -7.21 -29.69
N LYS A 89 -1.23 -8.44 -30.08
CA LYS A 89 -2.60 -8.77 -30.43
C LYS A 89 -3.49 -8.99 -29.21
N GLY A 90 -2.89 -9.26 -28.05
CA GLY A 90 -3.65 -9.46 -26.83
C GLY A 90 -4.03 -10.90 -26.60
N SER A 91 -5.16 -11.13 -25.94
CA SER A 91 -5.61 -12.46 -25.59
C SER A 91 -6.97 -12.74 -26.22
N PRO A 92 -7.16 -13.88 -26.86
CA PRO A 92 -8.50 -14.23 -27.36
C PRO A 92 -9.42 -14.64 -26.21
N MET A 93 -10.70 -14.32 -26.37
CA MET A 93 -11.72 -14.64 -25.37
C MET A 93 -12.78 -15.50 -26.05
N GLU A 94 -12.83 -16.78 -25.70
CA GLU A 94 -13.78 -17.71 -26.31
C GLU A 94 -15.01 -17.84 -25.41
N ILE A 95 -16.18 -17.61 -25.99
CA ILE A 95 -17.45 -17.67 -25.27
C ILE A 95 -18.24 -18.87 -25.79
N SER A 96 -18.66 -19.74 -24.87
CA SER A 96 -19.48 -20.91 -25.19
C SER A 96 -20.95 -20.51 -25.15
N LEU A 97 -21.63 -20.66 -26.28
CA LEU A 97 -23.01 -20.20 -26.34
C LEU A 97 -23.94 -21.25 -25.71
N PRO A 98 -25.00 -20.83 -25.01
CA PRO A 98 -25.87 -21.82 -24.36
C PRO A 98 -26.49 -22.81 -25.33
N ILE A 99 -26.93 -22.34 -26.50
CA ILE A 99 -27.50 -23.19 -27.53
C ILE A 99 -26.90 -22.78 -28.87
N ALA A 100 -26.81 -23.76 -29.78
CA ALA A 100 -26.27 -23.47 -31.10
C ALA A 100 -27.15 -22.45 -31.84
N LEU A 101 -26.49 -21.58 -32.59
CA LEU A 101 -27.18 -20.60 -33.42
C LEU A 101 -27.21 -21.08 -34.86
N SER A 102 -28.32 -20.83 -35.54
CA SER A 102 -28.43 -21.06 -36.97
C SER A 102 -28.16 -19.75 -37.70
N LYS A 103 -28.00 -19.85 -39.02
CA LYS A 103 -27.65 -18.68 -39.81
C LYS A 103 -28.69 -17.58 -39.61
N ASN A 104 -28.20 -16.36 -39.34
CA ASN A 104 -28.95 -15.12 -39.19
C ASN A 104 -29.54 -14.94 -37.80
N GLN A 105 -29.44 -15.91 -36.90
CA GLN A 105 -29.96 -15.72 -35.55
C GLN A 105 -29.05 -14.79 -34.77
N GLU A 106 -29.67 -13.99 -33.90
CA GLU A 106 -28.97 -12.98 -33.13
C GLU A 106 -29.08 -13.26 -31.64
N ILE A 107 -28.02 -12.93 -30.92
CA ILE A 107 -27.99 -13.00 -29.46
C ILE A 107 -27.33 -11.74 -28.94
N VAL A 108 -27.67 -11.35 -27.72
CA VAL A 108 -27.02 -10.27 -27.02
C VAL A 108 -26.16 -10.86 -25.93
N ILE A 109 -24.87 -10.52 -25.94
CA ILE A 109 -23.90 -11.02 -24.99
C ILE A 109 -23.46 -9.84 -24.12
N GLU A 110 -23.67 -9.93 -22.81
CA GLU A 110 -23.30 -8.86 -21.90
C GLU A 110 -22.07 -9.28 -21.11
N ILE A 111 -20.97 -8.55 -21.30
CA ILE A 111 -19.67 -8.89 -20.73
C ILE A 111 -19.32 -7.82 -19.71
N SER A 112 -19.07 -8.24 -18.47
CA SER A 112 -18.61 -7.35 -17.42
C SER A 112 -17.10 -7.34 -17.43
N PHE A 113 -16.51 -6.15 -17.55
CA PHE A 113 -15.09 -6.03 -17.81
C PHE A 113 -14.53 -4.84 -17.05
N GLU A 114 -13.20 -4.79 -17.00
CA GLU A 114 -12.46 -3.68 -16.42
C GLU A 114 -11.12 -3.57 -17.14
N THR A 115 -10.71 -2.33 -17.41
CA THR A 115 -9.48 -2.11 -18.15
C THR A 115 -8.27 -2.10 -17.22
N SER A 116 -7.14 -2.31 -17.79
CA SER A 116 -5.91 -2.14 -17.02
C SER A 116 -5.46 -0.68 -17.07
N PRO A 117 -4.85 -0.17 -16.00
CA PRO A 117 -4.24 1.17 -16.08
C PRO A 117 -3.25 1.30 -17.22
N LYS A 118 -2.65 0.19 -17.65
CA LYS A 118 -1.68 0.17 -18.74
CA LYS A 118 -1.68 0.19 -18.73
C LYS A 118 -2.33 0.03 -20.11
N SER A 119 -3.65 0.14 -20.20
CA SER A 119 -4.33 -0.02 -21.48
C SER A 119 -3.62 0.79 -22.56
N SER A 120 -3.23 0.12 -23.64
CA SER A 120 -2.56 0.82 -24.74
C SER A 120 -3.50 1.77 -25.47
N ALA A 121 -4.81 1.67 -25.23
CA ALA A 121 -5.77 2.57 -25.86
C ALA A 121 -5.93 3.88 -25.12
N LEU A 122 -5.45 3.99 -23.88
CA LEU A 122 -5.81 5.09 -23.01
C LEU A 122 -4.56 5.79 -22.49
N GLN A 123 -4.65 7.11 -22.34
CA GLN A 123 -3.72 7.84 -21.50
C GLN A 123 -4.50 8.54 -20.40
N TRP A 124 -4.08 8.29 -19.16
CA TRP A 124 -4.61 8.94 -17.98
C TRP A 124 -3.66 10.07 -17.58
N LEU A 125 -4.21 11.26 -17.42
CA LEU A 125 -3.41 12.43 -17.08
C LEU A 125 -3.73 12.90 -15.67
N THR A 126 -2.69 13.17 -14.89
CA THR A 126 -2.87 13.79 -13.60
C THR A 126 -3.28 15.25 -13.79
N PRO A 127 -3.80 15.88 -12.74
CA PRO A 127 -4.09 17.32 -12.85
C PRO A 127 -2.91 18.13 -13.34
N GLU A 128 -1.70 17.82 -12.88
CA GLU A 128 -0.52 18.59 -13.28
C GLU A 128 -0.26 18.50 -14.77
N GLN A 129 -0.71 17.44 -15.42
CA GLN A 129 -0.46 17.26 -16.85
C GLN A 129 -1.47 18.01 -17.72
N THR A 130 -2.49 18.64 -17.14
CA THR A 130 -3.49 19.36 -17.91
C THR A 130 -3.17 20.85 -17.91
N SER A 131 -3.92 21.61 -18.72
CA SER A 131 -3.74 23.07 -18.74
C SER A 131 -4.25 23.71 -17.45
N GLY A 132 -5.41 23.27 -16.97
CA GLY A 132 -6.03 23.90 -15.82
C GLY A 132 -5.42 23.52 -14.48
N LYS A 133 -4.75 22.37 -14.40
CA LYS A 133 -4.02 21.93 -13.22
C LYS A 133 -4.92 21.47 -12.09
N GLU A 134 -6.23 21.57 -12.24
CA GLU A 134 -7.15 21.24 -11.17
C GLU A 134 -7.80 19.87 -11.32
N HIS A 135 -7.93 19.36 -12.54
CA HIS A 135 -8.70 18.15 -12.78
C HIS A 135 -7.92 17.15 -13.61
N PRO A 136 -8.20 15.86 -13.47
CA PRO A 136 -7.55 14.85 -14.30
C PRO A 136 -8.22 14.79 -15.68
N TYR A 137 -7.65 13.95 -16.54
CA TYR A 137 -8.05 13.93 -17.94
C TYR A 137 -7.79 12.53 -18.50
N LEU A 138 -8.71 12.06 -19.34
CA LEU A 138 -8.60 10.77 -20.00
C LEU A 138 -8.95 10.93 -21.47
N PHE A 139 -8.18 10.29 -22.34
CA PHE A 139 -8.61 10.18 -23.74
C PHE A 139 -8.17 8.83 -24.30
N SER A 140 -8.95 8.34 -25.26
CA SER A 140 -8.67 7.10 -25.94
C SER A 140 -8.11 7.35 -27.33
N GLN A 141 -7.50 6.29 -27.88
CA GLN A 141 -7.01 6.29 -29.26
C GLN A 141 -7.00 4.83 -29.70
N CYS A 142 -8.05 4.41 -30.40
CA CYS A 142 -8.23 2.99 -30.72
C CYS A 142 -7.56 2.55 -32.01
N GLN A 143 -7.33 3.45 -32.96
CA GLN A 143 -6.76 3.01 -34.23
C GLN A 143 -5.27 2.64 -34.02
N ALA A 144 -4.82 1.48 -34.51
CA ALA A 144 -5.59 0.55 -35.33
C ALA A 144 -6.34 -0.51 -34.51
N ILE A 145 -5.66 -1.18 -33.58
CA ILE A 145 -6.22 -2.34 -32.90
C ILE A 145 -6.13 -2.20 -31.39
N HIS A 146 -6.51 -1.04 -30.86
CA HIS A 146 -6.49 -0.81 -29.41
C HIS A 146 -7.87 -0.78 -28.78
N CYS A 147 -8.94 -0.82 -29.57
CA CYS A 147 -10.27 -0.92 -28.96
C CYS A 147 -10.37 -2.15 -28.06
N ARG A 148 -9.70 -3.25 -28.46
CA ARG A 148 -9.68 -4.46 -27.66
C ARG A 148 -9.02 -4.26 -26.29
N ALA A 149 -8.28 -3.17 -26.11
CA ALA A 149 -7.76 -2.82 -24.79
C ALA A 149 -8.72 -1.93 -23.99
N ILE A 150 -9.89 -1.62 -24.54
CA ILE A 150 -10.96 -0.94 -23.81
C ILE A 150 -12.08 -1.91 -23.46
N LEU A 151 -12.52 -2.71 -24.42
CA LEU A 151 -13.65 -3.60 -24.22
C LEU A 151 -13.55 -4.77 -25.19
N PRO A 152 -14.14 -5.92 -24.85
CA PRO A 152 -14.10 -7.06 -25.78
C PRO A 152 -14.93 -6.78 -27.01
N CYS A 153 -14.41 -7.21 -28.16
CA CYS A 153 -15.02 -6.89 -29.45
C CYS A 153 -14.32 -7.70 -30.53
N GLN A 154 -14.98 -7.78 -31.69
CA GLN A 154 -14.29 -8.22 -32.91
C GLN A 154 -13.48 -7.01 -33.39
N ASP A 155 -12.22 -6.95 -32.99
CA ASP A 155 -11.41 -5.75 -33.21
C ASP A 155 -10.82 -5.80 -34.62
N THR A 156 -11.71 -5.63 -35.60
CA THR A 156 -11.39 -5.77 -37.00
C THR A 156 -12.25 -4.77 -37.74
N PRO A 157 -11.69 -3.97 -38.65
CA PRO A 157 -12.50 -3.03 -39.43
C PRO A 157 -13.44 -3.68 -40.42
N SER A 158 -13.40 -5.02 -40.56
CA SER A 158 -14.31 -5.73 -41.44
C SER A 158 -15.74 -5.77 -40.90
N VAL A 159 -15.93 -5.41 -39.64
CA VAL A 159 -17.23 -5.47 -38.96
C VAL A 159 -17.64 -4.05 -38.60
N LYS A 160 -18.89 -3.71 -38.89
CA LYS A 160 -19.42 -2.39 -38.61
C LYS A 160 -20.66 -2.49 -37.73
N LEU A 161 -20.69 -1.73 -36.66
CA LEU A 161 -21.73 -1.78 -35.65
C LEU A 161 -22.18 -0.38 -35.28
N THR A 162 -23.45 -0.26 -34.90
CA THR A 162 -23.92 0.92 -34.21
C THR A 162 -23.59 0.82 -32.72
N TYR A 163 -23.68 1.93 -32.00
CA TYR A 163 -23.49 1.83 -30.57
C TYR A 163 -24.23 2.93 -29.82
N THR A 164 -24.54 2.60 -28.57
CA THR A 164 -25.07 3.53 -27.59
C THR A 164 -24.19 3.40 -26.35
N ALA A 165 -24.08 4.46 -25.56
CA ALA A 165 -23.23 4.39 -24.39
C ALA A 165 -23.77 5.24 -23.25
N GLU A 166 -23.47 4.80 -22.03
CA GLU A 166 -23.74 5.54 -20.81
C GLU A 166 -22.46 5.54 -19.99
N VAL A 167 -21.91 6.73 -19.75
CA VAL A 167 -20.60 6.85 -19.10
C VAL A 167 -20.77 7.68 -17.84
N SER A 168 -20.41 7.08 -16.70
CA SER A 168 -20.46 7.77 -15.42
C SER A 168 -19.08 8.34 -15.11
N VAL A 169 -19.04 9.62 -14.74
CA VAL A 169 -17.79 10.33 -14.50
C VAL A 169 -17.98 11.24 -13.29
N PRO A 170 -16.88 11.63 -12.64
CA PRO A 170 -16.99 12.71 -11.64
C PRO A 170 -17.77 13.88 -12.19
N LYS A 171 -18.69 14.39 -11.38
CA LYS A 171 -19.68 15.34 -11.88
C LYS A 171 -19.06 16.66 -12.33
N GLU A 172 -17.85 16.96 -11.87
CA GLU A 172 -17.16 18.17 -12.29
C GLU A 172 -16.53 18.04 -13.68
N LEU A 173 -16.60 16.87 -14.30
CA LEU A 173 -15.97 16.63 -15.60
C LEU A 173 -17.02 16.38 -16.67
N VAL A 174 -16.57 16.47 -17.92
CA VAL A 174 -17.41 16.29 -19.10
C VAL A 174 -16.90 15.08 -19.87
N ALA A 175 -17.82 14.26 -20.37
CA ALA A 175 -17.48 13.15 -21.24
C ALA A 175 -18.00 13.42 -22.64
N LEU A 176 -17.21 13.04 -23.64
CA LEU A 176 -17.61 13.10 -25.04
C LEU A 176 -17.19 11.80 -25.71
N MET A 177 -17.94 11.39 -26.73
CA MET A 177 -17.59 10.19 -27.49
C MET A 177 -17.79 10.44 -28.98
N SER A 178 -17.40 9.45 -29.77
CA SER A 178 -17.56 9.48 -31.22
C SER A 178 -19.01 9.18 -31.60
N ALA A 179 -19.89 10.09 -31.19
CA ALA A 179 -21.33 9.83 -31.27
C ALA A 179 -22.08 11.13 -30.98
N ILE A 180 -23.38 11.08 -31.21
CA ILE A 180 -24.24 12.22 -30.91
C ILE A 180 -24.51 12.24 -29.41
N ARG A 181 -24.34 13.41 -28.80
CA ARG A 181 -24.66 13.56 -27.39
C ARG A 181 -26.14 13.36 -27.18
N ASP A 182 -26.47 12.54 -26.19
CA ASP A 182 -27.85 12.08 -25.97
C ASP A 182 -28.30 12.39 -24.55
N GLY A 183 -27.83 13.49 -23.99
CA GLY A 183 -28.29 13.96 -22.69
C GLY A 183 -27.31 13.61 -21.58
N GLU A 184 -27.60 14.18 -20.41
CA GLU A 184 -26.83 13.96 -19.21
C GLU A 184 -27.78 13.93 -18.03
N THR A 185 -27.29 13.41 -16.91
CA THR A 185 -28.10 13.29 -15.71
C THR A 185 -27.21 12.98 -14.53
N PRO A 186 -27.58 13.37 -13.30
CA PRO A 186 -26.81 12.93 -12.14
C PRO A 186 -26.84 11.42 -12.02
N ASP A 187 -25.78 10.86 -11.48
CA ASP A 187 -25.69 9.41 -11.32
C ASP A 187 -26.60 8.98 -10.18
N PRO A 188 -27.65 8.20 -10.43
CA PRO A 188 -28.58 7.85 -9.34
C PRO A 188 -27.93 7.01 -8.24
N GLU A 189 -26.77 6.41 -8.50
CA GLU A 189 -26.10 5.57 -7.52
C GLU A 189 -24.92 6.25 -6.84
N ASP A 190 -24.56 7.45 -7.26
CA ASP A 190 -23.42 8.16 -6.69
C ASP A 190 -23.56 9.65 -6.95
N PRO A 191 -24.00 10.45 -5.97
CA PRO A 191 -24.25 11.88 -6.23
C PRO A 191 -23.01 12.67 -6.61
N SER A 192 -21.81 12.13 -6.43
CA SER A 192 -20.59 12.81 -6.86
C SER A 192 -20.27 12.55 -8.33
N ARG A 193 -21.17 11.92 -9.08
CA ARG A 193 -20.90 11.52 -10.45
C ARG A 193 -22.06 11.92 -11.34
N LYS A 194 -21.75 11.97 -12.63
CA LYS A 194 -22.71 12.32 -13.66
C LYS A 194 -22.64 11.26 -14.75
N ILE A 195 -23.77 11.03 -15.41
CA ILE A 195 -23.87 10.06 -16.49
C ILE A 195 -24.10 10.81 -17.79
N TYR A 196 -23.23 10.61 -18.76
CA TYR A 196 -23.43 11.15 -20.11
C TYR A 196 -23.86 10.02 -21.05
N LYS A 197 -24.82 10.32 -21.92
CA LYS A 197 -25.33 9.34 -22.87
C LYS A 197 -24.96 9.75 -24.29
N PHE A 198 -24.79 8.75 -25.15
CA PHE A 198 -24.36 8.94 -26.53
C PHE A 198 -25.05 7.91 -27.41
N ILE A 199 -25.24 8.26 -28.67
CA ILE A 199 -25.83 7.36 -29.66
C ILE A 199 -25.13 7.57 -30.99
N GLN A 200 -24.68 6.46 -31.58
CA GLN A 200 -24.06 6.44 -32.90
C GLN A 200 -24.93 5.56 -33.79
N LYS A 201 -25.74 6.18 -34.65
CA LYS A 201 -26.66 5.46 -35.50
C LYS A 201 -26.06 5.00 -36.82
N VAL A 202 -24.86 5.46 -37.16
CA VAL A 202 -24.19 5.05 -38.39
C VAL A 202 -23.27 3.89 -38.02
N PRO A 203 -23.38 2.74 -38.69
CA PRO A 203 -22.49 1.62 -38.35
C PRO A 203 -21.04 2.01 -38.57
N ILE A 204 -20.20 1.72 -37.58
CA ILE A 204 -18.77 2.06 -37.66
C ILE A 204 -17.91 0.84 -37.35
N PRO A 205 -16.71 0.75 -37.91
CA PRO A 205 -15.72 -0.17 -37.37
C PRO A 205 -15.34 0.26 -35.96
N CYS A 206 -14.95 -0.70 -35.12
CA CYS A 206 -14.76 -0.37 -33.71
C CYS A 206 -13.51 0.48 -33.46
N TYR A 207 -12.57 0.57 -34.39
CA TYR A 207 -11.44 1.47 -34.13
C TYR A 207 -11.90 2.92 -34.05
N LEU A 208 -13.12 3.23 -34.48
CA LEU A 208 -13.65 4.58 -34.40
C LEU A 208 -14.40 4.87 -33.11
N ILE A 209 -14.46 3.92 -32.18
CA ILE A 209 -14.98 4.22 -30.85
C ILE A 209 -13.99 5.12 -30.11
N ALA A 210 -14.48 6.18 -29.48
CA ALA A 210 -13.58 7.12 -28.83
C ALA A 210 -14.25 7.71 -27.60
N LEU A 211 -13.43 8.01 -26.60
CA LEU A 211 -13.89 8.57 -25.34
C LEU A 211 -12.89 9.60 -24.86
N VAL A 212 -13.40 10.75 -24.38
CA VAL A 212 -12.62 11.72 -23.63
C VAL A 212 -13.41 12.10 -22.40
N VAL A 213 -12.71 12.28 -21.27
CA VAL A 213 -13.30 12.81 -20.06
C VAL A 213 -12.33 13.83 -19.47
N GLY A 214 -12.83 15.03 -19.18
CA GLY A 214 -12.02 16.06 -18.57
C GLY A 214 -12.79 17.35 -18.36
N ALA A 215 -12.08 18.37 -17.89
CA ALA A 215 -12.67 19.69 -17.66
C ALA A 215 -12.74 20.43 -18.99
N LEU A 216 -13.78 20.11 -19.77
CA LEU A 216 -13.94 20.57 -21.14
C LEU A 216 -14.96 21.70 -21.26
N GLU A 217 -14.66 22.65 -22.15
CA GLU A 217 -15.58 23.72 -22.52
C GLU A 217 -15.64 23.81 -24.03
N SER A 218 -16.65 24.51 -24.54
CA SER A 218 -16.92 24.51 -25.96
C SER A 218 -17.16 25.92 -26.48
N ARG A 219 -16.90 26.09 -27.78
CA ARG A 219 -17.22 27.30 -28.52
C ARG A 219 -17.79 26.87 -29.86
N GLN A 220 -18.92 27.44 -30.25
CA GLN A 220 -19.52 27.09 -31.53
C GLN A 220 -18.88 27.90 -32.65
N ILE A 221 -18.40 27.21 -33.68
CA ILE A 221 -17.76 27.85 -34.82
C ILE A 221 -18.44 27.52 -36.13
N GLY A 222 -19.54 26.78 -36.11
CA GLY A 222 -20.33 26.53 -37.29
C GLY A 222 -21.65 25.90 -36.91
N PRO A 223 -22.59 25.83 -37.86
CA PRO A 223 -23.93 25.34 -37.53
C PRO A 223 -23.94 23.92 -37.00
N ARG A 224 -22.91 23.13 -37.27
CA ARG A 224 -22.83 21.75 -36.82
C ARG A 224 -21.48 21.44 -36.19
N THR A 225 -20.77 22.46 -35.70
CA THR A 225 -19.42 22.29 -35.19
C THR A 225 -19.24 23.08 -33.90
N LEU A 226 -18.98 22.36 -32.82
CA LEU A 226 -18.41 22.91 -31.60
C LEU A 226 -16.95 22.51 -31.52
N VAL A 227 -16.10 23.41 -31.04
CA VAL A 227 -14.72 23.09 -30.72
CA VAL A 227 -14.70 23.12 -30.72
C VAL A 227 -14.61 22.97 -29.21
N TRP A 228 -14.03 21.85 -28.76
CA TRP A 228 -13.93 21.51 -27.35
C TRP A 228 -12.48 21.49 -26.90
N SER A 229 -12.22 22.01 -25.71
CA SER A 229 -10.92 21.84 -25.08
C SER A 229 -11.05 22.34 -23.63
N GLU A 230 -9.93 22.32 -22.91
CA GLU A 230 -9.87 23.03 -21.65
C GLU A 230 -10.00 24.53 -21.91
N LYS A 231 -10.49 25.25 -20.89
CA LYS A 231 -10.82 26.66 -21.08
C LYS A 231 -9.62 27.46 -21.58
N GLU A 232 -8.41 27.06 -21.21
CA GLU A 232 -7.23 27.81 -21.62
C GLU A 232 -7.06 27.83 -23.13
N GLN A 233 -7.51 26.79 -23.84
CA GLN A 233 -7.29 26.66 -25.27
C GLN A 233 -8.53 26.91 -26.12
N VAL A 234 -9.71 27.07 -25.52
CA VAL A 234 -10.94 26.92 -26.32
C VAL A 234 -11.08 28.05 -27.32
N GLU A 235 -10.82 29.30 -26.92
CA GLU A 235 -10.99 30.42 -27.84
C GLU A 235 -9.89 30.44 -28.90
N LYS A 236 -8.66 30.15 -28.51
CA LYS A 236 -7.58 30.09 -29.49
C LYS A 236 -7.84 29.00 -30.54
N SER A 237 -8.45 27.91 -30.12
CA SER A 237 -8.77 26.82 -31.05
C SER A 237 -9.94 27.22 -31.95
N ALA A 238 -10.94 27.92 -31.39
CA ALA A 238 -12.06 28.39 -32.20
C ALA A 238 -11.58 29.31 -33.31
N TYR A 239 -10.57 30.14 -33.02
CA TYR A 239 -9.97 30.96 -34.06
C TYR A 239 -9.19 30.12 -35.05
N GLU A 240 -8.33 29.24 -34.55
CA GLU A 240 -7.41 28.51 -35.43
C GLU A 240 -8.18 27.71 -36.48
N PHE A 241 -9.34 27.17 -36.11
CA PHE A 241 -10.07 26.23 -36.95
C PHE A 241 -11.35 26.83 -37.53
N SER A 242 -11.38 28.16 -37.69
CA SER A 242 -12.57 28.85 -38.16
C SER A 242 -13.00 28.40 -39.55
N GLU A 243 -12.09 27.82 -40.34
CA GLU A 243 -12.39 27.39 -41.70
C GLU A 243 -13.13 26.05 -41.76
N THR A 244 -13.41 25.42 -40.62
CA THR A 244 -13.96 24.07 -40.60
C THR A 244 -15.24 23.95 -41.44
N GLU A 245 -16.22 24.83 -41.21
CA GLU A 245 -17.49 24.69 -41.91
C GLU A 245 -17.31 24.83 -43.41
N SER A 246 -16.46 25.78 -43.84
CA SER A 246 -16.24 25.95 -45.27
C SER A 246 -15.60 24.70 -45.87
N MET A 247 -14.77 24.03 -45.09
CA MET A 247 -14.16 22.79 -45.56
C MET A 247 -15.19 21.67 -45.61
N LEU A 248 -16.08 21.61 -44.62
CA LEU A 248 -17.16 20.63 -44.63
C LEU A 248 -18.03 20.78 -45.87
N LYS A 249 -18.37 22.02 -46.22
CA LYS A 249 -19.19 22.25 -47.40
C LYS A 249 -18.50 21.78 -48.67
N ILE A 250 -17.20 22.07 -48.82
CA ILE A 250 -16.45 21.59 -49.97
C ILE A 250 -16.42 20.07 -49.98
N ALA A 251 -16.12 19.48 -48.83
CA ALA A 251 -16.05 18.02 -48.76
C ALA A 251 -17.37 17.39 -49.14
N GLU A 252 -18.50 18.00 -48.76
CA GLU A 252 -19.81 17.47 -49.13
C GLU A 252 -20.04 17.57 -50.64
N ASP A 253 -19.60 18.65 -51.26
CA ASP A 253 -19.71 18.73 -52.71
C ASP A 253 -18.89 17.65 -53.38
N LEU A 254 -17.72 17.32 -52.83
CA LEU A 254 -16.83 16.35 -53.44
C LEU A 254 -17.23 14.91 -53.14
N GLY A 255 -17.70 14.64 -51.92
CA GLY A 255 -17.88 13.26 -51.50
C GLY A 255 -19.32 12.83 -51.37
N GLY A 256 -20.26 13.76 -51.49
CA GLY A 256 -21.64 13.48 -51.19
C GLY A 256 -21.99 13.88 -49.78
N PRO A 257 -23.22 13.58 -49.35
CA PRO A 257 -23.70 14.12 -48.07
C PRO A 257 -22.87 13.66 -46.89
N TYR A 258 -22.77 14.55 -45.90
CA TYR A 258 -22.19 14.26 -44.61
C TYR A 258 -23.27 13.60 -43.76
N VAL A 259 -23.07 12.32 -43.41
CA VAL A 259 -24.12 11.51 -42.82
C VAL A 259 -24.03 11.42 -41.31
N TRP A 260 -23.08 12.12 -40.69
CA TRP A 260 -22.76 11.86 -39.28
C TRP A 260 -23.47 12.81 -38.31
N GLY A 261 -24.22 13.79 -38.83
CA GLY A 261 -24.93 14.72 -37.97
C GLY A 261 -24.08 15.89 -37.53
N GLN A 262 -23.29 15.69 -36.48
CA GLN A 262 -22.43 16.70 -35.92
C GLN A 262 -21.01 16.51 -36.44
N TYR A 263 -20.27 17.61 -36.55
CA TYR A 263 -18.82 17.53 -36.75
C TYR A 263 -18.17 18.43 -35.70
N ASP A 264 -17.96 17.88 -34.51
CA ASP A 264 -17.27 18.60 -33.46
C ASP A 264 -15.78 18.35 -33.53
N LEU A 265 -15.02 19.26 -32.92
CA LEU A 265 -13.57 19.16 -32.80
C LEU A 265 -13.17 19.17 -31.35
N LEU A 266 -12.19 18.34 -30.99
CA LEU A 266 -11.66 18.30 -29.64
C LEU A 266 -10.16 18.51 -29.72
N VAL A 267 -9.67 19.56 -29.08
CA VAL A 267 -8.24 19.83 -29.01
C VAL A 267 -7.72 19.20 -27.73
N LEU A 268 -6.90 18.18 -27.87
CA LEU A 268 -6.45 17.36 -26.76
C LEU A 268 -5.23 17.97 -26.09
N PRO A 269 -4.82 17.40 -24.96
CA PRO A 269 -3.57 17.80 -24.33
C PRO A 269 -2.39 17.51 -25.26
N PRO A 270 -1.22 18.06 -24.96
CA PRO A 270 -0.09 17.96 -25.92
C PRO A 270 0.41 16.55 -26.18
N SER A 271 0.11 15.58 -25.30
CA SER A 271 0.58 14.21 -25.47
C SER A 271 -0.21 13.41 -26.51
N PHE A 272 -1.23 13.98 -27.14
CA PHE A 272 -1.97 13.23 -28.16
C PHE A 272 -1.02 12.79 -29.26
N PRO A 273 -0.97 11.49 -29.60
CA PRO A 273 0.13 10.99 -30.45
C PRO A 273 0.05 11.35 -31.93
N TYR A 274 -1.07 11.85 -32.42
CA TYR A 274 -1.25 12.09 -33.84
C TYR A 274 -1.64 13.54 -34.09
N GLY A 275 -1.53 13.95 -35.36
CA GLY A 275 -2.04 15.27 -35.73
C GLY A 275 -3.54 15.35 -35.57
N GLY A 276 -4.24 14.28 -35.95
CA GLY A 276 -5.66 14.20 -35.73
C GLY A 276 -6.13 12.76 -35.82
N MET A 277 -7.34 12.54 -35.31
CA MET A 277 -8.01 11.25 -35.42
CA MET A 277 -8.01 11.25 -35.41
C MET A 277 -9.47 11.54 -35.71
N ALA A 278 -9.97 11.03 -36.83
CA ALA A 278 -11.30 11.37 -37.33
C ALA A 278 -12.39 10.51 -36.68
N ASN A 279 -12.44 10.55 -35.37
CA ASN A 279 -13.51 9.85 -34.67
C ASN A 279 -14.85 10.44 -35.12
N PRO A 280 -15.83 9.62 -35.50
CA PRO A 280 -17.09 10.18 -36.03
C PRO A 280 -17.77 11.09 -35.03
N CYS A 281 -18.21 12.26 -35.52
CA CYS A 281 -18.87 13.30 -34.75
C CYS A 281 -17.90 14.08 -33.87
N LEU A 282 -16.66 13.60 -33.71
CA LEU A 282 -15.74 14.23 -32.75
C LEU A 282 -14.30 13.97 -33.19
N THR A 283 -13.82 14.79 -34.12
CA THR A 283 -12.43 14.71 -34.53
C THR A 283 -11.52 15.20 -33.40
N PHE A 284 -10.49 14.41 -33.10
CA PHE A 284 -9.46 14.78 -32.14
C PHE A 284 -8.30 15.43 -32.89
N VAL A 285 -7.76 16.51 -32.34
CA VAL A 285 -6.61 17.17 -32.95
C VAL A 285 -5.53 17.47 -31.91
N THR A 286 -4.28 17.47 -32.38
CA THR A 286 -3.15 17.89 -31.55
C THR A 286 -3.22 19.39 -31.30
N PRO A 287 -2.84 19.85 -30.10
CA PRO A 287 -2.72 21.31 -29.88
C PRO A 287 -1.53 21.91 -30.61
N THR A 288 -0.64 21.10 -31.18
CA THR A 288 0.43 21.66 -32.00
C THR A 288 -0.06 22.25 -33.30
N LEU A 289 -1.36 22.16 -33.60
CA LEU A 289 -1.92 22.87 -34.74
C LEU A 289 -2.18 24.34 -34.45
N LEU A 290 -2.05 24.77 -33.19
CA LEU A 290 -2.39 26.13 -32.78
C LEU A 290 -1.24 27.07 -33.17
N ALA A 291 -1.09 27.27 -34.47
CA ALA A 291 -0.01 28.12 -34.97
C ALA A 291 -0.31 29.60 -34.77
N GLY A 292 -1.57 29.98 -34.55
CA GLY A 292 -1.93 31.37 -34.42
C GLY A 292 -2.31 32.04 -35.73
N ASP A 293 -2.20 31.36 -36.87
CA ASP A 293 -2.53 31.95 -38.16
C ASP A 293 -3.32 31.01 -39.06
N LYS A 294 -3.86 29.90 -38.54
CA LYS A 294 -4.66 28.95 -39.29
C LYS A 294 -3.88 28.19 -40.35
N SER A 295 -2.55 28.24 -40.32
CA SER A 295 -1.75 27.73 -41.44
C SER A 295 -1.65 26.21 -41.49
N LEU A 296 -1.99 25.51 -40.41
CA LEU A 296 -1.94 24.05 -40.36
C LEU A 296 -3.32 23.41 -40.51
N SER A 297 -4.26 24.14 -41.11
CA SER A 297 -5.63 23.67 -41.24
C SER A 297 -5.78 22.50 -42.19
N ASN A 298 -4.75 22.15 -42.96
CA ASN A 298 -4.85 20.97 -43.82
C ASN A 298 -5.11 19.72 -42.99
N VAL A 299 -4.72 19.72 -41.72
CA VAL A 299 -5.00 18.59 -40.85
C VAL A 299 -6.51 18.46 -40.61
N ILE A 300 -7.20 19.59 -40.43
CA ILE A 300 -8.66 19.57 -40.31
C ILE A 300 -9.30 19.07 -41.61
N ALA A 301 -8.84 19.60 -42.76
CA ALA A 301 -9.34 19.11 -44.04
C ALA A 301 -9.17 17.60 -44.15
N HIS A 302 -8.05 17.08 -43.67
CA HIS A 302 -7.79 15.65 -43.73
C HIS A 302 -8.77 14.88 -42.86
N GLU A 303 -8.94 15.29 -41.60
CA GLU A 303 -9.86 14.58 -40.71
C GLU A 303 -11.30 14.69 -41.19
N ILE A 304 -11.68 15.87 -41.72
CA ILE A 304 -13.00 16.02 -42.33
C ILE A 304 -13.21 14.98 -43.43
N SER A 305 -12.20 14.80 -44.29
CA SER A 305 -12.33 13.93 -45.44
C SER A 305 -12.55 12.47 -45.02
N HIS A 306 -12.03 12.06 -43.87
CA HIS A 306 -12.29 10.71 -43.37
C HIS A 306 -13.76 10.44 -43.16
N SER A 307 -14.61 11.47 -43.02
CA SER A 307 -16.04 11.25 -42.89
C SER A 307 -16.60 10.54 -44.11
N TRP A 308 -15.83 10.51 -45.20
CA TRP A 308 -16.13 9.73 -46.39
C TRP A 308 -15.14 8.60 -46.59
N THR A 309 -13.87 8.92 -46.79
CA THR A 309 -12.85 7.92 -47.09
C THR A 309 -12.22 7.45 -45.78
N GLY A 310 -12.70 6.32 -45.27
CA GLY A 310 -12.24 5.77 -44.01
C GLY A 310 -13.37 5.38 -43.08
N ASN A 311 -14.20 6.37 -42.73
CA ASN A 311 -15.31 6.17 -41.79
C ASN A 311 -16.56 5.65 -42.47
N LEU A 312 -16.80 6.06 -43.71
CA LEU A 312 -17.94 5.61 -44.49
C LEU A 312 -17.57 4.45 -45.40
N VAL A 313 -16.50 4.60 -46.18
CA VAL A 313 -15.87 3.51 -46.90
C VAL A 313 -14.61 3.13 -46.14
N THR A 314 -14.53 1.87 -45.69
CA THR A 314 -13.53 1.47 -44.71
C THR A 314 -12.67 0.34 -45.25
N ASN A 315 -11.37 0.36 -44.90
CA ASN A 315 -10.51 -0.76 -45.27
C ASN A 315 -10.96 -2.02 -44.55
N LYS A 316 -11.08 -3.13 -45.31
CA LYS A 316 -11.54 -4.38 -44.73
C LYS A 316 -10.55 -4.96 -43.73
N THR A 317 -9.27 -4.78 -43.99
CA THR A 317 -8.22 -5.07 -43.03
C THR A 317 -7.15 -3.99 -43.14
N TRP A 318 -6.24 -3.97 -42.17
CA TRP A 318 -5.20 -2.95 -42.15
C TRP A 318 -4.13 -3.16 -43.21
N ASP A 319 -4.09 -4.33 -43.86
CA ASP A 319 -3.23 -4.47 -45.03
C ASP A 319 -3.61 -3.49 -46.12
N HIS A 320 -4.86 -3.01 -46.12
CA HIS A 320 -5.37 -2.10 -47.14
C HIS A 320 -5.57 -0.69 -46.61
N PHE A 321 -4.82 -0.35 -45.57
CA PHE A 321 -4.88 0.96 -44.95
C PHE A 321 -4.78 2.09 -45.96
N TRP A 322 -4.06 1.88 -47.06
CA TRP A 322 -3.86 2.95 -48.05
C TRP A 322 -5.18 3.40 -48.65
N LEU A 323 -6.17 2.51 -48.74
CA LEU A 323 -7.49 2.95 -49.20
C LEU A 323 -8.02 4.08 -48.32
N ASN A 324 -7.89 3.93 -47.00
CA ASN A 324 -8.30 4.97 -46.07
C ASN A 324 -7.48 6.25 -46.27
N GLU A 325 -6.16 6.12 -46.23
CA GLU A 325 -5.33 7.31 -46.13
C GLU A 325 -5.01 7.92 -47.48
N GLY A 326 -4.79 7.09 -48.50
CA GLY A 326 -4.51 7.65 -49.82
C GLY A 326 -5.64 8.52 -50.34
N HIS A 327 -6.87 8.02 -50.27
CA HIS A 327 -8.01 8.81 -50.75
C HIS A 327 -8.27 9.99 -49.84
N THR A 328 -8.00 9.87 -48.54
CA THR A 328 -8.23 10.98 -47.64
C THR A 328 -7.26 12.12 -47.92
N VAL A 329 -5.98 11.82 -48.12
CA VAL A 329 -5.03 12.84 -48.55
C VAL A 329 -5.46 13.44 -49.89
N TYR A 330 -5.91 12.59 -50.81
CA TYR A 330 -6.36 13.10 -52.11
C TYR A 330 -7.48 14.11 -51.91
N LEU A 331 -8.45 13.79 -51.06
CA LEU A 331 -9.54 14.73 -50.76
C LEU A 331 -9.05 15.94 -50.00
N GLU A 332 -8.19 15.72 -49.00
CA GLU A 332 -7.61 16.82 -48.24
C GLU A 332 -7.05 17.88 -49.17
N ARG A 333 -6.28 17.45 -50.17
CA ARG A 333 -5.58 18.42 -51.00
C ARG A 333 -6.49 19.08 -52.02
N HIS A 334 -7.59 18.42 -52.40
CA HIS A 334 -8.61 19.10 -53.19
C HIS A 334 -9.34 20.17 -52.39
N ILE A 335 -9.65 19.90 -51.12
CA ILE A 335 -10.28 20.91 -50.27
C ILE A 335 -9.40 22.15 -50.18
N CYS A 336 -8.12 21.96 -49.86
CA CYS A 336 -7.22 23.10 -49.75
C CYS A 336 -7.00 23.77 -51.10
N GLY A 337 -7.03 23.00 -52.19
CA GLY A 337 -6.93 23.60 -53.51
C GLY A 337 -8.12 24.47 -53.85
N ARG A 338 -9.32 24.04 -53.46
N ARG A 338 -9.33 24.02 -53.49
CA ARG A 338 -10.50 24.87 -53.69
CA ARG A 338 -10.52 24.85 -53.66
C ARG A 338 -10.47 26.14 -52.85
C ARG A 338 -10.38 26.15 -52.87
N LEU A 339 -9.91 26.06 -51.63
CA LEU A 339 -9.85 27.24 -50.77
C LEU A 339 -8.73 28.19 -51.18
N PHE A 340 -7.59 27.65 -51.64
CA PHE A 340 -6.39 28.44 -51.82
C PHE A 340 -5.79 28.36 -53.20
N GLY A 341 -6.33 27.54 -54.10
CA GLY A 341 -5.89 27.57 -55.47
C GLY A 341 -5.24 26.26 -55.89
N GLU A 342 -5.34 25.95 -57.18
CA GLU A 342 -4.78 24.71 -57.71
C GLU A 342 -3.26 24.70 -57.60
N LYS A 343 -2.61 25.86 -57.72
CA LYS A 343 -1.15 25.90 -57.56
C LYS A 343 -0.75 25.49 -56.14
N PHE A 344 -1.59 25.79 -55.15
CA PHE A 344 -1.31 25.34 -53.79
C PHE A 344 -1.55 23.85 -53.62
N ARG A 345 -2.55 23.29 -54.31
CA ARG A 345 -2.72 21.84 -54.27
C ARG A 345 -1.47 21.13 -54.80
N HIS A 346 -0.94 21.61 -55.93
CA HIS A 346 0.26 21.00 -56.49
C HIS A 346 1.45 21.18 -55.57
N PHE A 347 1.57 22.35 -54.95
CA PHE A 347 2.62 22.59 -53.97
C PHE A 347 2.57 21.55 -52.84
N ASN A 348 1.38 21.36 -52.26
CA ASN A 348 1.25 20.37 -51.19
C ASN A 348 1.48 18.95 -51.72
N ALA A 349 1.02 18.67 -52.94
CA ALA A 349 1.26 17.36 -53.53
C ALA A 349 2.75 17.08 -53.67
N LEU A 350 3.50 18.07 -54.17
CA LEU A 350 4.92 17.86 -54.38
C LEU A 350 5.65 17.65 -53.06
N GLY A 351 5.31 18.44 -52.04
CA GLY A 351 5.88 18.22 -50.73
C GLY A 351 5.61 16.83 -50.21
N GLY A 352 4.40 16.32 -50.47
CA GLY A 352 4.07 14.95 -50.08
C GLY A 352 4.96 13.94 -50.75
N TRP A 353 5.30 14.17 -52.03
CA TRP A 353 6.26 13.33 -52.71
C TRP A 353 7.61 13.38 -52.01
N GLY A 354 8.02 14.57 -51.58
CA GLY A 354 9.24 14.69 -50.80
C GLY A 354 9.20 13.84 -49.55
N GLU A 355 8.08 13.87 -48.82
N GLU A 355 8.08 13.88 -48.82
CA GLU A 355 7.97 13.05 -47.62
CA GLU A 355 7.92 13.06 -47.63
C GLU A 355 7.98 11.56 -47.96
C GLU A 355 8.03 11.57 -47.98
N LEU A 356 7.41 11.17 -49.09
CA LEU A 356 7.52 9.77 -49.52
C LEU A 356 8.98 9.40 -49.76
N GLN A 357 9.72 10.25 -50.47
CA GLN A 357 11.16 10.05 -50.64
C GLN A 357 11.84 9.81 -49.30
N ASN A 358 11.60 10.69 -48.32
CA ASN A 358 12.23 10.54 -47.01
C ASN A 358 11.89 9.20 -46.38
N SER A 359 10.62 8.78 -46.47
CA SER A 359 10.19 7.54 -45.82
C SER A 359 10.83 6.32 -46.48
N VAL A 360 10.81 6.25 -47.80
CA VAL A 360 11.38 5.12 -48.52
C VAL A 360 12.89 5.05 -48.27
N LYS A 361 13.56 6.20 -48.23
CA LYS A 361 14.98 6.20 -47.92
C LYS A 361 15.25 5.65 -46.53
N THR A 362 14.43 6.06 -45.56
CA THR A 362 14.62 5.60 -44.19
C THR A 362 14.39 4.10 -44.07
N PHE A 363 13.28 3.61 -44.61
CA PHE A 363 12.99 2.18 -44.56
C PHE A 363 13.97 1.37 -45.42
N GLY A 364 14.35 1.91 -46.56
CA GLY A 364 15.08 1.16 -47.56
C GLY A 364 14.15 0.75 -48.69
N GLU A 365 14.68 0.74 -49.91
CA GLU A 365 13.83 0.56 -51.10
C GLU A 365 13.28 -0.84 -51.26
N THR A 366 13.76 -1.82 -50.50
CA THR A 366 13.20 -3.17 -50.54
C THR A 366 12.39 -3.51 -49.29
N HIS A 367 12.18 -2.54 -48.41
CA HIS A 367 11.51 -2.81 -47.15
C HIS A 367 10.03 -3.15 -47.38
N PRO A 368 9.51 -4.23 -46.78
CA PRO A 368 8.08 -4.57 -47.00
C PRO A 368 7.11 -3.49 -46.58
N PHE A 369 7.48 -2.58 -45.68
CA PHE A 369 6.58 -1.50 -45.29
C PHE A 369 6.53 -0.39 -46.33
N THR A 370 7.30 -0.47 -47.41
CA THR A 370 7.20 0.51 -48.48
C THR A 370 6.30 0.03 -49.62
N LYS A 371 5.80 -1.20 -49.55
CA LYS A 371 4.69 -1.62 -50.40
C LYS A 371 3.43 -0.83 -50.04
N LEU A 372 2.62 -0.53 -51.07
CA LEU A 372 1.35 0.13 -50.83
C LEU A 372 0.41 -0.78 -50.05
N VAL A 373 0.20 -1.98 -50.56
CA VAL A 373 -0.54 -3.04 -49.85
C VAL A 373 0.47 -3.87 -49.08
N VAL A 374 0.31 -3.94 -47.77
CA VAL A 374 1.29 -4.58 -46.91
C VAL A 374 0.70 -5.91 -46.41
N ASP A 375 1.57 -6.73 -45.84
CA ASP A 375 1.19 -7.99 -45.22
C ASP A 375 1.54 -7.88 -43.75
N LEU A 376 0.53 -7.61 -42.92
CA LEU A 376 0.75 -7.36 -41.50
C LEU A 376 0.80 -8.64 -40.65
N THR A 377 0.98 -9.81 -41.26
CA THR A 377 1.17 -11.02 -40.50
C THR A 377 2.32 -10.85 -39.51
N ASP A 378 2.03 -11.03 -38.23
CA ASP A 378 3.01 -10.94 -37.15
C ASP A 378 3.68 -9.57 -37.07
N ILE A 379 3.03 -8.52 -37.58
CA ILE A 379 3.54 -7.16 -37.51
C ILE A 379 2.57 -6.31 -36.70
N ASP A 380 3.10 -5.59 -35.73
CA ASP A 380 2.30 -4.64 -34.97
C ASP A 380 1.99 -3.43 -35.85
N PRO A 381 0.72 -3.12 -36.10
CA PRO A 381 0.41 -1.95 -36.95
C PRO A 381 1.08 -0.67 -36.50
N ASP A 382 1.24 -0.46 -35.18
CA ASP A 382 1.90 0.76 -34.71
C ASP A 382 3.34 0.82 -35.18
N VAL A 383 3.97 -0.35 -35.36
CA VAL A 383 5.37 -0.39 -35.78
C VAL A 383 5.49 -0.19 -37.28
N ALA A 384 4.52 -0.69 -38.05
CA ALA A 384 4.54 -0.53 -39.50
C ALA A 384 4.08 0.84 -39.95
N TYR A 385 3.36 1.57 -39.10
CA TYR A 385 2.77 2.84 -39.49
C TYR A 385 3.82 3.80 -40.03
N SER A 386 3.50 4.47 -41.12
CA SER A 386 4.41 5.43 -41.75
C SER A 386 3.61 6.27 -42.74
N SER A 387 4.32 7.17 -43.43
CA SER A 387 3.72 8.02 -44.46
CA SER A 387 3.69 8.00 -44.44
C SER A 387 3.58 7.31 -45.80
N VAL A 388 4.11 6.11 -45.95
CA VAL A 388 4.00 5.37 -47.21
C VAL A 388 2.54 5.26 -47.65
N PRO A 389 1.64 4.70 -46.84
CA PRO A 389 0.25 4.55 -47.34
C PRO A 389 -0.39 5.88 -47.67
N TYR A 390 -0.06 6.94 -46.93
CA TYR A 390 -0.58 8.27 -47.22
C TYR A 390 -0.10 8.77 -48.58
N GLU A 391 1.22 8.83 -48.77
CA GLU A 391 1.81 9.56 -49.89
C GLU A 391 2.05 8.68 -51.10
N LYS A 392 2.34 7.40 -50.89
CA LYS A 392 2.34 6.50 -52.04
C LYS A 392 0.92 6.28 -52.53
N GLY A 393 -0.04 6.18 -51.60
CA GLY A 393 -1.44 6.14 -51.99
C GLY A 393 -1.89 7.40 -52.71
N PHE A 394 -1.55 8.57 -52.17
CA PHE A 394 -1.86 9.80 -52.88
C PHE A 394 -1.21 9.82 -54.26
N ALA A 395 0.07 9.46 -54.33
CA ALA A 395 0.77 9.53 -55.60
C ALA A 395 0.11 8.63 -56.65
N LEU A 396 -0.37 7.45 -56.25
CA LEU A 396 -1.08 6.61 -57.21
C LEU A 396 -2.32 7.31 -57.74
N LEU A 397 -3.12 7.89 -56.84
CA LEU A 397 -4.37 8.54 -57.27
C LEU A 397 -4.10 9.79 -58.08
N PHE A 398 -3.07 10.55 -57.72
CA PHE A 398 -2.70 11.74 -58.48
C PHE A 398 -2.22 11.37 -59.88
N TYR A 399 -1.40 10.32 -59.98
CA TYR A 399 -1.00 9.78 -61.27
C TYR A 399 -2.23 9.37 -62.10
N LEU A 400 -3.15 8.62 -61.50
CA LEU A 400 -4.35 8.20 -62.23
C LEU A 400 -5.19 9.38 -62.66
N GLU A 401 -5.34 10.38 -61.78
CA GLU A 401 -6.02 11.62 -62.15
C GLU A 401 -5.49 12.18 -63.47
N GLN A 402 -4.17 12.29 -63.57
CA GLN A 402 -3.55 12.90 -64.75
C GLN A 402 -3.61 11.97 -65.94
N LEU A 403 -3.64 10.66 -65.68
CA LEU A 403 -3.73 9.68 -66.75
C LEU A 403 -5.14 9.62 -67.34
N LEU A 404 -6.15 9.82 -66.49
CA LEU A 404 -7.54 9.56 -66.87
C LEU A 404 -8.29 10.81 -67.30
N GLY A 405 -7.65 11.97 -67.35
CA GLY A 405 -8.29 13.15 -67.91
C GLY A 405 -8.42 14.34 -66.98
N GLY A 406 -7.82 14.29 -65.80
CA GLY A 406 -7.77 15.45 -64.94
C GLY A 406 -8.61 15.37 -63.69
N PRO A 407 -8.53 16.42 -62.85
CA PRO A 407 -9.19 16.36 -61.53
C PRO A 407 -10.71 16.29 -61.60
N GLU A 408 -11.33 16.97 -62.56
CA GLU A 408 -12.78 16.94 -62.65
C GLU A 408 -13.28 15.54 -62.94
N ILE A 409 -12.68 14.88 -63.93
CA ILE A 409 -13.06 13.50 -64.23
C ILE A 409 -12.81 12.60 -63.03
N PHE A 410 -11.61 12.68 -62.44
CA PHE A 410 -11.28 11.74 -61.37
C PHE A 410 -12.12 11.98 -60.12
N LEU A 411 -12.50 13.24 -59.84
CA LEU A 411 -13.40 13.48 -58.72
C LEU A 411 -14.77 12.85 -58.98
N GLY A 412 -15.17 12.72 -60.25
CA GLY A 412 -16.40 12.00 -60.55
C GLY A 412 -16.31 10.54 -60.14
N PHE A 413 -15.17 9.91 -60.40
CA PHE A 413 -14.94 8.55 -59.92
C PHE A 413 -14.97 8.49 -58.40
N LEU A 414 -14.28 9.43 -57.74
CA LEU A 414 -14.22 9.44 -56.28
C LEU A 414 -15.61 9.50 -55.66
N LYS A 415 -16.49 10.35 -56.19
CA LYS A 415 -17.82 10.46 -55.60
C LYS A 415 -18.61 9.18 -55.83
N ALA A 416 -18.49 8.57 -57.01
CA ALA A 416 -19.20 7.34 -57.30
C ALA A 416 -18.64 6.18 -56.48
N TYR A 417 -17.35 6.20 -56.21
CA TYR A 417 -16.72 5.19 -55.36
C TYR A 417 -17.26 5.24 -53.94
N VAL A 418 -17.32 6.44 -53.35
CA VAL A 418 -17.85 6.58 -52.00
C VAL A 418 -19.30 6.11 -51.95
N GLU A 419 -20.10 6.50 -52.94
CA GLU A 419 -21.51 6.08 -52.95
C GLU A 419 -21.63 4.57 -53.08
N LYS A 420 -20.80 3.97 -53.94
CA LYS A 420 -20.87 2.54 -54.17
C LYS A 420 -20.61 1.76 -52.88
N PHE A 421 -19.61 2.16 -52.10
CA PHE A 421 -19.14 1.37 -50.96
C PHE A 421 -19.46 2.01 -49.62
N SER A 422 -20.40 2.96 -49.58
CA SER A 422 -20.78 3.60 -48.32
C SER A 422 -21.28 2.56 -47.33
N TYR A 423 -20.83 2.70 -46.08
CA TYR A 423 -21.19 1.84 -44.96
C TYR A 423 -20.60 0.44 -45.09
N LYS A 424 -19.69 0.22 -46.02
CA LYS A 424 -19.08 -1.08 -46.25
C LYS A 424 -17.58 -1.03 -45.93
N SER A 425 -16.98 -2.23 -45.85
CA SER A 425 -15.55 -2.40 -45.70
C SER A 425 -15.04 -3.17 -46.90
N ILE A 426 -13.94 -2.70 -47.51
CA ILE A 426 -13.53 -3.16 -48.83
C ILE A 426 -12.03 -3.39 -48.90
N THR A 427 -11.61 -3.98 -50.02
CA THR A 427 -10.23 -4.36 -50.28
C THR A 427 -9.71 -3.62 -51.50
N THR A 428 -8.40 -3.73 -51.73
CA THR A 428 -7.79 -3.10 -52.89
C THR A 428 -8.40 -3.62 -54.19
N ASP A 429 -8.73 -4.92 -54.24
CA ASP A 429 -9.35 -5.46 -55.44
C ASP A 429 -10.73 -4.89 -55.67
N ASP A 430 -11.50 -4.67 -54.60
CA ASP A 430 -12.78 -3.98 -54.73
C ASP A 430 -12.59 -2.62 -55.38
N TRP A 431 -11.64 -1.84 -54.86
CA TRP A 431 -11.39 -0.51 -55.42
C TRP A 431 -10.98 -0.60 -56.88
N LYS A 432 -10.03 -1.49 -57.19
CA LYS A 432 -9.52 -1.60 -58.56
C LYS A 432 -10.60 -2.11 -59.51
N ASP A 433 -11.42 -3.08 -59.07
CA ASP A 433 -12.51 -3.55 -59.90
C ASP A 433 -13.47 -2.41 -60.20
N PHE A 434 -13.74 -1.55 -59.21
CA PHE A 434 -14.67 -0.46 -59.46
C PHE A 434 -14.05 0.61 -60.35
N LEU A 435 -12.76 0.90 -60.16
CA LEU A 435 -12.06 1.79 -61.08
C LEU A 435 -12.21 1.30 -62.52
N TYR A 436 -11.94 0.02 -62.74
CA TYR A 436 -12.06 -0.55 -64.08
C TYR A 436 -13.49 -0.49 -64.59
N SER A 437 -14.47 -0.60 -63.69
CA SER A 437 -15.86 -0.49 -64.11
C SER A 437 -16.25 0.95 -64.39
N TYR A 438 -15.86 1.89 -63.52
CA TYR A 438 -16.23 3.29 -63.75
C TYR A 438 -15.61 3.81 -65.03
N PHE A 439 -14.37 3.43 -65.31
CA PHE A 439 -13.66 3.87 -66.51
C PHE A 439 -13.65 2.79 -67.60
N LYS A 440 -14.85 2.28 -67.93
CA LYS A 440 -14.98 1.26 -68.96
C LYS A 440 -14.35 1.70 -70.28
N ASP A 441 -14.63 2.94 -70.68
CA ASP A 441 -14.16 3.42 -71.98
C ASP A 441 -12.66 3.69 -72.02
N LYS A 442 -11.96 3.57 -70.88
CA LYS A 442 -10.54 3.87 -70.80
C LYS A 442 -9.74 2.68 -70.27
N VAL A 443 -10.24 1.46 -70.54
CA VAL A 443 -9.55 0.26 -70.08
C VAL A 443 -8.13 0.20 -70.64
N ASP A 444 -7.96 0.60 -71.90
CA ASP A 444 -6.63 0.54 -72.51
C ASP A 444 -5.67 1.47 -71.76
N VAL A 445 -6.14 2.63 -71.36
CA VAL A 445 -5.35 3.53 -70.53
C VAL A 445 -5.01 2.87 -69.20
N LEU A 446 -5.97 2.21 -68.57
CA LEU A 446 -5.74 1.59 -67.27
C LEU A 446 -4.75 0.43 -67.38
N ASN A 447 -4.82 -0.32 -68.48
CA ASN A 447 -3.93 -1.46 -68.66
C ASN A 447 -2.49 -1.06 -68.91
N GLN A 448 -2.21 0.24 -69.08
CA GLN A 448 -0.83 0.74 -69.12
C GLN A 448 -0.25 0.93 -67.72
N VAL A 449 -1.09 0.94 -66.69
CA VAL A 449 -0.61 1.12 -65.33
C VAL A 449 0.12 -0.13 -64.88
N ASP A 450 1.27 0.06 -64.24
CA ASP A 450 2.03 -1.06 -63.66
C ASP A 450 1.45 -1.34 -62.28
N TRP A 451 0.32 -2.06 -62.27
CA TRP A 451 -0.39 -2.32 -61.01
C TRP A 451 0.50 -3.08 -60.02
N ASN A 452 1.20 -4.11 -60.49
CA ASN A 452 2.01 -4.90 -59.57
C ASN A 452 3.07 -4.04 -58.90
N ALA A 453 3.69 -3.13 -59.65
CA ALA A 453 4.65 -2.21 -59.05
C ALA A 453 3.97 -1.28 -58.06
N TRP A 454 2.88 -0.62 -58.49
CA TRP A 454 2.23 0.37 -57.65
C TRP A 454 1.70 -0.25 -56.36
N LEU A 455 0.97 -1.36 -56.48
CA LEU A 455 0.26 -1.91 -55.34
C LEU A 455 1.11 -2.84 -54.48
N TYR A 456 1.99 -3.64 -55.09
CA TYR A 456 2.58 -4.75 -54.38
C TYR A 456 4.10 -4.76 -54.33
N SER A 457 4.77 -3.76 -54.93
CA SER A 457 6.23 -3.76 -54.92
C SER A 457 6.77 -2.70 -53.96
N PRO A 458 7.91 -2.97 -53.32
CA PRO A 458 8.52 -1.99 -52.42
C PRO A 458 9.22 -0.86 -53.18
N GLY A 459 9.52 0.19 -52.43
CA GLY A 459 10.35 1.26 -52.94
C GLY A 459 9.55 2.43 -53.48
N LEU A 460 10.24 3.24 -54.27
CA LEU A 460 9.60 4.41 -54.85
C LEU A 460 8.66 4.01 -55.98
N PRO A 461 7.59 4.77 -56.20
CA PRO A 461 6.68 4.45 -57.30
C PRO A 461 7.43 4.37 -58.61
N PRO A 462 6.91 3.60 -59.58
CA PRO A 462 7.63 3.45 -60.86
C PRO A 462 7.55 4.67 -61.74
N ILE A 463 6.64 5.59 -61.48
CA ILE A 463 6.50 6.81 -62.26
C ILE A 463 6.11 7.95 -61.33
N LYS A 464 6.64 9.13 -61.61
CA LYS A 464 6.38 10.33 -60.82
C LYS A 464 5.31 11.17 -61.51
N PRO A 465 4.28 11.63 -60.81
CA PRO A 465 3.30 12.53 -61.43
C PRO A 465 3.94 13.85 -61.84
N ASN A 466 3.15 14.63 -62.58
CA ASN A 466 3.55 15.97 -62.98
C ASN A 466 3.09 16.97 -61.93
N TYR A 467 3.99 17.89 -61.56
CA TYR A 467 3.72 18.88 -60.51
C TYR A 467 4.01 20.28 -61.03
N ASP A 468 3.04 21.18 -60.84
CA ASP A 468 3.28 22.60 -60.98
C ASP A 468 4.32 23.05 -59.96
N MET A 469 5.28 23.87 -60.41
CA MET A 469 6.40 24.29 -59.59
C MET A 469 6.28 25.72 -59.08
N THR A 470 5.20 26.43 -59.42
CA THR A 470 5.13 27.87 -59.19
C THR A 470 5.51 28.23 -57.76
N LEU A 471 4.84 27.64 -56.77
CA LEU A 471 5.09 27.99 -55.38
C LEU A 471 6.33 27.31 -54.81
N THR A 472 6.85 26.28 -55.45
CA THR A 472 8.03 25.60 -54.94
C THR A 472 9.34 26.21 -55.42
N ASN A 473 9.36 26.87 -56.59
CA ASN A 473 10.62 27.35 -57.15
C ASN A 473 11.40 28.21 -56.16
N ALA A 474 10.74 29.22 -55.56
CA ALA A 474 11.45 30.10 -54.65
C ALA A 474 12.02 29.34 -53.47
N CYS A 475 11.37 28.26 -53.06
CA CYS A 475 11.87 27.44 -51.96
C CYS A 475 13.14 26.73 -52.34
N ILE A 476 13.16 26.12 -53.53
CA ILE A 476 14.36 25.43 -54.02
C ILE A 476 15.49 26.44 -54.23
N ALA A 477 15.18 27.60 -54.81
CA ALA A 477 16.21 28.60 -55.09
C ALA A 477 16.92 29.02 -53.82
N LEU A 478 16.16 29.33 -52.76
CA LEU A 478 16.79 29.76 -51.52
C LEU A 478 17.56 28.62 -50.86
N SER A 479 17.01 27.40 -50.88
CA SER A 479 17.72 26.28 -50.27
CA SER A 479 17.72 26.28 -50.27
C SER A 479 19.05 26.03 -50.98
N GLN A 480 19.03 26.00 -52.30
CA GLN A 480 20.26 25.76 -53.06
C GLN A 480 21.28 26.86 -52.79
N ARG A 481 20.82 28.10 -52.68
CA ARG A 481 21.73 29.19 -52.32
C ARG A 481 22.48 28.88 -51.05
N TRP A 482 21.82 28.27 -50.07
CA TRP A 482 22.46 27.95 -48.80
C TRP A 482 23.30 26.68 -48.91
N ILE A 483 22.83 25.70 -49.67
CA ILE A 483 23.54 24.43 -49.79
C ILE A 483 24.87 24.63 -50.50
N THR A 484 24.88 25.44 -51.55
CA THR A 484 26.09 25.67 -52.34
C THR A 484 26.88 26.89 -51.88
N ALA A 485 26.41 27.59 -50.84
CA ALA A 485 27.14 28.77 -50.39
C ALA A 485 28.43 28.37 -49.69
N LYS A 486 29.44 29.23 -49.85
CA LYS A 486 30.69 29.11 -49.13
C LYS A 486 30.78 30.26 -48.12
N GLU A 487 31.95 30.43 -47.51
CA GLU A 487 32.15 31.50 -46.55
C GLU A 487 31.78 32.86 -47.13
N ASP A 488 32.33 33.19 -48.30
CA ASP A 488 32.20 34.52 -48.88
C ASP A 488 30.77 34.87 -49.24
N ASP A 489 29.84 33.91 -49.10
CA ASP A 489 28.45 34.14 -49.44
C ASP A 489 27.55 34.37 -48.24
N LEU A 490 28.01 34.01 -47.03
CA LEU A 490 27.11 34.01 -45.87
C LEU A 490 26.64 35.40 -45.50
N ASN A 491 27.47 36.42 -45.74
CA ASN A 491 27.08 37.78 -45.38
C ASN A 491 26.00 38.34 -46.30
N SER A 492 25.83 37.76 -47.49
CA SER A 492 24.79 38.21 -48.41
C SER A 492 23.39 37.75 -48.00
N PHE A 493 23.27 36.80 -47.09
CA PHE A 493 21.95 36.39 -46.63
C PHE A 493 21.38 37.43 -45.69
N ASN A 494 20.06 37.62 -45.76
CA ASN A 494 19.41 38.71 -45.04
C ASN A 494 17.95 38.36 -44.79
N ALA A 495 17.39 38.96 -43.73
CA ALA A 495 15.99 38.72 -43.39
C ALA A 495 15.06 38.99 -44.57
N THR A 496 15.47 39.90 -45.48
CA THR A 496 14.63 40.19 -46.64
C THR A 496 14.50 38.99 -47.56
N ASP A 497 15.35 37.97 -47.42
CA ASP A 497 15.21 36.77 -48.22
C ASP A 497 13.83 36.15 -48.07
N LEU A 498 13.16 36.39 -46.94
CA LEU A 498 11.91 35.72 -46.63
C LEU A 498 10.67 36.55 -46.92
N LYS A 499 10.84 37.82 -47.33
CA LYS A 499 9.71 38.75 -47.33
C LYS A 499 8.54 38.23 -48.15
N ASP A 500 8.79 37.49 -49.24
CA ASP A 500 7.73 37.03 -50.12
C ASP A 500 7.43 35.54 -49.97
N LEU A 501 7.82 34.92 -48.86
CA LEU A 501 7.58 33.51 -48.63
C LEU A 501 6.51 33.32 -47.56
N SER A 502 5.50 32.52 -47.88
CA SER A 502 4.50 32.14 -46.89
C SER A 502 5.10 31.21 -45.84
N SER A 503 4.36 30.99 -44.75
CA SER A 503 4.79 30.00 -43.77
C SER A 503 4.93 28.63 -44.43
N HIS A 504 4.03 28.29 -45.34
CA HIS A 504 4.13 27.02 -46.06
C HIS A 504 5.43 26.93 -46.83
N GLN A 505 5.89 28.05 -47.38
CA GLN A 505 7.13 28.07 -48.14
C GLN A 505 8.36 28.05 -47.24
N LEU A 506 8.30 28.73 -46.10
CA LEU A 506 9.38 28.60 -45.12
C LEU A 506 9.56 27.15 -44.71
N ASN A 507 8.46 26.48 -44.43
CA ASN A 507 8.50 25.08 -44.05
C ASN A 507 9.09 24.22 -45.17
N GLU A 508 8.69 24.48 -46.42
CA GLU A 508 9.23 23.70 -47.54
C GLU A 508 10.70 24.03 -47.78
N PHE A 509 11.08 25.29 -47.62
CA PHE A 509 12.50 25.64 -47.67
C PHE A 509 13.31 24.82 -46.66
N LEU A 510 12.80 24.70 -45.43
CA LEU A 510 13.51 23.92 -44.43
C LEU A 510 13.53 22.44 -44.79
N ALA A 511 12.41 21.92 -45.32
CA ALA A 511 12.39 20.52 -45.73
C ALA A 511 13.43 20.24 -46.81
N GLN A 512 13.52 21.11 -47.81
N GLN A 512 13.48 21.10 -47.83
CA GLN A 512 14.51 20.92 -48.87
CA GLN A 512 14.50 20.97 -48.88
C GLN A 512 15.93 21.07 -48.35
C GLN A 512 15.90 20.99 -48.27
N THR A 513 16.14 21.94 -47.36
CA THR A 513 17.46 22.06 -46.76
C THR A 513 17.78 20.86 -45.87
N LEU A 514 16.77 20.37 -45.13
CA LEU A 514 16.97 19.20 -44.27
C LEU A 514 17.33 17.96 -45.08
N GLN A 515 16.80 17.83 -46.30
CA GLN A 515 17.16 16.68 -47.12
C GLN A 515 18.66 16.62 -47.37
N ARG A 516 19.32 17.79 -47.45
CA ARG A 516 20.74 17.87 -47.75
C ARG A 516 21.58 18.06 -46.48
N ALA A 517 21.00 17.84 -45.31
CA ALA A 517 21.73 17.91 -44.06
C ALA A 517 22.80 16.81 -43.99
N PRO A 518 23.90 17.07 -43.26
CA PRO A 518 24.19 18.28 -42.48
C PRO A 518 24.69 19.45 -43.31
N LEU A 519 24.34 20.65 -42.88
CA LEU A 519 24.95 21.86 -43.40
C LEU A 519 26.11 22.26 -42.52
N PRO A 520 27.06 23.06 -43.04
CA PRO A 520 28.14 23.55 -42.18
C PRO A 520 27.57 24.29 -40.97
N LEU A 521 28.28 24.16 -39.85
CA LEU A 521 27.81 24.77 -38.61
C LEU A 521 27.71 26.28 -38.76
N GLY A 522 28.72 26.91 -39.38
CA GLY A 522 28.66 28.34 -39.58
C GLY A 522 27.43 28.77 -40.37
N HIS A 523 26.99 27.92 -41.32
CA HIS A 523 25.79 28.24 -42.08
C HIS A 523 24.56 28.26 -41.17
N ILE A 524 24.41 27.25 -40.31
CA ILE A 524 23.25 27.20 -39.43
C ILE A 524 23.24 28.37 -38.47
N LYS A 525 24.40 28.72 -37.92
CA LYS A 525 24.50 29.89 -37.06
C LYS A 525 24.07 31.14 -37.80
N ARG A 526 24.53 31.31 -39.05
CA ARG A 526 24.13 32.46 -39.85
C ARG A 526 22.63 32.47 -40.08
N MET A 527 22.05 31.30 -40.38
CA MET A 527 20.62 31.22 -40.66
C MET A 527 19.79 31.72 -39.49
N GLN A 528 20.17 31.35 -38.26
CA GLN A 528 19.45 31.88 -37.10
C GLN A 528 19.65 33.38 -36.97
N GLU A 529 20.84 33.87 -37.30
CA GLU A 529 21.11 35.30 -37.15
C GLU A 529 20.21 36.14 -38.06
N VAL A 530 19.99 35.69 -39.29
CA VAL A 530 19.29 36.51 -40.28
C VAL A 530 17.81 36.16 -40.38
N TYR A 531 17.43 34.93 -40.04
CA TYR A 531 16.04 34.49 -40.15
C TYR A 531 15.35 34.31 -38.81
N ASN A 532 16.10 34.15 -37.73
CA ASN A 532 15.53 34.03 -36.38
C ASN A 532 14.45 32.95 -36.33
N PHE A 533 14.78 31.78 -36.84
CA PHE A 533 13.84 30.66 -36.80
C PHE A 533 13.55 30.20 -35.38
N ASN A 534 14.42 30.52 -34.41
CA ASN A 534 14.16 30.11 -33.04
C ASN A 534 12.85 30.71 -32.52
N ALA A 535 12.48 31.91 -32.98
CA ALA A 535 11.29 32.58 -32.50
C ALA A 535 10.01 32.05 -33.13
N ILE A 536 10.09 31.21 -34.16
CA ILE A 536 8.90 30.72 -34.84
C ILE A 536 8.33 29.56 -34.04
N ASN A 537 7.05 29.64 -33.70
CA ASN A 537 6.40 28.62 -32.91
C ASN A 537 5.51 27.71 -33.75
N ASN A 538 5.30 28.02 -35.02
CA ASN A 538 4.71 27.07 -35.96
C ASN A 538 5.40 25.71 -35.82
N SER A 539 4.64 24.70 -35.39
CA SER A 539 5.26 23.46 -34.96
C SER A 539 5.96 22.75 -36.12
N GLU A 540 5.36 22.76 -37.30
CA GLU A 540 5.99 22.13 -38.45
C GLU A 540 7.33 22.80 -38.76
N ILE A 541 7.35 24.14 -38.79
CA ILE A 541 8.58 24.85 -39.08
C ILE A 541 9.62 24.59 -37.99
N ARG A 542 9.22 24.71 -36.73
CA ARG A 542 10.18 24.56 -35.64
C ARG A 542 10.76 23.16 -35.62
N PHE A 543 9.92 22.16 -35.91
CA PHE A 543 10.37 20.78 -36.00
C PHE A 543 11.51 20.63 -37.01
N ARG A 544 11.29 21.09 -38.25
CA ARG A 544 12.32 20.92 -39.27
C ARG A 544 13.56 21.74 -38.95
N TRP A 545 13.36 22.96 -38.44
CA TRP A 545 14.48 23.81 -38.06
C TRP A 545 15.35 23.12 -37.01
N LEU A 546 14.73 22.57 -35.97
CA LEU A 546 15.52 21.94 -34.91
C LEU A 546 16.17 20.66 -35.39
N ARG A 547 15.50 19.86 -36.22
CA ARG A 547 16.18 18.71 -36.82
C ARG A 547 17.40 19.18 -37.60
N LEU A 548 17.25 20.24 -38.39
CA LEU A 548 18.38 20.78 -39.15
C LEU A 548 19.52 21.16 -38.22
N CYS A 549 19.20 21.87 -37.13
CA CYS A 549 20.24 22.31 -36.20
C CYS A 549 20.95 21.13 -35.56
N ILE A 550 20.18 20.12 -35.13
CA ILE A 550 20.77 18.97 -34.46
C ILE A 550 21.62 18.17 -35.43
N GLN A 551 21.10 17.89 -36.62
CA GLN A 551 21.85 17.11 -37.58
C GLN A 551 23.10 17.85 -38.05
N SER A 552 23.11 19.17 -37.96
CA SER A 552 24.27 19.99 -38.28
C SER A 552 25.20 20.19 -37.08
N LYS A 553 24.93 19.50 -35.97
CA LYS A 553 25.85 19.43 -34.84
CA LYS A 553 25.86 19.43 -34.84
C LYS A 553 25.91 20.73 -34.04
N TRP A 554 24.81 21.48 -33.98
CA TRP A 554 24.77 22.73 -33.23
C TRP A 554 24.32 22.45 -31.81
N GLU A 555 25.26 22.48 -30.86
CA GLU A 555 24.95 22.12 -29.48
C GLU A 555 23.92 23.06 -28.87
N ASP A 556 23.83 24.31 -29.35
CA ASP A 556 22.87 25.24 -28.78
C ASP A 556 21.43 24.78 -28.97
N ALA A 557 21.15 23.97 -30.00
CA ALA A 557 19.79 23.52 -30.25
C ALA A 557 19.37 22.34 -29.39
N ILE A 558 20.29 21.71 -28.68
CA ILE A 558 20.01 20.51 -27.87
C ILE A 558 18.89 20.79 -26.88
N PRO A 559 19.00 21.80 -26.02
CA PRO A 559 17.90 22.08 -25.09
C PRO A 559 16.59 22.42 -25.76
N LEU A 560 16.64 23.07 -26.93
CA LEU A 560 15.40 23.41 -27.64
C LEU A 560 14.74 22.16 -28.22
N ALA A 561 15.55 21.26 -28.82
CA ALA A 561 14.98 20.04 -29.37
C ALA A 561 14.43 19.14 -28.28
N LEU A 562 15.16 19.02 -27.16
CA LEU A 562 14.67 18.21 -26.04
C LEU A 562 13.37 18.78 -25.50
N LYS A 563 13.29 20.11 -25.42
CA LYS A 563 12.07 20.76 -24.95
C LYS A 563 10.89 20.42 -25.86
N MET A 564 11.08 20.55 -27.17
CA MET A 564 9.98 20.24 -28.08
C MET A 564 9.61 18.77 -28.01
N ALA A 565 10.61 17.88 -27.89
CA ALA A 565 10.35 16.45 -27.93
C ALA A 565 9.51 15.99 -26.74
N THR A 566 9.62 16.67 -25.61
CA THR A 566 8.94 16.27 -24.38
C THR A 566 7.72 17.10 -24.04
N GLU A 567 7.72 18.41 -24.35
CA GLU A 567 6.58 19.25 -24.01
C GLU A 567 5.38 19.00 -24.90
N GLN A 568 5.55 18.29 -26.01
CA GLN A 568 4.44 17.77 -26.79
C GLN A 568 4.78 16.33 -27.17
N GLY A 569 3.78 15.60 -27.64
CA GLY A 569 3.92 14.16 -27.82
C GLY A 569 3.46 13.64 -29.17
N ARG A 570 3.20 14.53 -30.12
CA ARG A 570 2.89 14.11 -31.47
C ARG A 570 4.05 13.31 -32.04
N MET A 571 3.79 12.05 -32.40
CA MET A 571 4.88 11.15 -32.79
C MET A 571 5.60 11.65 -34.04
N LYS A 572 4.90 12.37 -34.92
CA LYS A 572 5.55 12.95 -36.10
C LYS A 572 6.73 13.83 -35.70
N PHE A 573 6.65 14.51 -34.57
CA PHE A 573 7.71 15.38 -34.08
C PHE A 573 8.60 14.70 -33.05
N THR A 574 7.99 13.97 -32.10
CA THR A 574 8.73 13.43 -30.96
C THR A 574 9.71 12.35 -31.38
N ARG A 575 9.28 11.41 -32.22
CA ARG A 575 10.17 10.29 -32.56
C ARG A 575 11.40 10.77 -33.34
N PRO A 576 11.27 11.58 -34.39
CA PRO A 576 12.49 12.02 -35.11
C PRO A 576 13.36 12.96 -34.29
N LEU A 577 12.79 13.76 -33.39
CA LEU A 577 13.63 14.60 -32.54
C LEU A 577 14.44 13.75 -31.56
N PHE A 578 13.81 12.72 -30.98
CA PHE A 578 14.55 11.81 -30.11
C PHE A 578 15.62 11.05 -30.89
N LYS A 579 15.30 10.60 -32.11
CA LYS A 579 16.29 9.85 -32.88
C LYS A 579 17.45 10.75 -33.30
N ASP A 580 17.15 11.99 -33.71
CA ASP A 580 18.23 12.92 -34.07
C ASP A 580 19.11 13.22 -32.86
N LEU A 581 18.49 13.47 -31.71
CA LEU A 581 19.25 13.74 -30.49
C LEU A 581 20.12 12.55 -30.11
N ALA A 582 19.63 11.32 -30.34
CA ALA A 582 20.44 10.15 -30.03
C ALA A 582 21.58 9.97 -31.03
N ALA A 583 21.40 10.45 -32.26
CA ALA A 583 22.46 10.35 -33.26
C ALA A 583 23.53 11.42 -33.08
N PHE A 584 23.25 12.47 -32.32
CA PHE A 584 24.22 13.52 -32.02
C PHE A 584 24.96 13.12 -30.75
N ASP A 585 26.27 12.85 -30.88
N ASP A 585 26.27 12.88 -30.89
CA ASP A 585 27.03 12.36 -29.74
CA ASP A 585 27.05 12.38 -29.76
C ASP A 585 26.93 13.31 -28.55
C ASP A 585 26.96 13.31 -28.55
N LYS A 586 26.85 14.61 -28.80
CA LYS A 586 26.80 15.57 -27.70
C LYS A 586 25.51 15.46 -26.89
N SER A 587 24.43 14.97 -27.50
CA SER A 587 23.13 14.94 -26.84
C SER A 587 22.67 13.52 -26.52
N HIS A 588 23.42 12.49 -26.91
CA HIS A 588 22.91 11.13 -26.81
C HIS A 588 22.50 10.79 -25.39
N ASP A 589 23.42 10.97 -24.43
CA ASP A 589 23.15 10.55 -23.06
C ASP A 589 21.94 11.26 -22.49
N GLN A 590 21.88 12.59 -22.64
N GLN A 590 21.87 12.59 -22.64
CA GLN A 590 20.76 13.34 -22.09
CA GLN A 590 20.75 13.31 -22.05
C GLN A 590 19.46 12.98 -22.79
C GLN A 590 19.45 13.08 -22.82
N ALA A 591 19.52 12.56 -24.05
CA ALA A 591 18.31 12.16 -24.75
C ALA A 591 17.75 10.87 -24.17
N VAL A 592 18.61 9.86 -23.99
CA VAL A 592 18.16 8.62 -23.35
C VAL A 592 17.67 8.91 -21.95
N ARG A 593 18.41 9.72 -21.20
CA ARG A 593 18.04 10.04 -19.82
C ARG A 593 16.66 10.71 -19.79
N THR A 594 16.45 11.69 -20.68
CA THR A 594 15.17 12.39 -20.72
C THR A 594 14.02 11.43 -21.01
N TYR A 595 14.21 10.53 -21.97
CA TYR A 595 13.16 9.56 -22.27
C TYR A 595 12.87 8.68 -21.05
N GLN A 596 13.92 8.17 -20.39
CA GLN A 596 13.70 7.33 -19.22
C GLN A 596 12.97 8.10 -18.14
N GLU A 597 13.27 9.40 -17.99
CA GLU A 597 12.62 10.18 -16.95
C GLU A 597 11.16 10.50 -17.29
N HIS A 598 10.81 10.53 -18.57
CA HIS A 598 9.46 10.89 -18.97
C HIS A 598 8.58 9.71 -19.34
N LYS A 599 9.15 8.54 -19.61
CA LYS A 599 8.37 7.50 -20.27
C LYS A 599 7.16 7.10 -19.45
N ALA A 600 7.30 7.04 -18.12
CA ALA A 600 6.18 6.65 -17.28
C ALA A 600 4.98 7.57 -17.46
N SER A 601 5.22 8.83 -17.80
CA SER A 601 4.15 9.81 -17.97
C SER A 601 3.77 10.02 -19.43
N MET A 602 4.35 9.26 -20.35
CA MET A 602 4.09 9.43 -21.77
C MET A 602 2.87 8.60 -22.18
N HIS A 603 2.38 8.88 -23.39
CA HIS A 603 1.35 8.04 -23.96
C HIS A 603 1.91 6.62 -24.18
N PRO A 604 1.13 5.57 -23.90
CA PRO A 604 1.72 4.21 -23.92
C PRO A 604 2.27 3.80 -25.28
N VAL A 605 1.65 4.22 -26.38
CA VAL A 605 2.14 3.83 -27.70
C VAL A 605 3.39 4.63 -28.04
N THR A 606 3.35 5.93 -27.82
CA THR A 606 4.54 6.77 -28.04
C THR A 606 5.70 6.30 -27.17
N ALA A 607 5.42 5.94 -25.92
CA ALA A 607 6.48 5.46 -25.05
C ALA A 607 7.10 4.18 -25.59
N MET A 608 6.27 3.25 -26.05
CA MET A 608 6.80 2.00 -26.61
C MET A 608 7.66 2.27 -27.84
N LEU A 609 7.20 3.14 -28.74
CA LEU A 609 7.91 3.34 -29.99
C LEU A 609 9.22 4.12 -29.77
N VAL A 610 9.19 5.17 -28.96
CA VAL A 610 10.44 5.90 -28.69
C VAL A 610 11.43 4.99 -27.99
N GLY A 611 10.95 4.17 -27.05
CA GLY A 611 11.82 3.20 -26.42
C GLY A 611 12.47 2.28 -27.44
N LYS A 612 11.69 1.84 -28.43
CA LYS A 612 12.23 1.01 -29.49
C LYS A 612 13.23 1.80 -30.34
N ASP A 613 12.89 3.03 -30.70
CA ASP A 613 13.81 3.87 -31.48
C ASP A 613 15.14 4.05 -30.78
N LEU A 614 15.12 4.25 -29.45
CA LEU A 614 16.33 4.50 -28.70
C LEU A 614 17.06 3.23 -28.29
N LYS A 615 16.59 2.07 -28.75
CA LYS A 615 17.13 0.75 -28.36
C LYS A 615 17.39 0.67 -26.85
N VAL A 616 16.38 1.03 -26.08
CA VAL A 616 16.44 0.86 -24.63
C VAL A 616 15.68 -0.39 -24.22
N GLU B 9 9.14 -8.27 -18.27
CA GLU B 9 7.77 -8.28 -18.75
C GLU B 9 6.79 -8.48 -17.60
N ILE B 10 7.22 -9.26 -16.61
CA ILE B 10 6.35 -9.74 -15.54
C ILE B 10 6.51 -8.85 -14.32
N VAL B 11 5.38 -8.51 -13.69
CA VAL B 11 5.35 -7.57 -12.57
C VAL B 11 4.92 -8.33 -11.31
N ASP B 12 5.66 -8.12 -10.23
CA ASP B 12 5.29 -8.68 -8.92
C ASP B 12 4.42 -7.65 -8.22
N THR B 13 3.10 -7.90 -8.21
CA THR B 13 2.16 -6.95 -7.63
C THR B 13 1.99 -7.14 -6.11
N CYS B 14 2.81 -7.96 -5.48
CA CYS B 14 2.83 -8.08 -4.03
C CYS B 14 4.00 -7.34 -3.40
N SER B 15 4.88 -6.74 -4.20
CA SER B 15 6.07 -6.08 -3.70
C SER B 15 6.08 -4.62 -4.12
N LEU B 16 6.56 -3.74 -3.23
CA LEU B 16 6.69 -2.32 -3.51
C LEU B 16 8.13 -1.91 -3.79
N ALA B 17 9.06 -2.87 -3.79
CA ALA B 17 10.48 -2.60 -3.94
C ALA B 17 10.84 -2.40 -5.41
N SER B 18 12.02 -1.83 -5.64
CA SER B 18 12.54 -1.79 -7.00
C SER B 18 12.60 -3.21 -7.55
N PRO B 19 12.14 -3.43 -8.79
CA PRO B 19 12.18 -4.79 -9.35
C PRO B 19 13.58 -5.20 -9.78
N ALA B 20 13.72 -6.50 -10.06
CA ALA B 20 14.99 -7.08 -10.43
C ALA B 20 15.56 -6.48 -11.71
N SER B 21 14.72 -5.86 -12.55
CA SER B 21 15.22 -5.16 -13.74
C SER B 21 15.84 -3.81 -13.41
N VAL B 22 15.64 -3.30 -12.19
CA VAL B 22 16.26 -2.06 -11.75
C VAL B 22 17.53 -2.33 -10.94
N CYS B 23 17.45 -3.25 -9.98
CA CYS B 23 18.61 -3.63 -9.18
C CYS B 23 18.30 -4.97 -8.53
N ARG B 24 19.36 -5.64 -8.06
CA ARG B 24 19.25 -6.99 -7.51
C ARG B 24 20.09 -7.11 -6.25
N THR B 25 19.48 -7.64 -5.19
CA THR B 25 20.22 -7.98 -3.98
C THR B 25 20.94 -9.30 -4.21
N LYS B 26 22.27 -9.29 -4.05
N LYS B 26 22.27 -9.29 -4.05
CA LYS B 26 23.07 -10.48 -4.24
CA LYS B 26 23.06 -10.50 -4.24
C LYS B 26 23.40 -11.19 -2.94
C LYS B 26 23.39 -11.19 -2.93
N HIS B 27 23.45 -10.45 -1.82
CA HIS B 27 23.83 -11.02 -0.54
C HIS B 27 23.19 -10.20 0.58
N LEU B 28 22.95 -10.89 1.69
CA LEU B 28 22.48 -10.28 2.92
C LEU B 28 23.39 -10.73 4.04
N HIS B 29 23.92 -9.78 4.79
CA HIS B 29 24.60 -10.08 6.05
C HIS B 29 23.73 -9.54 7.18
N LEU B 30 23.10 -10.45 7.91
CA LEU B 30 22.18 -10.12 8.98
C LEU B 30 22.91 -10.24 10.31
N ARG B 31 22.90 -9.18 11.10
N ARG B 31 22.84 -9.19 11.12
CA ARG B 31 23.45 -9.19 12.45
CA ARG B 31 23.45 -9.16 12.44
C ARG B 31 22.36 -8.65 13.35
C ARG B 31 22.41 -8.62 13.41
N CYS B 32 21.83 -9.49 14.24
CA CYS B 32 20.69 -9.10 15.04
C CYS B 32 20.70 -9.77 16.40
N SER B 33 19.88 -9.22 17.27
CA SER B 33 19.73 -9.69 18.63
C SER B 33 18.24 -9.87 18.89
N VAL B 34 17.90 -10.96 19.57
CA VAL B 34 16.51 -11.33 19.83
C VAL B 34 16.20 -10.96 21.27
N ASP B 35 15.25 -10.04 21.46
CA ASP B 35 14.91 -9.52 22.79
C ASP B 35 13.51 -10.02 23.15
N PHE B 36 13.45 -11.07 23.96
CA PHE B 36 12.17 -11.62 24.37
C PHE B 36 11.44 -10.72 25.36
N THR B 37 12.16 -9.82 26.02
CA THR B 37 11.50 -8.85 26.91
C THR B 37 10.63 -7.88 26.11
N ARG B 38 11.18 -7.35 25.01
CA ARG B 38 10.43 -6.41 24.18
C ARG B 38 9.73 -7.07 22.99
N ARG B 39 10.02 -8.33 22.71
CA ARG B 39 9.47 -9.03 21.55
C ARG B 39 9.88 -8.30 20.27
N THR B 40 11.18 -8.01 20.17
CA THR B 40 11.74 -7.31 19.04
C THR B 40 13.00 -8.01 18.56
N LEU B 41 13.24 -7.91 17.26
CA LEU B 41 14.51 -8.22 16.64
C LEU B 41 15.18 -6.90 16.31
N THR B 42 16.39 -6.69 16.82
CA THR B 42 17.16 -5.48 16.55
C THR B 42 18.45 -5.85 15.85
N GLY B 43 18.86 -5.06 14.87
CA GLY B 43 20.19 -5.26 14.31
C GLY B 43 20.42 -4.51 13.01
N THR B 44 21.29 -5.08 12.20
CA THR B 44 21.68 -4.50 10.92
C THR B 44 21.48 -5.51 9.81
N ALA B 45 20.94 -5.05 8.69
CA ALA B 45 20.85 -5.83 7.47
C ALA B 45 21.70 -5.15 6.42
N ALA B 46 22.80 -5.78 6.05
CA ALA B 46 23.70 -5.28 5.02
C ALA B 46 23.37 -5.98 3.71
N LEU B 47 22.82 -5.23 2.78
CA LEU B 47 22.41 -5.74 1.48
C LEU B 47 23.46 -5.35 0.44
N THR B 48 24.01 -6.35 -0.24
CA THR B 48 24.87 -6.12 -1.39
C THR B 48 23.96 -6.05 -2.62
N VAL B 49 23.90 -4.87 -3.25
CA VAL B 49 22.94 -4.58 -4.30
C VAL B 49 23.70 -4.25 -5.58
N GLN B 50 23.24 -4.81 -6.69
CA GLN B 50 23.83 -4.59 -8.00
C GLN B 50 22.81 -3.84 -8.85
N SER B 51 23.23 -2.71 -9.41
CA SER B 51 22.37 -1.95 -10.30
C SER B 51 22.25 -2.66 -11.65
N GLN B 52 21.04 -2.65 -12.21
CA GLN B 52 20.80 -3.19 -13.54
C GLN B 52 20.59 -2.10 -14.59
N GLU B 53 20.86 -0.84 -14.25
CA GLU B 53 20.65 0.25 -15.19
C GLU B 53 21.60 1.39 -14.90
N ASP B 54 21.82 2.20 -15.93
CA ASP B 54 22.64 3.39 -15.77
C ASP B 54 21.90 4.43 -14.95
N ASN B 55 22.68 5.28 -14.27
CA ASN B 55 22.16 6.45 -13.59
C ASN B 55 21.12 6.08 -12.54
N LEU B 56 21.37 4.99 -11.83
CA LEU B 56 20.52 4.60 -10.69
C LEU B 56 20.85 5.50 -9.51
N ARG B 57 19.91 6.35 -9.13
CA ARG B 57 20.13 7.33 -8.06
C ARG B 57 19.33 7.03 -6.81
N SER B 58 18.42 6.06 -6.84
CA SER B 58 17.72 5.67 -5.64
C SER B 58 17.09 4.31 -5.88
N LEU B 59 16.74 3.64 -4.79
CA LEU B 59 16.05 2.37 -4.89
C LEU B 59 15.07 2.25 -3.74
N VAL B 60 14.12 1.32 -3.90
CA VAL B 60 13.04 1.15 -2.93
C VAL B 60 13.07 -0.28 -2.43
N LEU B 61 12.92 -0.43 -1.12
CA LEU B 61 12.83 -1.73 -0.47
C LEU B 61 11.47 -1.87 0.21
N ASP B 62 11.02 -3.12 0.33
CA ASP B 62 9.85 -3.44 1.14
C ASP B 62 10.17 -3.36 2.62
N THR B 63 9.23 -2.83 3.40
CA THR B 63 9.25 -2.93 4.85
C THR B 63 7.82 -3.11 5.34
N LYS B 64 7.67 -3.65 6.55
CA LYS B 64 6.36 -3.72 7.19
C LYS B 64 6.58 -3.63 8.70
N ASP B 65 6.14 -2.51 9.29
CA ASP B 65 6.24 -2.28 10.72
C ASP B 65 7.68 -2.38 11.21
N LEU B 66 8.62 -1.92 10.38
CA LEU B 66 10.02 -1.83 10.76
C LEU B 66 10.36 -0.39 11.15
N THR B 67 11.11 -0.25 12.23
CA THR B 67 11.72 1.01 12.60
C THR B 67 13.12 1.06 11.98
N ILE B 68 13.37 2.08 11.16
CA ILE B 68 14.63 2.22 10.43
C ILE B 68 15.43 3.33 11.12
N GLU B 69 16.43 2.93 11.91
N GLU B 69 16.42 2.95 11.91
CA GLU B 69 17.23 3.90 12.64
CA GLU B 69 17.22 3.95 12.62
C GLU B 69 18.15 4.70 11.70
C GLU B 69 18.12 4.72 11.67
N LYS B 70 18.76 4.04 10.72
CA LYS B 70 19.67 4.71 9.81
C LYS B 70 20.02 3.77 8.66
N VAL B 71 20.61 4.37 7.62
CA VAL B 71 21.06 3.66 6.43
C VAL B 71 22.47 4.14 6.10
N VAL B 72 23.43 3.23 6.07
CA VAL B 72 24.83 3.58 5.92
C VAL B 72 25.37 2.98 4.63
N ILE B 73 26.04 3.81 3.84
CA ILE B 73 26.74 3.40 2.62
C ILE B 73 28.14 3.99 2.68
N ASN B 74 29.15 3.12 2.54
CA ASN B 74 30.56 3.53 2.59
C ASN B 74 30.85 4.35 3.85
N GLY B 75 30.32 3.88 4.98
CA GLY B 75 30.63 4.48 6.26
C GLY B 75 29.96 5.82 6.52
N GLN B 76 28.97 6.21 5.74
CA GLN B 76 28.27 7.47 5.93
C GLN B 76 26.77 7.25 5.85
N GLU B 77 26.02 7.97 6.70
CA GLU B 77 24.58 7.88 6.67
C GLU B 77 24.05 8.55 5.40
N VAL B 78 23.04 7.93 4.79
CA VAL B 78 22.43 8.44 3.57
C VAL B 78 20.98 8.78 3.87
N LYS B 79 20.38 9.55 2.96
CA LYS B 79 18.98 9.94 3.11
C LYS B 79 18.07 8.78 2.73
N TYR B 80 16.97 8.64 3.49
CA TYR B 80 15.95 7.64 3.17
C TYR B 80 14.60 8.17 3.62
N ALA B 81 13.55 7.64 2.99
CA ALA B 81 12.18 8.06 3.28
C ALA B 81 11.27 6.85 3.31
N LEU B 82 10.42 6.78 4.32
CA LEU B 82 9.43 5.73 4.46
C LEU B 82 8.10 6.25 3.95
N GLY B 83 7.57 5.60 2.91
CA GLY B 83 6.31 6.01 2.34
C GLY B 83 5.11 5.58 3.17
N GLU B 84 3.94 6.01 2.71
CA GLU B 84 2.67 5.60 3.30
C GLU B 84 2.52 4.08 3.30
N ARG B 85 1.93 3.55 4.35
CA ARG B 85 1.66 2.12 4.40
C ARG B 85 0.55 1.76 3.42
N GLN B 86 0.74 0.66 2.70
CA GLN B 86 -0.25 0.14 1.77
C GLN B 86 -0.77 -1.20 2.30
N SER B 87 -1.55 -1.10 3.38
CA SER B 87 -2.15 -2.24 4.08
C SER B 87 -1.22 -3.45 4.16
N TYR B 88 -1.62 -4.58 3.55
CA TYR B 88 -0.88 -5.83 3.73
C TYR B 88 0.49 -5.82 3.06
N LYS B 89 0.77 -4.84 2.21
CA LYS B 89 2.06 -4.78 1.52
C LYS B 89 3.13 -4.04 2.31
N GLY B 90 2.77 -3.34 3.38
CA GLY B 90 3.73 -2.64 4.20
C GLY B 90 3.99 -1.23 3.71
N SER B 91 5.16 -0.71 4.08
CA SER B 91 5.53 0.66 3.74
C SER B 91 6.79 0.66 2.89
N PRO B 92 6.77 1.24 1.68
CA PRO B 92 8.00 1.29 0.88
C PRO B 92 9.00 2.27 1.48
N MET B 93 10.27 1.93 1.30
CA MET B 93 11.39 2.69 1.85
C MET B 93 12.32 3.06 0.70
N GLU B 94 12.39 4.34 0.37
CA GLU B 94 13.24 4.82 -0.70
C GLU B 94 14.56 5.31 -0.12
N ILE B 95 15.65 4.80 -0.68
CA ILE B 95 17.01 5.15 -0.27
C ILE B 95 17.62 6.01 -1.37
N SER B 96 18.10 7.20 -1.00
CA SER B 96 18.80 8.08 -1.92
C SER B 96 20.28 7.69 -1.92
N LEU B 97 20.76 7.23 -3.05
CA LEU B 97 22.15 6.77 -3.08
C LEU B 97 23.09 7.96 -3.12
N PRO B 98 24.25 7.89 -2.47
CA PRO B 98 25.16 9.04 -2.47
C PRO B 98 25.71 9.37 -3.84
N ILE B 99 25.82 8.39 -4.72
CA ILE B 99 26.41 8.56 -6.05
C ILE B 99 25.64 7.68 -7.02
N ALA B 100 25.35 8.20 -8.20
CA ALA B 100 24.63 7.42 -9.20
C ALA B 100 25.45 6.21 -9.60
N LEU B 101 24.78 5.06 -9.72
CA LEU B 101 25.41 3.82 -10.14
C LEU B 101 25.14 3.55 -11.61
N SER B 102 26.12 2.98 -12.29
CA SER B 102 25.93 2.51 -13.65
CA SER B 102 25.93 2.51 -13.65
C SER B 102 25.65 1.01 -13.63
N LYS B 103 25.35 0.46 -14.82
CA LYS B 103 25.10 -0.97 -14.96
C LYS B 103 26.20 -1.77 -14.29
N ASN B 104 25.80 -2.75 -13.49
CA ASN B 104 26.65 -3.78 -12.90
C ASN B 104 27.41 -3.28 -11.68
N GLN B 105 27.35 -2.00 -11.33
CA GLN B 105 28.04 -1.53 -10.14
C GLN B 105 27.32 -2.01 -8.89
N GLU B 106 28.09 -2.35 -7.87
CA GLU B 106 27.56 -2.91 -6.64
C GLU B 106 27.91 -2.01 -5.47
N ILE B 107 26.95 -1.85 -4.56
CA ILE B 107 27.16 -1.16 -3.29
C ILE B 107 26.63 -2.06 -2.18
N VAL B 108 27.15 -1.83 -0.98
CA VAL B 108 26.66 -2.46 0.25
C VAL B 108 25.88 -1.40 1.03
N ILE B 109 24.63 -1.70 1.34
CA ILE B 109 23.76 -0.80 2.09
C ILE B 109 23.48 -1.46 3.43
N GLU B 110 23.89 -0.79 4.51
CA GLU B 110 23.74 -1.33 5.86
C GLU B 110 22.59 -0.59 6.55
N ILE B 111 21.50 -1.30 6.80
CA ILE B 111 20.27 -0.71 7.34
C ILE B 111 20.12 -1.17 8.79
N SER B 112 20.08 -0.23 9.72
CA SER B 112 19.79 -0.51 11.12
C SER B 112 18.28 -0.49 11.31
N PHE B 113 17.72 -1.59 11.83
CA PHE B 113 16.28 -1.78 11.88
C PHE B 113 15.88 -2.39 13.21
N GLU B 114 14.59 -2.31 13.50
CA GLU B 114 13.97 -2.95 14.65
C GLU B 114 12.58 -3.42 14.25
N THR B 115 12.23 -4.66 14.55
CA THR B 115 10.92 -5.17 14.23
C THR B 115 9.89 -4.69 15.25
N SER B 116 8.62 -4.83 14.91
CA SER B 116 7.54 -4.53 15.84
C SER B 116 7.11 -5.81 16.55
N PRO B 117 6.68 -5.72 17.82
CA PRO B 117 6.04 -6.89 18.45
C PRO B 117 4.92 -7.48 17.63
N LYS B 118 4.28 -6.67 16.78
CA LYS B 118 3.18 -7.12 15.94
C LYS B 118 3.65 -7.62 14.56
N SER B 119 4.94 -7.87 14.40
CA SER B 119 5.46 -8.41 13.14
C SER B 119 4.62 -9.61 12.71
N SER B 120 4.08 -9.55 11.48
CA SER B 120 3.27 -10.66 10.98
C SER B 120 4.11 -11.85 10.57
N ALA B 121 5.43 -11.72 10.53
CA ALA B 121 6.30 -12.84 10.22
C ALA B 121 6.63 -13.68 11.43
N LEU B 122 6.37 -13.18 12.63
CA LEU B 122 6.87 -13.78 13.85
C LEU B 122 5.72 -14.18 14.75
N GLN B 123 5.92 -15.26 15.51
CA GLN B 123 5.11 -15.52 16.69
C GLN B 123 6.04 -15.64 17.88
N TRP B 124 5.77 -14.83 18.90
CA TRP B 124 6.46 -14.91 20.18
C TRP B 124 5.60 -15.72 21.15
N LEU B 125 6.20 -16.74 21.76
CA LEU B 125 5.50 -17.58 22.73
CA LEU B 125 5.51 -17.59 22.72
C LEU B 125 6.10 -17.39 24.11
N THR B 126 5.22 -17.31 25.10
CA THR B 126 5.64 -17.26 26.49
C THR B 126 6.04 -18.65 26.94
N PRO B 127 6.79 -18.76 28.04
CA PRO B 127 7.10 -20.10 28.57
C PRO B 127 5.88 -21.00 28.69
N GLU B 128 4.77 -20.47 29.22
N GLU B 128 4.78 -20.48 29.23
CA GLU B 128 3.58 -21.28 29.41
CA GLU B 128 3.59 -21.31 29.41
C GLU B 128 3.08 -21.86 28.09
C GLU B 128 3.04 -21.83 28.10
N GLN B 129 3.38 -21.20 26.97
CA GLN B 129 2.92 -21.66 25.66
C GLN B 129 3.79 -22.75 25.06
N THR B 130 4.92 -23.09 25.68
CA THR B 130 5.84 -24.09 25.16
C THR B 130 5.59 -25.44 25.82
N SER B 131 6.31 -26.46 25.36
CA SER B 131 6.22 -27.78 25.98
C SER B 131 6.94 -27.81 27.32
N GLY B 132 8.08 -27.11 27.43
CA GLY B 132 8.90 -27.18 28.63
C GLY B 132 8.47 -26.25 29.74
N LYS B 133 7.72 -25.19 29.42
CA LYS B 133 7.14 -24.26 30.39
C LYS B 133 8.17 -23.38 31.08
N GLU B 134 9.46 -23.52 30.80
CA GLU B 134 10.48 -22.76 31.49
C GLU B 134 11.10 -21.65 30.64
N HIS B 135 11.00 -21.73 29.32
CA HIS B 135 11.66 -20.78 28.44
C HIS B 135 10.72 -20.26 27.36
N PRO B 136 10.98 -19.07 26.83
CA PRO B 136 10.18 -18.54 25.72
C PRO B 136 10.65 -19.11 24.39
N TYR B 137 9.90 -18.78 23.34
CA TYR B 137 10.07 -19.40 22.03
C TYR B 137 9.72 -18.38 20.95
N LEU B 138 10.51 -18.38 19.88
CA LEU B 138 10.27 -17.52 18.72
C LEU B 138 10.44 -18.32 17.44
N PHE B 139 9.52 -18.16 16.50
CA PHE B 139 9.70 -18.73 15.18
C PHE B 139 9.11 -17.81 14.11
N SER B 140 9.71 -17.87 12.93
CA SER B 140 9.33 -17.03 11.81
C SER B 140 8.60 -17.85 10.75
N GLN B 141 7.93 -17.13 9.86
CA GLN B 141 7.24 -17.72 8.73
C GLN B 141 7.09 -16.61 7.68
N CYS B 142 8.03 -16.56 6.72
CA CYS B 142 8.09 -15.45 5.79
C CYS B 142 7.23 -15.63 4.54
N GLN B 143 7.01 -16.86 4.09
CA GLN B 143 6.24 -17.05 2.88
C GLN B 143 4.79 -16.62 3.13
N ALA B 144 4.18 -15.81 2.24
CA ALA B 144 4.79 -15.37 0.98
C ALA B 144 5.58 -14.07 1.10
N ILE B 145 4.98 -13.06 1.71
CA ILE B 145 5.55 -11.72 1.71
C ILE B 145 5.65 -11.15 3.12
N HIS B 146 6.13 -11.96 4.06
CA HIS B 146 6.34 -11.47 5.41
C HIS B 146 7.80 -11.21 5.74
N CYS B 147 8.74 -11.53 4.85
CA CYS B 147 10.13 -11.22 5.16
C CYS B 147 10.31 -9.74 5.41
N ARG B 148 9.53 -8.90 4.73
CA ARG B 148 9.60 -7.45 4.91
C ARG B 148 9.18 -7.02 6.31
N ALA B 149 8.52 -7.90 7.06
CA ALA B 149 8.20 -7.61 8.45
C ALA B 149 9.29 -8.05 9.41
N ILE B 150 10.38 -8.63 8.91
CA ILE B 150 11.56 -8.91 9.70
C ILE B 150 12.69 -7.94 9.38
N LEU B 151 12.92 -7.68 8.10
CA LEU B 151 14.06 -6.87 7.68
C LEU B 151 13.75 -6.21 6.35
N PRO B 152 14.39 -5.09 6.04
CA PRO B 152 14.16 -4.43 4.76
C PRO B 152 14.78 -5.23 3.62
N CYS B 153 14.03 -5.39 2.53
CA CYS B 153 14.51 -6.26 1.46
C CYS B 153 13.66 -5.99 0.21
N GLN B 154 14.14 -6.52 -0.91
CA GLN B 154 13.31 -6.66 -2.10
C GLN B 154 12.48 -7.91 -1.89
N ASP B 155 11.28 -7.77 -1.31
CA ASP B 155 10.54 -8.94 -0.84
C ASP B 155 9.73 -9.53 -2.00
N THR B 156 10.47 -10.07 -2.97
CA THR B 156 9.92 -10.62 -4.20
C THR B 156 10.73 -11.88 -4.51
N PRO B 157 10.08 -12.98 -4.89
CA PRO B 157 10.83 -14.21 -5.21
C PRO B 157 11.61 -14.14 -6.51
N SER B 158 11.59 -13.01 -7.21
CA SER B 158 12.35 -12.81 -8.43
C SER B 158 13.83 -12.50 -8.17
N VAL B 159 14.20 -12.25 -6.91
CA VAL B 159 15.56 -11.92 -6.53
C VAL B 159 16.09 -13.04 -5.64
N LYS B 160 17.28 -13.55 -5.96
CA LYS B 160 17.89 -14.61 -5.18
C LYS B 160 19.23 -14.15 -4.63
N LEU B 161 19.42 -14.35 -3.33
CA LEU B 161 20.59 -13.86 -2.63
C LEU B 161 21.12 -14.95 -1.72
N THR B 162 22.44 -14.98 -1.56
CA THR B 162 23.07 -15.71 -0.48
C THR B 162 22.96 -14.89 0.81
N TYR B 163 23.19 -15.53 1.95
CA TYR B 163 23.18 -14.76 3.19
C TYR B 163 24.04 -15.41 4.26
N THR B 164 24.58 -14.56 5.12
CA THR B 164 25.25 -14.96 6.35
C THR B 164 24.55 -14.25 7.49
N ALA B 165 24.55 -14.86 8.67
CA ALA B 165 23.88 -14.24 9.80
C ALA B 165 24.62 -14.48 11.11
N GLU B 166 24.47 -13.51 11.99
CA GLU B 166 24.96 -13.57 13.36
CA GLU B 166 24.96 -13.54 13.36
C GLU B 166 23.80 -13.16 14.26
N VAL B 167 23.37 -14.08 15.13
CA VAL B 167 22.16 -13.88 15.94
C VAL B 167 22.53 -14.03 17.41
N SER B 168 22.25 -12.99 18.19
CA SER B 168 22.47 -13.00 19.64
C SER B 168 21.17 -13.34 20.35
N VAL B 169 21.26 -14.29 21.29
CA VAL B 169 20.09 -14.81 22.01
C VAL B 169 20.47 -15.06 23.45
N PRO B 170 19.49 -15.12 24.35
CA PRO B 170 19.78 -15.56 25.72
C PRO B 170 20.53 -16.88 25.68
N LYS B 171 21.54 -17.00 26.55
CA LYS B 171 22.45 -18.14 26.45
C LYS B 171 21.77 -19.47 26.74
N GLU B 172 20.58 -19.46 27.33
CA GLU B 172 19.87 -20.70 27.59
C GLU B 172 19.18 -21.27 26.36
N LEU B 173 19.10 -20.50 25.28
CA LEU B 173 18.34 -20.87 24.10
C LEU B 173 19.27 -21.18 22.94
N VAL B 174 18.67 -21.78 21.91
CA VAL B 174 19.36 -22.17 20.69
C VAL B 174 18.70 -21.43 19.54
N ALA B 175 19.50 -20.88 18.64
CA ALA B 175 19.01 -20.28 17.41
C ALA B 175 19.30 -21.21 16.25
N LEU B 176 18.35 -21.35 15.34
CA LEU B 176 18.54 -22.05 14.07
C LEU B 176 18.00 -21.19 12.94
N MET B 177 18.57 -21.38 11.76
CA MET B 177 18.13 -20.63 10.58
C MET B 177 18.16 -21.54 9.37
N SER B 178 17.59 -21.02 8.28
CA SER B 178 17.55 -21.75 7.01
C SER B 178 18.91 -21.66 6.32
N ALA B 179 19.90 -22.25 6.98
CA ALA B 179 21.28 -22.11 6.57
C ALA B 179 22.12 -23.14 7.32
N ILE B 180 23.38 -23.25 6.92
CA ILE B 180 24.31 -24.16 7.58
C ILE B 180 24.82 -23.52 8.86
N ARG B 181 24.83 -24.28 9.94
CA ARG B 181 25.27 -23.75 11.23
C ARG B 181 26.77 -23.51 11.18
N ASP B 182 27.19 -22.35 11.67
CA ASP B 182 28.56 -21.89 11.51
C ASP B 182 29.15 -21.53 12.85
N GLY B 183 28.78 -22.25 13.89
CA GLY B 183 29.39 -22.11 15.19
C GLY B 183 28.58 -21.26 16.15
N GLU B 184 28.97 -21.32 17.43
CA GLU B 184 28.38 -20.54 18.49
C GLU B 184 29.49 -20.03 19.41
N THR B 185 29.23 -18.89 20.05
CA THR B 185 30.18 -18.28 20.96
C THR B 185 29.42 -17.50 22.02
N PRO B 186 29.98 -17.31 23.21
CA PRO B 186 29.38 -16.36 24.14
C PRO B 186 29.36 -14.96 23.55
N ASP B 187 28.29 -14.23 23.80
CA ASP B 187 28.18 -12.87 23.28
C ASP B 187 29.20 -11.98 23.99
N PRO B 188 30.19 -11.43 23.30
CA PRO B 188 31.19 -10.61 24.00
C PRO B 188 30.59 -9.43 24.75
N GLU B 189 29.53 -8.83 24.22
CA GLU B 189 28.95 -7.63 24.79
C GLU B 189 27.93 -7.90 25.90
N ASP B 190 27.64 -9.17 26.18
CA ASP B 190 26.60 -9.49 27.15
C ASP B 190 26.76 -10.94 27.61
N PRO B 191 27.29 -11.19 28.80
CA PRO B 191 27.52 -12.58 29.23
C PRO B 191 26.25 -13.39 29.38
N SER B 192 25.07 -12.77 29.39
CA SER B 192 23.82 -13.50 29.48
C SER B 192 23.37 -14.08 28.14
N ARG B 193 24.14 -13.87 27.07
CA ARG B 193 23.70 -14.19 25.73
C ARG B 193 24.78 -14.98 25.00
N LYS B 194 24.34 -15.67 23.95
CA LYS B 194 25.19 -16.41 23.03
C LYS B 194 24.99 -15.84 21.64
N ILE B 195 25.98 -16.06 20.77
CA ILE B 195 25.87 -15.69 19.37
C ILE B 195 26.00 -16.94 18.52
N TYR B 196 25.00 -17.19 17.70
CA TYR B 196 25.02 -18.28 16.73
C TYR B 196 25.23 -17.70 15.34
N LYS B 197 26.07 -18.36 14.54
CA LYS B 197 26.39 -17.93 13.19
C LYS B 197 25.85 -18.92 12.16
N PHE B 198 25.55 -18.40 10.96
CA PHE B 198 24.90 -19.21 9.92
C PHE B 198 25.42 -18.78 8.56
N ILE B 199 25.45 -19.73 7.63
CA ILE B 199 25.96 -19.49 6.28
C ILE B 199 25.04 -20.20 5.29
N GLN B 200 24.47 -19.43 4.34
CA GLN B 200 23.69 -19.97 3.22
C GLN B 200 24.40 -19.56 1.93
N LYS B 201 25.09 -20.51 1.31
CA LYS B 201 25.82 -20.24 0.09
C LYS B 201 24.99 -20.44 -1.17
N VAL B 202 23.81 -21.04 -1.06
CA VAL B 202 22.95 -21.22 -2.23
C VAL B 202 22.03 -20.00 -2.32
N PRO B 203 21.96 -19.32 -3.46
CA PRO B 203 21.05 -18.17 -3.57
C PRO B 203 19.62 -18.59 -3.37
N ILE B 204 18.90 -17.84 -2.54
CA ILE B 204 17.51 -18.14 -2.20
C ILE B 204 16.64 -16.90 -2.36
N PRO B 205 15.36 -17.05 -2.67
CA PRO B 205 14.43 -15.94 -2.47
C PRO B 205 14.30 -15.63 -0.98
N CYS B 206 14.04 -14.37 -0.66
CA CYS B 206 14.03 -13.98 0.75
C CYS B 206 12.87 -14.62 1.52
N TYR B 207 11.84 -15.15 0.85
CA TYR B 207 10.79 -15.80 1.63
C TYR B 207 11.27 -17.08 2.30
N LEU B 208 12.44 -17.59 1.90
CA LEU B 208 13.00 -18.77 2.53
C LEU B 208 13.95 -18.45 3.68
N ILE B 209 14.10 -17.18 4.04
CA ILE B 209 14.80 -16.84 5.27
C ILE B 209 13.94 -17.26 6.45
N ALA B 210 14.56 -17.92 7.43
CA ALA B 210 13.81 -18.45 8.57
C ALA B 210 14.67 -18.40 9.83
N LEU B 211 14.01 -18.15 10.97
CA LEU B 211 14.67 -18.07 12.26
C LEU B 211 13.81 -18.75 13.32
N VAL B 212 14.44 -19.54 14.17
CA VAL B 212 13.78 -20.09 15.34
C VAL B 212 14.74 -19.93 16.52
N VAL B 213 14.18 -19.57 17.68
CA VAL B 213 14.94 -19.44 18.91
C VAL B 213 14.12 -20.06 20.02
N GLY B 214 14.69 -21.03 20.72
CA GLY B 214 14.00 -21.69 21.82
C GLY B 214 14.90 -22.72 22.47
N ALA B 215 14.33 -23.43 23.45
CA ALA B 215 15.06 -24.47 24.16
C ALA B 215 14.98 -25.75 23.33
N LEU B 216 15.85 -25.83 22.32
CA LEU B 216 15.81 -26.89 21.32
C LEU B 216 16.88 -27.94 21.58
N GLU B 217 16.50 -29.21 21.43
CA GLU B 217 17.41 -30.34 21.45
C GLU B 217 17.25 -31.12 20.15
N SER B 218 18.16 -32.07 19.91
CA SER B 218 18.19 -32.73 18.62
C SER B 218 18.47 -34.22 18.79
N ARG B 219 18.03 -34.96 17.78
CA ARG B 219 18.37 -36.35 17.55
C ARG B 219 18.78 -36.51 16.10
N GLN B 220 19.84 -37.27 15.85
CA GLN B 220 20.26 -37.56 14.50
C GLN B 220 19.50 -38.77 13.96
N ILE B 221 18.94 -38.63 12.76
CA ILE B 221 18.17 -39.68 12.13
C ILE B 221 18.64 -40.00 10.72
N GLY B 222 19.71 -39.37 10.26
CA GLY B 222 20.27 -39.67 8.98
C GLY B 222 21.62 -38.98 8.87
N PRO B 223 22.41 -39.39 7.89
CA PRO B 223 23.77 -38.82 7.76
C PRO B 223 23.78 -37.31 7.63
N ARG B 224 22.69 -36.70 7.16
CA ARG B 224 22.64 -35.26 6.96
C ARG B 224 21.37 -34.68 7.57
N THR B 225 20.80 -35.34 8.57
CA THR B 225 19.52 -34.93 9.12
C THR B 225 19.55 -35.02 10.64
N LEU B 226 19.36 -33.89 11.29
CA LEU B 226 19.00 -33.82 12.69
C LEU B 226 17.54 -33.41 12.80
N VAL B 227 16.82 -34.01 13.74
CA VAL B 227 15.47 -33.56 14.08
CA VAL B 227 15.46 -33.58 14.08
C VAL B 227 15.56 -32.72 15.35
N TRP B 228 14.97 -31.53 15.29
CA TRP B 228 15.01 -30.56 16.38
C TRP B 228 13.62 -30.39 16.98
N SER B 229 13.56 -30.21 18.29
CA SER B 229 12.35 -29.78 18.97
C SER B 229 12.70 -29.55 20.43
N GLU B 230 11.72 -29.10 21.21
CA GLU B 230 11.84 -29.17 22.65
C GLU B 230 12.03 -30.63 23.08
N LYS B 231 12.68 -30.82 24.22
CA LYS B 231 13.05 -32.17 24.65
C LYS B 231 11.84 -33.10 24.72
N GLU B 232 10.65 -32.55 25.00
CA GLU B 232 9.50 -33.41 25.21
C GLU B 232 9.08 -34.16 23.95
N GLN B 233 9.38 -33.62 22.77
CA GLN B 233 8.98 -34.20 21.49
C GLN B 233 10.15 -34.78 20.68
N VAL B 234 11.39 -34.65 21.14
CA VAL B 234 12.55 -35.01 20.33
C VAL B 234 12.47 -36.45 19.86
N GLU B 235 12.36 -37.38 20.80
CA GLU B 235 12.42 -38.81 20.44
C GLU B 235 11.23 -39.23 19.60
N LYS B 236 10.04 -38.85 20.01
CA LYS B 236 8.84 -39.15 19.23
C LYS B 236 8.97 -38.62 17.81
N SER B 237 9.57 -37.45 17.65
CA SER B 237 9.76 -36.91 16.31
C SER B 237 10.78 -37.72 15.53
N ALA B 238 11.85 -38.16 16.18
CA ALA B 238 12.86 -38.95 15.49
C ALA B 238 12.25 -40.24 14.94
N TYR B 239 11.36 -40.87 15.71
CA TYR B 239 10.67 -42.05 15.21
C TYR B 239 9.72 -41.70 14.07
N GLU B 240 8.87 -40.70 14.27
CA GLU B 240 7.84 -40.38 13.29
C GLU B 240 8.42 -40.14 11.90
N PHE B 241 9.62 -39.55 11.83
CA PHE B 241 10.21 -39.10 10.58
C PHE B 241 11.44 -39.92 10.19
N SER B 242 11.53 -41.18 10.65
CA SER B 242 12.68 -42.03 10.36
C SER B 242 12.88 -42.27 8.87
N GLU B 243 11.84 -42.08 8.05
CA GLU B 243 11.93 -42.32 6.61
C GLU B 243 12.63 -41.18 5.86
N THR B 244 13.01 -40.11 6.55
CA THR B 244 13.51 -38.91 5.87
C THR B 244 14.68 -39.21 4.93
N GLU B 245 15.72 -39.90 5.41
CA GLU B 245 16.88 -40.11 4.55
C GLU B 245 16.52 -40.93 3.31
N SER B 246 15.73 -41.99 3.47
CA SER B 246 15.31 -42.78 2.31
C SER B 246 14.52 -41.93 1.33
N MET B 247 13.74 -40.97 1.82
CA MET B 247 13.02 -40.08 0.94
C MET B 247 13.96 -39.11 0.22
N LEU B 248 15.00 -38.64 0.91
CA LEU B 248 15.99 -37.77 0.28
C LEU B 248 16.72 -38.49 -0.85
N LYS B 249 17.07 -39.76 -0.63
CA LYS B 249 17.74 -40.53 -1.67
C LYS B 249 16.85 -40.67 -2.90
N ILE B 250 15.57 -40.96 -2.69
CA ILE B 250 14.64 -41.07 -3.80
C ILE B 250 14.55 -39.73 -4.53
N ALA B 251 14.33 -38.66 -3.75
CA ALA B 251 14.23 -37.33 -4.34
C ALA B 251 15.46 -36.98 -5.17
N GLU B 252 16.65 -37.32 -4.69
CA GLU B 252 17.86 -37.02 -5.47
C GLU B 252 17.84 -37.77 -6.79
N ASP B 253 17.31 -39.00 -6.79
CA ASP B 253 17.21 -39.76 -8.03
C ASP B 253 16.21 -39.13 -8.99
N LEU B 254 15.15 -38.50 -8.47
CA LEU B 254 14.15 -37.87 -9.31
C LEU B 254 14.57 -36.50 -9.78
N GLY B 255 15.17 -35.71 -8.90
CA GLY B 255 15.35 -34.30 -9.17
C GLY B 255 16.78 -33.89 -9.44
N GLY B 256 17.72 -34.81 -9.29
CA GLY B 256 19.13 -34.49 -9.36
C GLY B 256 19.70 -34.20 -7.98
N PRO B 257 20.94 -33.72 -7.92
CA PRO B 257 21.63 -33.63 -6.63
C PRO B 257 20.95 -32.67 -5.65
N TYR B 258 20.98 -33.05 -4.38
CA TYR B 258 20.58 -32.19 -3.28
C TYR B 258 21.73 -31.23 -3.03
N VAL B 259 21.50 -29.92 -3.26
CA VAL B 259 22.59 -28.94 -3.26
C VAL B 259 22.74 -28.22 -1.92
N TRP B 260 21.90 -28.50 -0.93
CA TRP B 260 21.78 -27.65 0.25
C TRP B 260 22.65 -28.08 1.42
N GLY B 261 23.34 -29.22 1.31
CA GLY B 261 24.21 -29.67 2.38
C GLY B 261 23.46 -30.46 3.42
N GLN B 262 22.86 -29.77 4.39
CA GLN B 262 22.12 -30.40 5.46
C GLN B 262 20.63 -30.43 5.12
N TYR B 263 19.93 -31.45 5.61
CA TYR B 263 18.46 -31.45 5.60
C TYR B 263 17.99 -31.75 7.02
N ASP B 264 17.86 -30.71 7.82
CA ASP B 264 17.38 -30.84 9.19
C ASP B 264 15.87 -30.63 9.24
N LEU B 265 15.26 -31.20 10.26
CA LEU B 265 13.83 -31.05 10.54
C LEU B 265 13.64 -30.36 11.89
N LEU B 266 12.70 -29.42 11.93
CA LEU B 266 12.33 -28.72 13.15
C LEU B 266 10.85 -28.95 13.39
N VAL B 267 10.50 -29.53 14.53
CA VAL B 267 9.11 -29.70 14.93
C VAL B 267 8.74 -28.51 15.81
N LEU B 268 7.83 -27.68 15.33
CA LEU B 268 7.50 -26.43 16.00
C LEU B 268 6.41 -26.63 17.06
N PRO B 269 6.08 -25.57 17.81
CA PRO B 269 4.92 -25.64 18.70
C PRO B 269 3.64 -25.80 17.90
N PRO B 270 2.54 -26.16 18.56
CA PRO B 270 1.31 -26.49 17.82
C PRO B 270 0.73 -25.31 17.04
N SER B 271 1.09 -24.08 17.35
CA SER B 271 0.54 -22.92 16.65
C SER B 271 1.18 -22.68 15.27
N PHE B 272 2.07 -23.54 14.82
CA PHE B 272 2.66 -23.34 13.50
C PHE B 272 1.55 -23.41 12.45
N PRO B 273 1.41 -22.42 11.57
CA PRO B 273 0.19 -22.34 10.73
C PRO B 273 0.11 -23.37 9.62
N TYR B 274 1.20 -24.02 9.23
CA TYR B 274 1.22 -24.90 8.08
C TYR B 274 1.65 -26.31 8.48
N GLY B 275 1.40 -27.26 7.59
CA GLY B 275 1.87 -28.62 7.83
C GLY B 275 3.38 -28.69 7.75
N GLY B 276 3.97 -27.97 6.80
CA GLY B 276 5.41 -27.88 6.70
C GLY B 276 5.79 -26.58 6.02
N MET B 277 7.04 -26.20 6.18
CA MET B 277 7.62 -25.10 5.44
C MET B 277 9.04 -25.49 5.08
N ALA B 278 9.34 -25.48 3.78
CA ALA B 278 10.58 -26.04 3.26
C ALA B 278 11.71 -25.01 3.29
N ASN B 279 11.97 -24.48 4.47
CA ASN B 279 13.11 -23.58 4.62
C ASN B 279 14.40 -24.33 4.32
N PRO B 280 15.27 -23.81 3.45
CA PRO B 280 16.47 -24.56 3.07
C PRO B 280 17.33 -24.91 4.28
N CYS B 281 17.73 -26.18 4.35
CA CYS B 281 18.57 -26.77 5.37
C CYS B 281 17.78 -27.06 6.66
N LEU B 282 16.55 -26.59 6.79
CA LEU B 282 15.80 -26.69 8.03
C LEU B 282 14.29 -26.62 7.77
N THR B 283 13.71 -27.74 7.36
CA THR B 283 12.27 -27.79 7.18
C THR B 283 11.56 -27.62 8.53
N PHE B 284 10.54 -26.77 8.56
CA PHE B 284 9.66 -26.62 9.71
C PHE B 284 8.47 -27.56 9.53
N VAL B 285 8.05 -28.24 10.61
CA VAL B 285 6.87 -29.11 10.52
C VAL B 285 5.95 -28.90 11.72
N THR B 286 4.66 -29.14 11.48
CA THR B 286 3.68 -29.11 12.55
C THR B 286 3.81 -30.36 13.43
N PRO B 287 3.61 -30.24 14.74
CA PRO B 287 3.56 -31.43 15.59
C PRO B 287 2.30 -32.27 15.37
N THR B 288 1.31 -31.76 14.63
CA THR B 288 0.17 -32.58 14.29
C THR B 288 0.51 -33.68 13.29
N LEU B 289 1.76 -33.77 12.83
CA LEU B 289 2.21 -34.95 12.09
C LEU B 289 2.56 -36.14 12.99
N LEU B 290 2.63 -35.93 14.30
CA LEU B 290 3.04 -36.99 15.23
C LEU B 290 1.86 -37.93 15.51
N ALA B 291 1.55 -38.74 14.51
CA ALA B 291 0.45 -39.70 14.60
C ALA B 291 0.84 -40.98 15.34
N GLY B 292 2.14 -41.27 15.48
CA GLY B 292 2.60 -42.46 16.16
C GLY B 292 2.89 -43.63 15.25
N ASP B 293 2.61 -43.51 13.95
CA ASP B 293 2.77 -44.62 13.03
C ASP B 293 3.41 -44.21 11.70
N LYS B 294 3.92 -42.98 11.60
CA LYS B 294 4.58 -42.48 10.39
CA LYS B 294 4.58 -42.48 10.40
C LYS B 294 3.62 -42.30 9.22
N SER B 295 2.31 -42.32 9.46
CA SER B 295 1.36 -42.33 8.37
C SER B 295 1.21 -40.98 7.68
N LEU B 296 1.66 -39.88 8.30
CA LEU B 296 1.55 -38.56 7.70
C LEU B 296 2.86 -38.08 7.09
N SER B 297 3.74 -39.01 6.70
CA SER B 297 5.07 -38.65 6.23
C SER B 297 5.07 -38.07 4.83
N ASN B 298 3.95 -38.09 4.10
CA ASN B 298 3.91 -37.41 2.82
C ASN B 298 4.23 -35.92 2.97
N VAL B 299 3.90 -35.34 4.12
CA VAL B 299 4.25 -33.95 4.37
C VAL B 299 5.77 -33.79 4.35
N ILE B 300 6.50 -34.73 4.94
CA ILE B 300 7.95 -34.72 4.86
C ILE B 300 8.41 -34.83 3.41
N ALA B 301 7.84 -35.79 2.67
CA ALA B 301 8.20 -35.93 1.27
C ALA B 301 7.93 -34.66 0.49
N HIS B 302 6.84 -33.96 0.83
CA HIS B 302 6.52 -32.69 0.19
C HIS B 302 7.60 -31.66 0.45
N GLU B 303 7.94 -31.43 1.72
CA GLU B 303 8.95 -30.43 2.05
C GLU B 303 10.30 -30.79 1.44
N ILE B 304 10.66 -32.07 1.46
CA ILE B 304 11.90 -32.51 0.81
C ILE B 304 11.90 -32.09 -0.66
N SER B 305 10.78 -32.33 -1.35
CA SER B 305 10.74 -32.08 -2.79
C SER B 305 10.93 -30.60 -3.10
N HIS B 306 10.58 -29.72 -2.17
CA HIS B 306 10.79 -28.28 -2.37
C HIS B 306 12.26 -27.95 -2.51
N SER B 307 13.15 -28.81 -2.02
CA SER B 307 14.59 -28.62 -2.22
C SER B 307 14.96 -28.54 -3.69
N TRP B 308 14.07 -29.01 -4.58
CA TRP B 308 14.24 -28.86 -6.01
C TRP B 308 13.19 -27.92 -6.58
N THR B 309 11.91 -28.25 -6.46
CA THR B 309 10.82 -27.46 -7.05
C THR B 309 10.35 -26.43 -6.02
N GLY B 310 10.79 -25.19 -6.18
CA GLY B 310 10.44 -24.12 -5.26
C GLY B 310 11.68 -23.41 -4.74
N ASN B 311 12.57 -24.15 -4.07
CA ASN B 311 13.76 -23.54 -3.50
C ASN B 311 14.87 -23.39 -4.53
N LEU B 312 15.00 -24.36 -5.43
CA LEU B 312 16.02 -24.31 -6.47
C LEU B 312 15.48 -23.67 -7.75
N VAL B 313 14.35 -24.16 -8.24
CA VAL B 313 13.57 -23.50 -9.27
C VAL B 313 12.42 -22.80 -8.59
N THR B 314 12.36 -21.47 -8.69
CA THR B 314 11.47 -20.66 -7.88
C THR B 314 10.46 -19.91 -8.75
N ASN B 315 9.22 -19.77 -8.28
CA ASN B 315 8.25 -18.97 -9.01
C ASN B 315 8.66 -17.49 -8.98
N LYS B 316 8.62 -16.84 -10.16
CA LYS B 316 9.13 -15.49 -10.28
C LYS B 316 8.22 -14.49 -9.55
N THR B 317 6.91 -14.72 -9.57
CA THR B 317 5.97 -14.02 -8.72
C THR B 317 4.95 -15.02 -8.19
N TRP B 318 4.18 -14.58 -7.21
CA TRP B 318 3.20 -15.47 -6.59
C TRP B 318 1.99 -15.74 -7.49
N ASP B 319 1.84 -15.03 -8.61
CA ASP B 319 0.84 -15.43 -9.59
C ASP B 319 1.14 -16.81 -10.16
N HIS B 320 2.42 -17.20 -10.17
CA HIS B 320 2.84 -18.49 -10.70
C HIS B 320 3.18 -19.48 -9.59
N PHE B 321 2.54 -19.32 -8.44
CA PHE B 321 2.73 -20.19 -7.29
C PHE B 321 2.53 -21.68 -7.63
N TRP B 322 1.69 -21.98 -8.62
CA TRP B 322 1.45 -23.38 -8.95
C TRP B 322 2.72 -24.09 -9.41
N LEU B 323 3.68 -23.36 -9.99
CA LEU B 323 4.93 -23.98 -10.39
C LEU B 323 5.63 -24.60 -9.20
N ASN B 324 5.66 -23.89 -8.08
CA ASN B 324 6.25 -24.40 -6.85
C ASN B 324 5.50 -25.63 -6.34
N GLU B 325 4.19 -25.50 -6.17
CA GLU B 325 3.43 -26.50 -5.43
C GLU B 325 2.95 -27.65 -6.30
N GLY B 326 2.49 -27.35 -7.52
CA GLY B 326 2.05 -28.42 -8.40
C GLY B 326 3.15 -29.44 -8.64
N HIS B 327 4.36 -28.95 -8.93
CA HIS B 327 5.49 -29.85 -9.16
C HIS B 327 5.93 -30.53 -7.88
N THR B 328 5.81 -29.84 -6.75
CA THR B 328 6.22 -30.43 -5.48
C THR B 328 5.27 -31.54 -5.07
N VAL B 329 3.96 -31.35 -5.27
CA VAL B 329 3.02 -32.44 -4.99
C VAL B 329 3.28 -33.60 -5.94
N TYR B 330 3.62 -33.30 -7.20
CA TYR B 330 3.91 -34.35 -8.16
C TYR B 330 5.10 -35.18 -7.69
N LEU B 331 6.19 -34.52 -7.27
CA LEU B 331 7.34 -35.25 -6.73
C LEU B 331 7.00 -35.97 -5.43
N GLU B 332 6.31 -35.27 -4.52
CA GLU B 332 5.86 -35.88 -3.27
C GLU B 332 5.23 -37.25 -3.51
N ARG B 333 4.31 -37.32 -4.47
CA ARG B 333 3.55 -38.55 -4.67
C ARG B 333 4.36 -39.60 -5.41
N HIS B 334 5.40 -39.19 -6.16
CA HIS B 334 6.33 -40.16 -6.70
C HIS B 334 7.22 -40.76 -5.61
N ILE B 335 7.60 -39.97 -4.61
CA ILE B 335 8.39 -40.50 -3.50
C ILE B 335 7.57 -41.55 -2.75
N CYS B 336 6.35 -41.20 -2.38
CA CYS B 336 5.51 -42.14 -1.65
C CYS B 336 5.13 -43.34 -2.51
N GLY B 337 5.04 -43.16 -3.83
CA GLY B 337 4.83 -44.28 -4.72
C GLY B 337 6.03 -45.22 -4.76
N ARG B 338 7.23 -44.66 -4.79
N ARG B 338 7.24 -44.67 -4.73
CA ARG B 338 8.43 -45.48 -4.67
CA ARG B 338 8.43 -45.50 -4.68
C ARG B 338 8.40 -46.31 -3.38
C ARG B 338 8.52 -46.27 -3.37
N LEU B 339 8.08 -45.66 -2.26
CA LEU B 339 8.19 -46.34 -0.97
C LEU B 339 7.10 -47.36 -0.77
N PHE B 340 5.88 -47.10 -1.26
CA PHE B 340 4.72 -47.92 -0.91
C PHE B 340 3.94 -48.44 -2.11
N GLY B 341 4.33 -48.12 -3.33
CA GLY B 341 3.75 -48.76 -4.49
C GLY B 341 2.94 -47.80 -5.34
N GLU B 342 2.91 -48.09 -6.64
CA GLU B 342 2.20 -47.23 -7.60
C GLU B 342 0.71 -47.15 -7.30
N LYS B 343 0.10 -48.22 -6.78
CA LYS B 343 -1.31 -48.14 -6.41
C LYS B 343 -1.53 -47.08 -5.33
N PHE B 344 -0.57 -46.93 -4.42
CA PHE B 344 -0.73 -45.93 -3.37
C PHE B 344 -0.56 -44.51 -3.91
N ARG B 345 0.34 -44.33 -4.90
CA ARG B 345 0.45 -43.03 -5.56
C ARG B 345 -0.88 -42.62 -6.17
N HIS B 346 -1.51 -43.52 -6.93
CA HIS B 346 -2.80 -43.21 -7.53
C HIS B 346 -3.85 -42.94 -6.46
N PHE B 347 -3.82 -43.69 -5.36
CA PHE B 347 -4.75 -43.46 -4.26
C PHE B 347 -4.63 -42.02 -3.74
N ASN B 348 -3.42 -41.57 -3.46
CA ASN B 348 -3.22 -40.20 -3.01
C ASN B 348 -3.54 -39.21 -4.11
N ALA B 349 -3.21 -39.55 -5.36
CA ALA B 349 -3.56 -38.68 -6.48
C ALA B 349 -5.07 -38.45 -6.51
N LEU B 350 -5.85 -39.52 -6.42
CA LEU B 350 -7.29 -39.39 -6.48
C LEU B 350 -7.83 -38.62 -5.27
N GLY B 351 -7.29 -38.89 -4.08
CA GLY B 351 -7.69 -38.13 -2.92
C GLY B 351 -7.43 -36.65 -3.09
N GLY B 352 -6.32 -36.31 -3.75
CA GLY B 352 -6.02 -34.91 -4.03
C GLY B 352 -7.01 -34.27 -4.98
N TRP B 353 -7.50 -35.04 -5.96
CA TRP B 353 -8.58 -34.54 -6.80
C TRP B 353 -9.82 -34.25 -5.97
N GLY B 354 -10.13 -35.12 -5.00
CA GLY B 354 -11.22 -34.83 -4.07
C GLY B 354 -11.03 -33.51 -3.35
N GLU B 355 -9.82 -33.25 -2.86
N GLU B 355 -9.82 -33.23 -2.88
CA GLU B 355 -9.51 -31.97 -2.23
CA GLU B 355 -9.56 -31.96 -2.21
C GLU B 355 -9.76 -30.82 -3.19
C GLU B 355 -9.70 -30.79 -3.18
N LEU B 356 -9.38 -30.99 -4.45
CA LEU B 356 -9.62 -29.95 -5.45
C LEU B 356 -11.12 -29.71 -5.62
N GLN B 357 -11.91 -30.77 -5.67
CA GLN B 357 -13.36 -30.61 -5.71
C GLN B 357 -13.84 -29.77 -4.52
N ASN B 358 -13.32 -30.06 -3.33
CA ASN B 358 -13.70 -29.29 -2.15
C ASN B 358 -13.32 -27.83 -2.30
N SER B 359 -12.12 -27.55 -2.80
CA SER B 359 -11.66 -26.16 -2.93
C SER B 359 -12.51 -25.39 -3.93
N VAL B 360 -12.80 -25.99 -5.08
CA VAL B 360 -13.60 -25.32 -6.09
C VAL B 360 -15.01 -25.07 -5.56
N LYS B 361 -15.54 -26.01 -4.78
CA LYS B 361 -16.88 -25.83 -4.23
C LYS B 361 -16.91 -24.73 -3.19
N THR B 362 -15.86 -24.61 -2.39
CA THR B 362 -15.82 -23.55 -1.37
C THR B 362 -15.72 -22.18 -2.01
N PHE B 363 -14.81 -22.02 -2.98
CA PHE B 363 -14.66 -20.74 -3.67
C PHE B 363 -15.80 -20.47 -4.65
N GLY B 364 -16.37 -21.52 -5.23
CA GLY B 364 -17.31 -21.36 -6.34
C GLY B 364 -16.58 -21.58 -7.65
N GLU B 365 -17.24 -22.24 -8.61
CA GLU B 365 -16.55 -22.71 -9.82
C GLU B 365 -16.13 -21.58 -10.75
N THR B 366 -16.52 -20.33 -10.47
CA THR B 366 -16.12 -19.19 -11.29
C THR B 366 -15.19 -18.23 -10.56
N HIS B 367 -14.73 -18.60 -9.37
CA HIS B 367 -13.91 -17.69 -8.58
C HIS B 367 -12.53 -17.55 -9.22
N PRO B 368 -11.98 -16.33 -9.28
CA PRO B 368 -10.65 -16.18 -9.90
C PRO B 368 -9.55 -16.95 -9.20
N PHE B 369 -9.69 -17.27 -7.92
CA PHE B 369 -8.68 -18.02 -7.19
C PHE B 369 -8.73 -19.51 -7.50
N THR B 370 -9.66 -19.97 -8.33
CA THR B 370 -9.63 -21.34 -8.80
C THR B 370 -8.91 -21.48 -10.13
N LYS B 371 -8.43 -20.37 -10.68
CA LYS B 371 -7.53 -20.44 -11.82
C LYS B 371 -6.17 -20.99 -11.38
N LEU B 372 -5.49 -21.65 -12.31
CA LEU B 372 -4.15 -22.14 -12.03
C LEU B 372 -3.16 -20.98 -11.94
N VAL B 373 -3.16 -20.11 -12.94
CA VAL B 373 -2.38 -18.88 -12.92
C VAL B 373 -3.31 -17.76 -12.46
N VAL B 374 -2.95 -17.10 -11.37
CA VAL B 374 -3.83 -16.12 -10.74
C VAL B 374 -3.28 -14.71 -11.01
N ASP B 375 -4.07 -13.72 -10.63
CA ASP B 375 -3.66 -12.32 -10.68
C ASP B 375 -3.92 -11.73 -9.29
N LEU B 376 -2.86 -11.54 -8.52
CA LEU B 376 -2.95 -11.11 -7.13
C LEU B 376 -2.93 -9.58 -6.98
N THR B 377 -3.11 -8.82 -8.07
CA THR B 377 -3.23 -7.37 -7.95
C THR B 377 -4.23 -7.02 -6.86
N ASP B 378 -3.75 -6.31 -5.84
CA ASP B 378 -4.59 -5.84 -4.74
C ASP B 378 -5.19 -6.98 -3.93
N ILE B 379 -4.60 -8.18 -3.99
CA ILE B 379 -5.03 -9.33 -3.22
C ILE B 379 -3.91 -9.72 -2.25
N ASP B 380 -4.28 -9.96 -0.99
CA ASP B 380 -3.34 -10.48 -0.01
C ASP B 380 -3.11 -11.97 -0.27
N PRO B 381 -1.87 -12.41 -0.55
CA PRO B 381 -1.66 -13.83 -0.84
C PRO B 381 -2.15 -14.76 0.26
N ASP B 382 -2.16 -14.30 1.52
CA ASP B 382 -2.64 -15.17 2.60
C ASP B 382 -4.12 -15.45 2.45
N VAL B 383 -4.88 -14.51 1.88
CA VAL B 383 -6.31 -14.68 1.68
C VAL B 383 -6.60 -15.55 0.47
N ALA B 384 -5.78 -15.42 -0.57
CA ALA B 384 -5.97 -16.22 -1.77
C ALA B 384 -5.45 -17.65 -1.63
N TYR B 385 -4.67 -17.92 -0.60
CA TYR B 385 -4.03 -19.22 -0.45
C TYR B 385 -5.07 -20.32 -0.35
N SER B 386 -4.88 -21.40 -1.11
CA SER B 386 -5.78 -22.55 -1.08
C SER B 386 -5.03 -23.75 -1.67
N SER B 387 -5.72 -24.88 -1.72
CA SER B 387 -5.15 -26.08 -2.32
C SER B 387 -5.29 -26.12 -3.84
N VAL B 388 -5.90 -25.10 -4.45
CA VAL B 388 -6.03 -25.08 -5.91
C VAL B 388 -4.68 -25.21 -6.60
N PRO B 389 -3.68 -24.36 -6.33
CA PRO B 389 -2.40 -24.48 -7.05
C PRO B 389 -1.74 -25.82 -6.81
N TYR B 390 -1.91 -26.40 -5.63
CA TYR B 390 -1.38 -27.73 -5.34
C TYR B 390 -2.04 -28.79 -6.22
N GLU B 391 -3.37 -28.85 -6.21
CA GLU B 391 -4.07 -30.01 -6.74
C GLU B 391 -4.46 -29.82 -8.21
N LYS B 392 -4.84 -28.61 -8.62
CA LYS B 392 -4.99 -28.38 -10.06
C LYS B 392 -3.63 -28.43 -10.75
N GLY B 393 -2.59 -27.95 -10.06
CA GLY B 393 -1.25 -28.07 -10.61
C GLY B 393 -0.80 -29.51 -10.73
N PHE B 394 -1.01 -30.30 -9.69
CA PHE B 394 -0.71 -31.72 -9.79
C PHE B 394 -1.52 -32.38 -10.89
N ALA B 395 -2.81 -32.06 -10.96
CA ALA B 395 -3.67 -32.69 -11.96
C ALA B 395 -3.16 -32.41 -13.37
N LEU B 396 -2.72 -31.18 -13.63
CA LEU B 396 -2.15 -30.87 -14.93
C LEU B 396 -0.94 -31.76 -15.22
N LEU B 397 -0.05 -31.91 -14.23
CA LEU B 397 1.16 -32.69 -14.44
C LEU B 397 0.85 -34.18 -14.57
N PHE B 398 -0.12 -34.67 -13.79
CA PHE B 398 -0.51 -36.08 -13.88
C PHE B 398 -1.16 -36.37 -15.24
N TYR B 399 -2.06 -35.48 -15.66
CA TYR B 399 -2.64 -35.57 -16.99
C TYR B 399 -1.56 -35.60 -18.06
N LEU B 400 -0.60 -34.68 -17.99
CA LEU B 400 0.47 -34.64 -18.98
C LEU B 400 1.33 -35.90 -18.93
N GLU B 401 1.67 -36.38 -17.73
CA GLU B 401 2.33 -37.67 -17.60
C GLU B 401 1.63 -38.73 -18.43
N GLN B 402 0.33 -38.90 -18.23
CA GLN B 402 -0.39 -39.95 -18.93
C GLN B 402 -0.51 -39.65 -20.41
N LEU B 403 -0.53 -38.38 -20.79
CA LEU B 403 -0.62 -37.99 -22.18
C LEU B 403 0.68 -38.24 -22.94
N LEU B 404 1.82 -38.08 -22.28
CA LEU B 404 3.12 -38.03 -22.97
C LEU B 404 3.92 -39.32 -22.86
N GLY B 405 3.36 -40.38 -22.29
CA GLY B 405 4.06 -41.66 -22.29
C GLY B 405 4.24 -42.33 -20.96
N GLY B 406 3.82 -41.69 -19.87
CA GLY B 406 3.85 -42.31 -18.57
C GLY B 406 4.92 -41.76 -17.64
N PRO B 407 4.98 -42.31 -16.42
CA PRO B 407 5.77 -41.65 -15.38
C PRO B 407 7.26 -41.63 -15.65
N GLU B 408 7.84 -42.70 -16.22
CA GLU B 408 9.27 -42.69 -16.45
C GLU B 408 9.64 -41.62 -17.47
N ILE B 409 8.85 -41.48 -18.53
CA ILE B 409 9.11 -40.44 -19.53
C ILE B 409 8.95 -39.06 -18.92
N PHE B 410 7.89 -38.85 -18.12
CA PHE B 410 7.64 -37.51 -17.61
C PHE B 410 8.63 -37.14 -16.51
N LEU B 411 9.13 -38.12 -15.75
CA LEU B 411 10.16 -37.83 -14.78
C LEU B 411 11.45 -37.37 -15.45
N GLY B 412 11.71 -37.85 -16.67
CA GLY B 412 12.85 -37.35 -17.41
C GLY B 412 12.71 -35.89 -17.75
N PHE B 413 11.51 -35.47 -18.14
CA PHE B 413 11.25 -34.06 -18.35
C PHE B 413 11.48 -33.28 -17.06
N LEU B 414 10.93 -33.77 -15.95
CA LEU B 414 11.02 -33.04 -14.70
CA LEU B 414 11.02 -33.05 -14.69
C LEU B 414 12.48 -32.85 -14.27
N LYS B 415 13.31 -33.88 -14.42
CA LYS B 415 14.71 -33.73 -14.04
C LYS B 415 15.40 -32.70 -14.92
N ALA B 416 15.12 -32.74 -16.23
CA ALA B 416 15.74 -31.77 -17.14
C ALA B 416 15.22 -30.36 -16.89
N TYR B 417 13.95 -30.24 -16.52
CA TYR B 417 13.37 -28.95 -16.16
C TYR B 417 14.08 -28.35 -14.95
N VAL B 418 14.27 -29.16 -13.90
CA VAL B 418 14.98 -28.69 -12.71
C VAL B 418 16.40 -28.23 -13.08
N GLU B 419 17.11 -29.04 -13.86
CA GLU B 419 18.49 -28.71 -14.21
CA GLU B 419 18.49 -28.71 -14.21
C GLU B 419 18.54 -27.43 -15.04
N LYS B 420 17.55 -27.22 -15.92
CA LYS B 420 17.59 -26.05 -16.78
C LYS B 420 17.41 -24.75 -16.00
N PHE B 421 16.51 -24.74 -15.00
CA PHE B 421 16.14 -23.53 -14.31
C PHE B 421 16.68 -23.47 -12.88
N SER B 422 17.67 -24.31 -12.58
CA SER B 422 18.24 -24.34 -11.24
C SER B 422 18.85 -22.99 -10.89
N TYR B 423 18.53 -22.52 -9.68
CA TYR B 423 19.00 -21.24 -9.12
C TYR B 423 18.32 -20.04 -9.74
N LYS B 424 17.27 -20.25 -10.52
CA LYS B 424 16.59 -19.18 -11.24
C LYS B 424 15.16 -19.06 -10.75
N SER B 425 14.52 -17.94 -11.13
CA SER B 425 13.09 -17.72 -10.91
C SER B 425 12.41 -17.60 -12.27
N ILE B 426 11.25 -18.23 -12.41
CA ILE B 426 10.62 -18.43 -13.72
C ILE B 426 9.10 -18.26 -13.64
N THR B 427 8.50 -18.13 -14.81
CA THR B 427 7.08 -17.99 -15.03
C THR B 427 6.52 -19.26 -15.66
N THR B 428 5.19 -19.32 -15.72
CA THR B 428 4.52 -20.44 -16.39
C THR B 428 4.94 -20.54 -17.85
N ASP B 429 5.16 -19.40 -18.50
CA ASP B 429 5.60 -19.42 -19.90
C ASP B 429 6.97 -20.06 -20.05
N ASP B 430 7.88 -19.79 -19.12
CA ASP B 430 9.18 -20.47 -19.15
C ASP B 430 8.99 -21.97 -19.07
N TRP B 431 8.11 -22.41 -18.17
CA TRP B 431 7.84 -23.83 -18.00
C TRP B 431 7.25 -24.44 -19.26
N LYS B 432 6.17 -23.84 -19.77
CA LYS B 432 5.48 -24.38 -20.94
C LYS B 432 6.38 -24.40 -22.17
N ASP B 433 7.16 -23.33 -22.36
CA ASP B 433 8.08 -23.30 -23.50
C ASP B 433 9.10 -24.43 -23.42
N PHE B 434 9.62 -24.70 -22.21
CA PHE B 434 10.56 -25.80 -22.09
C PHE B 434 9.88 -27.15 -22.24
N LEU B 435 8.63 -27.26 -21.79
CA LEU B 435 7.88 -28.49 -22.02
C LEU B 435 7.78 -28.78 -23.52
N TYR B 436 7.46 -27.75 -24.32
CA TYR B 436 7.42 -27.92 -25.76
C TYR B 436 8.79 -28.24 -26.32
N SER B 437 9.83 -27.63 -25.76
CA SER B 437 11.19 -27.88 -26.22
C SER B 437 11.63 -29.31 -25.87
N TYR B 438 11.38 -29.75 -24.65
CA TYR B 438 11.78 -31.10 -24.27
C TYR B 438 11.02 -32.15 -25.09
N PHE B 439 9.74 -31.92 -25.34
CA PHE B 439 8.94 -32.88 -26.10
C PHE B 439 8.77 -32.44 -27.56
N LYS B 440 9.87 -32.08 -28.23
CA LYS B 440 9.84 -31.72 -29.65
C LYS B 440 9.11 -32.76 -30.48
N ASP B 441 9.29 -34.04 -30.15
N ASP B 441 9.29 -34.04 -30.13
CA ASP B 441 8.72 -35.11 -30.95
CA ASP B 441 8.73 -35.14 -30.89
C ASP B 441 7.26 -35.40 -30.63
C ASP B 441 7.22 -35.26 -30.76
N LYS B 442 6.62 -34.58 -29.77
CA LYS B 442 5.21 -34.78 -29.43
C LYS B 442 4.46 -33.46 -29.41
N VAL B 443 4.84 -32.52 -30.27
CA VAL B 443 4.18 -31.22 -30.31
C VAL B 443 2.71 -31.40 -30.66
N ASP B 444 2.39 -32.31 -31.59
CA ASP B 444 0.99 -32.54 -31.94
C ASP B 444 0.20 -33.04 -30.73
N VAL B 445 0.82 -33.83 -29.86
CA VAL B 445 0.15 -34.28 -28.66
C VAL B 445 -0.08 -33.11 -27.72
N LEU B 446 0.95 -32.31 -27.47
CA LEU B 446 0.80 -31.15 -26.60
C LEU B 446 -0.24 -30.17 -27.13
N ASN B 447 -0.33 -30.02 -28.45
CA ASN B 447 -1.29 -29.07 -28.99
C ASN B 447 -2.74 -29.53 -28.80
N GLN B 448 -2.95 -30.77 -28.38
CA GLN B 448 -4.28 -31.23 -28.00
C GLN B 448 -4.70 -30.72 -26.63
N VAL B 449 -3.75 -30.24 -25.82
CA VAL B 449 -4.05 -29.77 -24.48
C VAL B 449 -4.83 -28.48 -24.54
N ASP B 450 -5.86 -28.36 -23.71
CA ASP B 450 -6.66 -27.14 -23.62
C ASP B 450 -5.96 -26.17 -22.67
N TRP B 451 -4.85 -25.62 -23.16
CA TRP B 451 -4.01 -24.76 -22.32
C TRP B 451 -4.79 -23.58 -21.77
N ASN B 452 -5.66 -22.99 -22.59
CA ASN B 452 -6.38 -21.79 -22.14
C ASN B 452 -7.24 -22.08 -20.92
N ALA B 453 -7.87 -23.26 -20.89
CA ALA B 453 -8.67 -23.64 -19.73
C ALA B 453 -7.78 -24.10 -18.58
N TRP B 454 -6.81 -24.96 -18.87
CA TRP B 454 -5.95 -25.48 -17.82
C TRP B 454 -5.26 -24.36 -17.06
N LEU B 455 -4.72 -23.37 -17.79
CA LEU B 455 -3.92 -22.32 -17.17
C LEU B 455 -4.75 -21.16 -16.63
N TYR B 456 -5.81 -20.76 -17.33
CA TYR B 456 -6.44 -19.48 -17.07
C TYR B 456 -7.93 -19.53 -16.77
N SER B 457 -8.57 -20.70 -16.83
CA SER B 457 -9.98 -20.73 -16.51
C SER B 457 -10.20 -21.18 -15.06
N PRO B 458 -11.26 -20.70 -14.41
CA PRO B 458 -11.59 -21.15 -13.06
C PRO B 458 -12.27 -22.51 -13.09
N GLY B 459 -12.52 -23.05 -11.89
CA GLY B 459 -13.26 -24.28 -11.75
C GLY B 459 -12.41 -25.53 -11.95
N LEU B 460 -13.11 -26.66 -12.00
CA LEU B 460 -12.42 -27.93 -12.19
C LEU B 460 -11.75 -27.95 -13.56
N PRO B 461 -10.64 -28.67 -13.70
CA PRO B 461 -9.95 -28.74 -15.00
C PRO B 461 -10.87 -29.24 -16.11
N PRO B 462 -10.52 -29.00 -17.37
CA PRO B 462 -11.38 -29.45 -18.48
C PRO B 462 -11.36 -30.96 -18.68
N ILE B 463 -10.44 -31.68 -18.06
CA ILE B 463 -10.34 -33.11 -18.24
C ILE B 463 -9.76 -33.71 -16.98
N LYS B 464 -10.26 -34.88 -16.60
CA LYS B 464 -9.83 -35.56 -15.38
C LYS B 464 -8.85 -36.67 -15.73
N PRO B 465 -7.72 -36.79 -15.05
CA PRO B 465 -6.79 -37.89 -15.34
C PRO B 465 -7.41 -39.24 -15.02
N ASN B 466 -6.68 -40.30 -15.39
CA ASN B 466 -7.08 -41.67 -15.09
C ASN B 466 -6.41 -42.14 -13.81
N TYR B 467 -7.21 -42.71 -12.90
CA TYR B 467 -6.74 -43.15 -11.61
C TYR B 467 -7.03 -44.63 -11.40
N ASP B 468 -6.00 -45.38 -11.01
CA ASP B 468 -6.21 -46.69 -10.43
C ASP B 468 -7.11 -46.58 -9.20
N MET B 469 -8.03 -47.52 -9.06
CA MET B 469 -9.03 -47.49 -8.02
C MET B 469 -8.81 -48.51 -6.91
N THR B 470 -7.79 -49.35 -7.02
CA THR B 470 -7.65 -50.51 -6.14
C THR B 470 -7.87 -50.16 -4.68
N LEU B 471 -7.08 -49.21 -4.16
CA LEU B 471 -7.15 -48.89 -2.74
C LEU B 471 -8.33 -47.99 -2.38
N THR B 472 -8.95 -47.33 -3.38
CA THR B 472 -10.07 -46.44 -3.09
C THR B 472 -11.42 -47.17 -3.03
N ASN B 473 -11.55 -48.31 -3.72
CA ASN B 473 -12.85 -48.98 -3.85
C ASN B 473 -13.49 -49.24 -2.49
N ALA B 474 -12.72 -49.81 -1.55
CA ALA B 474 -13.28 -50.12 -0.24
C ALA B 474 -13.76 -48.87 0.50
N CYS B 475 -13.08 -47.75 0.30
CA CYS B 475 -13.52 -46.49 0.90
C CYS B 475 -14.84 -46.03 0.29
N ILE B 476 -14.97 -46.10 -1.03
CA ILE B 476 -16.22 -45.70 -1.67
C ILE B 476 -17.35 -46.63 -1.22
N ALA B 477 -17.09 -47.94 -1.18
CA ALA B 477 -18.14 -48.87 -0.80
C ALA B 477 -18.68 -48.55 0.59
N LEU B 478 -17.80 -48.33 1.56
CA LEU B 478 -18.26 -48.10 2.92
C LEU B 478 -18.95 -46.75 3.05
N SER B 479 -18.39 -45.72 2.43
CA SER B 479 -19.03 -44.40 2.49
CA SER B 479 -19.03 -44.40 2.47
C SER B 479 -20.44 -44.46 1.91
N GLN B 480 -20.60 -45.10 0.75
CA GLN B 480 -21.93 -45.21 0.15
C GLN B 480 -22.89 -45.96 1.06
N ARG B 481 -22.42 -47.01 1.72
CA ARG B 481 -23.29 -47.74 2.63
C ARG B 481 -23.84 -46.84 3.73
N TRP B 482 -22.99 -45.97 4.29
CA TRP B 482 -23.44 -45.08 5.35
C TRP B 482 -24.32 -43.96 4.81
N ILE B 483 -24.06 -43.50 3.60
CA ILE B 483 -24.83 -42.39 3.04
C ILE B 483 -26.23 -42.84 2.65
N THR B 484 -26.36 -44.02 2.06
CA THR B 484 -27.65 -44.54 1.60
C THR B 484 -28.34 -45.42 2.64
N ALA B 485 -27.85 -45.42 3.88
CA ALA B 485 -28.43 -46.27 4.91
C ALA B 485 -29.67 -45.62 5.52
N LYS B 486 -30.64 -46.45 5.88
CA LYS B 486 -31.80 -46.02 6.65
C LYS B 486 -31.63 -46.43 8.10
N GLU B 487 -32.58 -46.01 8.94
CA GLU B 487 -32.48 -46.29 10.37
C GLU B 487 -32.39 -47.79 10.64
N ASP B 488 -33.04 -48.61 9.81
CA ASP B 488 -33.03 -50.06 10.05
C ASP B 488 -31.77 -50.74 9.55
N ASP B 489 -30.96 -50.06 8.73
CA ASP B 489 -29.68 -50.60 8.31
C ASP B 489 -28.57 -50.33 9.32
N LEU B 490 -28.81 -49.46 10.30
CA LEU B 490 -27.73 -49.01 11.16
C LEU B 490 -27.15 -50.13 12.01
N ASN B 491 -28.00 -51.07 12.45
N ASN B 491 -28.00 -51.08 12.44
CA ASN B 491 -27.53 -52.15 13.30
CA ASN B 491 -27.51 -52.13 13.31
C ASN B 491 -26.54 -53.06 12.59
C ASN B 491 -26.54 -53.06 12.59
N SER B 492 -26.57 -53.11 11.26
CA SER B 492 -25.66 -53.98 10.53
C SER B 492 -24.22 -53.45 10.51
N PHE B 493 -24.00 -52.15 10.74
CA PHE B 493 -22.64 -51.65 10.80
C PHE B 493 -21.93 -52.21 12.02
N ASN B 494 -20.63 -52.52 11.86
CA ASN B 494 -19.87 -53.18 12.90
C ASN B 494 -18.39 -52.78 12.79
N ALA B 495 -17.68 -52.89 13.92
CA ALA B 495 -16.26 -52.55 13.94
C ALA B 495 -15.50 -53.31 12.86
N THR B 496 -15.88 -54.57 12.62
CA THR B 496 -15.23 -55.37 11.58
C THR B 496 -15.32 -54.74 10.20
N ASP B 497 -16.16 -53.72 10.00
CA ASP B 497 -16.15 -53.00 8.74
C ASP B 497 -14.77 -52.41 8.44
N LEU B 498 -13.98 -52.10 9.48
CA LEU B 498 -12.72 -51.39 9.32
C LEU B 498 -11.50 -52.31 9.28
N LYS B 499 -11.69 -53.62 9.43
CA LYS B 499 -10.56 -54.49 9.74
C LYS B 499 -9.50 -54.47 8.64
N ASP B 500 -9.89 -54.28 7.39
CA ASP B 500 -8.94 -54.32 6.28
C ASP B 500 -8.61 -52.94 5.72
N LEU B 501 -8.82 -51.89 6.50
CA LEU B 501 -8.60 -50.52 6.06
C LEU B 501 -7.42 -49.90 6.82
N SER B 502 -6.48 -49.34 6.08
CA SER B 502 -5.39 -48.60 6.68
C SER B 502 -5.88 -47.25 7.21
N SER B 503 -4.99 -46.55 7.91
CA SER B 503 -5.34 -45.20 8.37
C SER B 503 -5.65 -44.31 7.18
N HIS B 504 -4.91 -44.45 6.08
CA HIS B 504 -5.17 -43.64 4.91
C HIS B 504 -6.57 -43.90 4.36
N GLN B 505 -7.01 -45.16 4.39
CA GLN B 505 -8.33 -45.50 3.86
C GLN B 505 -9.43 -45.05 4.82
N LEU B 506 -9.19 -45.14 6.13
CA LEU B 506 -10.11 -44.52 7.08
C LEU B 506 -10.26 -43.05 6.77
N ASN B 507 -9.14 -42.34 6.61
CA ASN B 507 -9.18 -40.92 6.29
C ASN B 507 -10.00 -40.66 5.02
N GLU B 508 -9.72 -41.43 3.96
CA GLU B 508 -10.44 -41.22 2.71
C GLU B 508 -11.93 -41.56 2.86
N PHE B 509 -12.24 -42.59 3.64
CA PHE B 509 -13.64 -42.89 3.93
C PHE B 509 -14.34 -41.69 4.56
N LEU B 510 -13.70 -41.04 5.53
CA LEU B 510 -14.30 -39.87 6.15
C LEU B 510 -14.39 -38.70 5.16
N ALA B 511 -13.38 -38.55 4.31
CA ALA B 511 -13.41 -37.49 3.31
C ALA B 511 -14.58 -37.66 2.36
N GLN B 512 -14.79 -38.88 1.86
N GLN B 512 -14.77 -38.87 1.82
CA GLN B 512 -15.90 -39.10 0.94
CA GLN B 512 -15.90 -39.13 0.94
C GLN B 512 -17.25 -38.91 1.63
C GLN B 512 -17.21 -38.85 1.66
N THR B 513 -17.35 -39.31 2.90
CA THR B 513 -18.58 -39.09 3.64
C THR B 513 -18.78 -37.60 3.93
N LEU B 514 -17.70 -36.90 4.29
CA LEU B 514 -17.81 -35.47 4.57
C LEU B 514 -18.31 -34.72 3.34
N GLN B 515 -17.98 -35.20 2.14
CA GLN B 515 -18.44 -34.52 0.93
C GLN B 515 -19.96 -34.52 0.81
N ARG B 516 -20.64 -35.41 1.52
CA ARG B 516 -22.09 -35.51 1.47
C ARG B 516 -22.73 -35.22 2.83
N ALA B 517 -22.04 -34.49 3.69
CA ALA B 517 -22.61 -34.06 4.96
C ALA B 517 -23.69 -33.02 4.67
N PRO B 518 -24.69 -32.91 5.57
CA PRO B 518 -24.84 -33.66 6.82
C PRO B 518 -25.40 -35.07 6.63
N LEU B 519 -25.05 -35.97 7.55
CA LEU B 519 -25.77 -37.22 7.71
C LEU B 519 -26.77 -37.09 8.83
N PRO B 520 -27.77 -37.97 8.89
CA PRO B 520 -28.70 -37.95 10.02
C PRO B 520 -27.95 -38.07 11.33
N LEU B 521 -28.44 -37.37 12.36
CA LEU B 521 -27.79 -37.41 13.65
C LEU B 521 -27.66 -38.84 14.15
N GLY B 522 -28.71 -39.66 13.96
CA GLY B 522 -28.64 -41.04 14.38
C GLY B 522 -27.52 -41.82 13.71
N HIS B 523 -27.25 -41.50 12.44
CA HIS B 523 -26.15 -42.18 11.74
C HIS B 523 -24.81 -41.86 12.38
N ILE B 524 -24.58 -40.60 12.77
CA ILE B 524 -23.29 -40.22 13.34
C ILE B 524 -23.09 -40.87 14.70
N LYS B 525 -24.12 -40.88 15.53
CA LYS B 525 -24.00 -41.52 16.84
C LYS B 525 -23.65 -43.00 16.67
N ARG B 526 -24.30 -43.66 15.71
CA ARG B 526 -23.98 -45.07 15.45
C ARG B 526 -22.53 -45.21 14.99
N MET B 527 -22.08 -44.32 14.12
CA MET B 527 -20.69 -44.40 13.64
C MET B 527 -19.71 -44.37 14.80
N GLN B 528 -19.92 -43.49 15.77
CA GLN B 528 -19.06 -43.47 16.94
C GLN B 528 -19.21 -44.76 17.75
N GLU B 529 -20.43 -45.29 17.83
CA GLU B 529 -20.66 -46.47 18.64
C GLU B 529 -19.87 -47.66 18.10
N VAL B 530 -19.80 -47.81 16.78
CA VAL B 530 -19.22 -49.01 16.18
C VAL B 530 -17.76 -48.81 15.79
N TYR B 531 -17.36 -47.57 15.48
CA TYR B 531 -16.00 -47.31 15.03
C TYR B 531 -15.13 -46.59 16.05
N ASN B 532 -15.71 -45.94 17.04
CA ASN B 532 -14.95 -45.24 18.09
C ASN B 532 -13.92 -44.30 17.47
N PHE B 533 -14.35 -43.49 16.50
CA PHE B 533 -13.45 -42.50 15.92
C PHE B 533 -13.03 -41.44 16.93
N ASN B 534 -13.80 -41.25 18.00
CA ASN B 534 -13.39 -40.33 19.05
C ASN B 534 -12.03 -40.68 19.63
N ALA B 535 -11.68 -41.96 19.64
CA ALA B 535 -10.42 -42.41 20.23
C ALA B 535 -9.22 -42.17 19.33
N ILE B 536 -9.43 -41.82 18.06
CA ILE B 536 -8.32 -41.70 17.11
C ILE B 536 -7.69 -40.33 17.25
N ASN B 537 -6.36 -40.30 17.37
CA ASN B 537 -5.62 -39.06 17.56
C ASN B 537 -4.90 -38.60 16.30
N ASN B 538 -4.79 -39.45 15.28
CA ASN B 538 -4.37 -39.02 13.95
C ASN B 538 -5.06 -37.73 13.56
N SER B 539 -4.27 -36.65 13.38
CA SER B 539 -4.88 -35.33 13.22
C SER B 539 -5.76 -35.25 11.99
N GLU B 540 -5.42 -35.96 10.92
CA GLU B 540 -6.20 -35.86 9.69
C GLU B 540 -7.54 -36.57 9.85
N ILE B 541 -7.52 -37.78 10.41
CA ILE B 541 -8.76 -38.50 10.67
C ILE B 541 -9.63 -37.73 11.66
N ARG B 542 -9.03 -37.28 12.76
CA ARG B 542 -9.82 -36.60 13.78
C ARG B 542 -10.45 -35.32 13.22
N PHE B 543 -9.70 -34.60 12.37
CA PHE B 543 -10.21 -33.38 11.77
C PHE B 543 -11.45 -33.65 10.92
N ARG B 544 -11.37 -34.62 10.01
CA ARG B 544 -12.52 -34.93 9.17
C ARG B 544 -13.68 -35.51 9.97
N TRP B 545 -13.37 -36.29 11.01
CA TRP B 545 -14.43 -36.86 11.85
C TRP B 545 -15.19 -35.77 12.59
N LEU B 546 -14.48 -34.80 13.17
CA LEU B 546 -15.16 -33.76 13.94
C LEU B 546 -15.93 -32.81 13.03
N ARG B 547 -15.39 -32.50 11.86
CA ARG B 547 -16.15 -31.73 10.88
C ARG B 547 -17.46 -32.44 10.56
N LEU B 548 -17.39 -33.75 10.29
CA LEU B 548 -18.60 -34.51 10.00
C LEU B 548 -19.60 -34.40 11.15
N CYS B 549 -19.12 -34.58 12.38
CA CYS B 549 -20.00 -34.50 13.55
C CYS B 549 -20.65 -33.13 13.66
N ILE B 550 -19.85 -32.07 13.54
CA ILE B 550 -20.36 -30.71 13.69
C ILE B 550 -21.34 -30.39 12.57
N GLN B 551 -20.98 -30.73 11.33
CA GLN B 551 -21.88 -30.46 10.21
C GLN B 551 -23.15 -31.29 10.29
N SER B 552 -23.14 -32.40 11.02
CA SER B 552 -24.33 -33.21 11.24
C SER B 552 -25.04 -32.85 12.54
N LYS B 553 -24.67 -31.73 13.17
CA LYS B 553 -25.42 -31.15 14.28
C LYS B 553 -25.36 -32.01 15.54
N TRP B 554 -24.23 -32.66 15.80
CA TRP B 554 -24.06 -33.47 17.01
C TRP B 554 -23.43 -32.59 18.08
N GLU B 555 -24.21 -32.24 19.11
CA GLU B 555 -23.76 -31.30 20.13
C GLU B 555 -22.58 -31.85 20.93
N ASP B 556 -22.53 -33.16 21.13
CA ASP B 556 -21.44 -33.74 21.91
C ASP B 556 -20.07 -33.41 21.33
N ALA B 557 -20.00 -33.19 20.02
CA ALA B 557 -18.71 -32.95 19.37
C ALA B 557 -18.25 -31.50 19.47
N ILE B 558 -19.08 -30.61 20.01
CA ILE B 558 -18.72 -29.19 20.08
C ILE B 558 -17.43 -29.05 20.89
N PRO B 559 -17.37 -29.53 22.12
CA PRO B 559 -16.13 -29.34 22.90
C PRO B 559 -14.91 -30.01 22.29
N LEU B 560 -15.10 -31.12 21.58
CA LEU B 560 -13.97 -31.77 20.93
C LEU B 560 -13.43 -30.90 19.81
N ALA B 561 -14.33 -30.35 18.98
CA ALA B 561 -13.90 -29.51 17.87
C ALA B 561 -13.27 -28.22 18.37
N LEU B 562 -13.86 -27.59 19.39
CA LEU B 562 -13.26 -26.40 19.98
C LEU B 562 -11.89 -26.71 20.55
N LYS B 563 -11.74 -27.91 21.14
CA LYS B 563 -10.46 -28.30 21.71
C LYS B 563 -9.40 -28.43 20.61
N MET B 564 -9.72 -29.16 19.54
CA MET B 564 -8.75 -29.31 18.47
C MET B 564 -8.46 -27.98 17.78
N ALA B 565 -9.50 -27.16 17.56
CA ALA B 565 -9.33 -25.91 16.83
C ALA B 565 -8.38 -24.95 17.55
N THR B 566 -8.28 -25.05 18.88
CA THR B 566 -7.49 -24.11 19.66
C THR B 566 -6.20 -24.70 20.22
N GLU B 567 -6.15 -26.01 20.47
CA GLU B 567 -4.96 -26.61 21.05
C GLU B 567 -3.87 -26.86 20.02
N GLN B 568 -4.20 -26.81 18.74
CA GLN B 568 -3.21 -26.69 17.69
C GLN B 568 -3.64 -25.56 16.77
N GLY B 569 -2.75 -25.14 15.88
CA GLY B 569 -2.99 -23.95 15.09
C GLY B 569 -2.76 -24.11 13.60
N ARG B 570 -2.66 -25.36 13.13
CA ARG B 570 -2.51 -25.60 11.70
C ARG B 570 -3.75 -25.14 10.97
N MET B 571 -3.59 -24.18 10.06
CA MET B 571 -4.75 -23.51 9.45
C MET B 571 -5.64 -24.48 8.71
N LYS B 572 -5.04 -25.50 8.10
CA LYS B 572 -5.80 -26.55 7.44
C LYS B 572 -6.90 -27.12 8.35
N PHE B 573 -6.64 -27.18 9.66
CA PHE B 573 -7.59 -27.69 10.62
C PHE B 573 -8.34 -26.57 11.34
N THR B 574 -7.61 -25.55 11.82
CA THR B 574 -8.21 -24.55 12.70
C THR B 574 -9.28 -23.74 11.96
N ARG B 575 -8.99 -23.28 10.74
CA ARG B 575 -9.96 -22.45 10.03
C ARG B 575 -11.24 -23.21 9.72
N PRO B 576 -11.20 -24.42 9.16
CA PRO B 576 -12.48 -25.09 8.86
C PRO B 576 -13.23 -25.54 10.10
N LEU B 577 -12.53 -25.84 11.21
CA LEU B 577 -13.22 -26.19 12.45
C LEU B 577 -13.95 -24.98 13.02
N PHE B 578 -13.31 -23.82 13.03
CA PHE B 578 -13.97 -22.61 13.48
C PHE B 578 -15.15 -22.26 12.56
N LYS B 579 -14.97 -22.43 11.24
CA LYS B 579 -16.06 -22.15 10.31
C LYS B 579 -17.25 -23.06 10.56
N ASP B 580 -16.99 -24.37 10.69
CA ASP B 580 -18.07 -25.31 10.97
C ASP B 580 -18.76 -24.95 12.28
N LEU B 581 -17.98 -24.66 13.31
CA LEU B 581 -18.56 -24.33 14.61
C LEU B 581 -19.38 -23.06 14.54
N ALA B 582 -18.93 -22.09 13.74
CA ALA B 582 -19.69 -20.85 13.57
C ALA B 582 -21.03 -21.11 12.89
N ALA B 583 -21.03 -22.00 11.89
CA ALA B 583 -22.25 -22.28 11.13
C ALA B 583 -23.22 -23.18 11.87
N PHE B 584 -22.79 -23.82 12.97
CA PHE B 584 -23.68 -24.62 13.79
C PHE B 584 -24.28 -23.72 14.87
N ASP B 585 -25.59 -23.49 14.79
CA ASP B 585 -26.24 -22.52 15.67
C ASP B 585 -25.96 -22.81 17.14
N LYS B 586 -25.89 -24.09 17.51
CA LYS B 586 -25.65 -24.47 18.90
C LYS B 586 -24.26 -24.07 19.38
N SER B 587 -23.29 -23.93 18.47
CA SER B 587 -21.92 -23.61 18.86
C SER B 587 -21.45 -22.26 18.36
N HIS B 588 -22.32 -21.47 17.73
CA HIS B 588 -21.89 -20.21 17.12
C HIS B 588 -21.28 -19.28 18.16
N ASP B 589 -22.05 -18.92 19.18
CA ASP B 589 -21.57 -17.97 20.18
C ASP B 589 -20.27 -18.43 20.81
N GLN B 590 -20.18 -19.72 21.12
CA GLN B 590 -18.97 -20.22 21.77
C GLN B 590 -17.77 -20.19 20.81
N ALA B 591 -18.01 -20.46 19.53
CA ALA B 591 -16.94 -20.37 18.55
C ALA B 591 -16.37 -18.96 18.53
N VAL B 592 -17.24 -17.96 18.51
CA VAL B 592 -16.80 -16.58 18.46
C VAL B 592 -16.10 -16.18 19.75
N ARG B 593 -16.71 -16.49 20.90
CA ARG B 593 -16.07 -16.14 22.17
C ARG B 593 -14.72 -16.82 22.30
N THR B 594 -14.61 -18.09 21.89
CA THR B 594 -13.34 -18.80 21.99
C THR B 594 -12.26 -18.12 21.16
N TYR B 595 -12.59 -17.72 19.94
CA TYR B 595 -11.63 -17.00 19.10
C TYR B 595 -11.18 -15.71 19.77
N GLN B 596 -12.14 -14.93 20.27
CA GLN B 596 -11.80 -13.65 20.91
C GLN B 596 -10.91 -13.86 22.12
N GLU B 597 -11.16 -14.93 22.88
CA GLU B 597 -10.37 -15.19 24.08
C GLU B 597 -8.95 -15.64 23.77
N HIS B 598 -8.74 -16.28 22.61
CA HIS B 598 -7.43 -16.82 22.26
C HIS B 598 -6.66 -15.97 21.27
N LYS B 599 -7.31 -15.02 20.57
CA LYS B 599 -6.70 -14.46 19.38
C LYS B 599 -5.41 -13.70 19.71
N ALA B 600 -5.32 -13.11 20.90
CA ALA B 600 -4.09 -12.42 21.30
C ALA B 600 -2.90 -13.37 21.29
N SER B 601 -3.11 -14.63 21.63
CA SER B 601 -2.03 -15.60 21.75
C SER B 601 -1.86 -16.46 20.51
N MET B 602 -2.61 -16.18 19.45
CA MET B 602 -2.53 -16.95 18.22
C MET B 602 -1.43 -16.41 17.30
N HIS B 603 -1.08 -17.22 16.31
CA HIS B 603 -0.20 -16.74 15.27
C HIS B 603 -0.84 -15.55 14.58
N PRO B 604 -0.08 -14.51 14.21
CA PRO B 604 -0.72 -13.32 13.63
C PRO B 604 -1.50 -13.60 12.35
N VAL B 605 -0.98 -14.45 11.47
CA VAL B 605 -1.68 -14.73 10.22
C VAL B 605 -2.93 -15.55 10.48
N THR B 606 -2.83 -16.56 11.34
CA THR B 606 -3.98 -17.41 11.64
C THR B 606 -5.08 -16.59 12.30
N ALA B 607 -4.71 -15.70 13.22
CA ALA B 607 -5.68 -14.84 13.89
C ALA B 607 -6.43 -13.97 12.88
N MET B 608 -5.68 -13.35 11.96
CA MET B 608 -6.32 -12.50 10.96
C MET B 608 -7.33 -13.27 10.13
N LEU B 609 -6.94 -14.47 9.66
CA LEU B 609 -7.79 -15.22 8.75
C LEU B 609 -9.01 -15.81 9.47
N VAL B 610 -8.83 -16.29 10.70
CA VAL B 610 -9.97 -16.79 11.46
C VAL B 610 -10.91 -15.65 11.82
N GLY B 611 -10.34 -14.49 12.17
CA GLY B 611 -11.16 -13.31 12.38
C GLY B 611 -11.97 -12.93 11.15
N LYS B 612 -11.37 -13.08 9.97
CA LYS B 612 -12.11 -12.82 8.73
C LYS B 612 -13.16 -13.89 8.48
N ASP B 613 -12.79 -15.17 8.62
CA ASP B 613 -13.75 -16.24 8.45
C ASP B 613 -14.97 -16.04 9.35
N LEU B 614 -14.73 -15.67 10.61
CA LEU B 614 -15.81 -15.49 11.57
C LEU B 614 -16.53 -14.16 11.43
N LYS B 615 -16.00 -13.23 10.64
CA LYS B 615 -16.62 -11.93 10.43
C LYS B 615 -16.70 -11.13 11.72
N VAL B 616 -15.55 -10.98 12.39
CA VAL B 616 -15.47 -10.16 13.59
C VAL B 616 -14.59 -8.95 13.34
N GLU C 9 -14.35 -5.11 20.64
CA GLU C 9 -13.59 -4.79 19.44
C GLU C 9 -12.25 -4.15 19.82
N ILE C 10 -12.30 -3.23 20.79
CA ILE C 10 -11.12 -2.52 21.27
C ILE C 10 -10.61 -3.24 22.51
N VAL C 11 -9.30 -3.52 22.55
CA VAL C 11 -8.68 -4.22 23.67
C VAL C 11 -7.65 -3.29 24.29
N ASP C 12 -7.68 -3.21 25.63
CA ASP C 12 -6.69 -2.45 26.37
C ASP C 12 -5.49 -3.36 26.61
N THR C 13 -4.44 -3.17 25.81
CA THR C 13 -3.25 -4.00 25.91
C THR C 13 -2.37 -3.64 27.10
N CYS C 14 -2.76 -2.65 27.90
CA CYS C 14 -2.01 -2.28 29.09
C CYS C 14 -2.62 -2.84 30.37
N SER C 15 -3.79 -3.46 30.30
CA SER C 15 -4.48 -3.97 31.49
C SER C 15 -4.58 -5.48 31.40
N LEU C 16 -4.44 -6.13 32.55
CA LEU C 16 -4.62 -7.57 32.67
C LEU C 16 -5.98 -7.94 33.24
N ALA C 17 -6.81 -6.96 33.59
CA ALA C 17 -8.10 -7.23 34.20
C ALA C 17 -9.12 -7.68 33.17
N SER C 18 -10.22 -8.23 33.66
CA SER C 18 -11.35 -8.50 32.78
C SER C 18 -11.75 -7.21 32.08
N PRO C 19 -12.04 -7.25 30.79
CA PRO C 19 -12.41 -6.01 30.09
C PRO C 19 -13.85 -5.61 30.37
N ALA C 20 -14.16 -4.36 29.99
CA ALA C 20 -15.49 -3.81 30.23
C ALA C 20 -16.58 -4.62 29.55
N SER C 21 -16.23 -5.43 28.55
CA SER C 21 -17.20 -6.28 27.88
C SER C 21 -17.60 -7.47 28.74
N VAL C 22 -16.86 -7.76 29.80
CA VAL C 22 -17.14 -8.87 30.71
C VAL C 22 -17.81 -8.38 31.98
N CYS C 23 -17.20 -7.38 32.64
CA CYS C 23 -17.78 -6.78 33.83
C CYS C 23 -17.28 -5.35 33.93
N ARG C 24 -17.99 -4.55 34.73
CA ARG C 24 -17.70 -3.13 34.86
C ARG C 24 -17.79 -2.75 36.33
N THR C 25 -16.76 -2.07 36.81
CA THR C 25 -16.79 -1.47 38.14
C THR C 25 -17.60 -0.21 38.06
N LYS C 26 -18.66 -0.15 38.85
CA LYS C 26 -19.52 1.03 38.92
C LYS C 26 -19.13 1.96 40.06
N HIS C 27 -18.53 1.44 41.13
CA HIS C 27 -18.25 2.27 42.29
C HIS C 27 -17.12 1.66 43.11
N LEU C 28 -16.30 2.54 43.68
CA LEU C 28 -15.26 2.17 44.62
C LEU C 28 -15.52 2.85 45.95
N HIS C 29 -15.51 2.07 47.03
CA HIS C 29 -15.47 2.63 48.38
C HIS C 29 -14.13 2.24 48.99
N LEU C 30 -13.25 3.24 49.14
CA LEU C 30 -11.92 3.05 49.68
C LEU C 30 -11.90 3.46 51.15
N ARG C 31 -11.43 2.56 52.00
CA ARG C 31 -11.29 2.81 53.43
C ARG C 31 -9.85 2.42 53.76
N CYS C 32 -9.01 3.40 54.06
CA CYS C 32 -7.59 3.09 54.20
C CYS C 32 -6.96 3.99 55.25
N SER C 33 -5.76 3.59 55.65
CA SER C 33 -4.96 4.33 56.62
C SER C 33 -3.57 4.55 56.05
N VAL C 34 -3.07 5.77 56.20
CA VAL C 34 -1.76 6.16 55.69
C VAL C 34 -0.77 6.04 56.83
N ASP C 35 0.13 5.05 56.74
CA ASP C 35 1.08 4.72 57.82
C ASP C 35 2.48 5.21 57.43
N PHE C 36 2.85 6.39 57.93
CA PHE C 36 4.17 6.95 57.62
C PHE C 36 5.30 6.22 58.33
N THR C 37 5.03 5.49 59.41
CA THR C 37 6.10 4.72 60.06
C THR C 37 6.51 3.51 59.25
N ARG C 38 5.69 3.08 58.28
CA ARG C 38 6.02 1.96 57.42
C ARG C 38 5.95 2.30 55.94
N ARG C 39 5.54 3.51 55.59
CA ARG C 39 5.39 3.91 54.20
C ARG C 39 4.50 2.93 53.44
N THR C 40 3.36 2.60 54.04
CA THR C 40 2.38 1.73 53.41
C THR C 40 0.98 2.30 53.57
N LEU C 41 0.15 2.00 52.58
CA LEU C 41 -1.28 2.27 52.63
CA LEU C 41 -1.27 2.27 52.64
C LEU C 41 -2.00 0.95 52.86
N THR C 42 -2.82 0.90 53.90
CA THR C 42 -3.55 -0.32 54.24
C THR C 42 -5.03 -0.02 54.28
N GLY C 43 -5.84 -0.98 53.87
CA GLY C 43 -7.26 -0.78 53.99
C GLY C 43 -8.04 -1.76 53.13
N THR C 44 -9.24 -1.32 52.77
CA THR C 44 -10.16 -2.14 51.99
C THR C 44 -10.64 -1.35 50.80
N ALA C 45 -10.71 -2.02 49.65
CA ALA C 45 -11.31 -1.49 48.45
C ALA C 45 -12.56 -2.32 48.17
N ALA C 46 -13.71 -1.69 48.24
CA ALA C 46 -14.99 -2.36 47.96
C ALA C 46 -15.42 -1.94 46.56
N LEU C 47 -15.34 -2.87 45.62
CA LEU C 47 -15.68 -2.62 44.22
C LEU C 47 -17.09 -3.12 43.96
N THR C 48 -17.97 -2.22 43.53
CA THR C 48 -19.29 -2.61 43.05
C THR C 48 -19.15 -2.93 41.57
N VAL C 49 -19.35 -4.20 41.22
CA VAL C 49 -19.07 -4.70 39.88
C VAL C 49 -20.36 -5.25 39.29
N GLN C 50 -20.57 -4.96 38.00
CA GLN C 50 -21.74 -5.40 37.26
CA GLN C 50 -21.74 -5.42 37.27
C GLN C 50 -21.29 -6.34 36.16
N SER C 51 -21.84 -7.55 36.14
CA SER C 51 -21.54 -8.49 35.06
C SER C 51 -22.20 -8.02 33.76
N GLN C 52 -21.47 -8.17 32.65
CA GLN C 52 -21.99 -7.85 31.34
C GLN C 52 -22.36 -9.09 30.54
N GLU C 53 -22.21 -10.27 31.11
CA GLU C 53 -22.48 -11.50 30.42
C GLU C 53 -23.13 -12.50 31.38
N ASP C 54 -23.74 -13.52 30.80
CA ASP C 54 -24.30 -14.60 31.60
C ASP C 54 -23.21 -15.57 32.02
N ASN C 55 -23.44 -16.23 33.14
CA ASN C 55 -22.58 -17.31 33.60
CA ASN C 55 -22.57 -17.32 33.59
C ASN C 55 -21.17 -16.82 33.93
N LEU C 56 -21.08 -15.60 34.47
CA LEU C 56 -19.78 -15.06 34.88
C LEU C 56 -19.39 -15.71 36.20
N ARG C 57 -18.31 -16.49 36.18
CA ARG C 57 -17.91 -17.28 37.34
C ARG C 57 -16.64 -16.77 38.02
N SER C 58 -15.81 -16.01 37.31
CA SER C 58 -14.63 -15.41 37.90
C SER C 58 -14.37 -14.10 37.19
N LEU C 59 -13.51 -13.29 37.78
CA LEU C 59 -13.07 -12.06 37.14
C LEU C 59 -11.65 -11.74 37.58
N VAL C 60 -10.99 -10.87 36.82
CA VAL C 60 -9.58 -10.58 37.02
C VAL C 60 -9.42 -9.07 37.21
N LEU C 61 -8.63 -8.69 38.21
CA LEU C 61 -8.31 -7.29 38.48
C LEU C 61 -6.82 -7.08 38.31
N ASP C 62 -6.45 -5.84 38.04
CA ASP C 62 -5.05 -5.43 38.01
C ASP C 62 -4.55 -5.20 39.42
N THR C 63 -3.29 -5.58 39.65
CA THR C 63 -2.58 -5.26 40.88
C THR C 63 -1.11 -5.09 40.54
N LYS C 64 -0.40 -4.35 41.39
CA LYS C 64 1.04 -4.15 41.20
CA LYS C 64 1.05 -4.17 41.20
C LYS C 64 1.68 -3.95 42.56
N ASP C 65 2.47 -4.93 43.00
CA ASP C 65 3.17 -4.86 44.27
C ASP C 65 2.20 -4.62 45.42
N LEU C 66 1.04 -5.29 45.35
CA LEU C 66 0.03 -5.23 46.40
C LEU C 66 0.04 -6.53 47.19
N THR C 67 -0.01 -6.40 48.51
CA THR C 67 -0.18 -7.54 49.40
C THR C 67 -1.67 -7.69 49.68
N ILE C 68 -2.24 -8.83 49.29
CA ILE C 68 -3.66 -9.11 49.45
C ILE C 68 -3.83 -9.97 50.70
N GLU C 69 -4.64 -9.48 51.63
CA GLU C 69 -4.94 -10.25 52.83
C GLU C 69 -6.13 -11.17 52.62
N LYS C 70 -7.23 -10.66 52.07
CA LYS C 70 -8.42 -11.48 51.83
C LYS C 70 -9.35 -10.75 50.87
N VAL C 71 -10.34 -11.49 50.37
CA VAL C 71 -11.38 -10.99 49.48
C VAL C 71 -12.70 -11.47 50.05
N VAL C 72 -13.61 -10.54 50.32
CA VAL C 72 -14.87 -10.84 50.98
C VAL C 72 -16.01 -10.49 50.03
N ILE C 73 -16.93 -11.43 49.85
CA ILE C 73 -18.18 -11.20 49.14
C ILE C 73 -19.31 -11.72 50.01
N ASN C 74 -20.31 -10.86 50.24
CA ASN C 74 -21.47 -11.22 51.06
C ASN C 74 -21.04 -11.83 52.39
N GLY C 75 -20.15 -11.13 53.09
CA GLY C 75 -19.71 -11.51 54.41
C GLY C 75 -18.78 -12.71 54.48
N GLN C 76 -18.53 -13.39 53.37
CA GLN C 76 -17.73 -14.60 53.34
C GLN C 76 -16.47 -14.38 52.51
N GLU C 77 -15.36 -14.97 52.96
CA GLU C 77 -14.13 -14.94 52.18
C GLU C 77 -14.25 -15.87 50.97
N VAL C 78 -13.57 -15.49 49.89
CA VAL C 78 -13.62 -16.24 48.64
C VAL C 78 -12.21 -16.55 48.18
N LYS C 79 -12.12 -17.50 47.25
CA LYS C 79 -10.84 -17.91 46.71
C LYS C 79 -10.34 -16.89 45.70
N TYR C 80 -9.04 -16.61 45.75
CA TYR C 80 -8.40 -15.73 44.79
C TYR C 80 -6.98 -16.22 44.57
N ALA C 81 -6.40 -15.84 43.43
CA ALA C 81 -5.05 -16.25 43.05
C ALA C 81 -4.35 -15.10 42.36
N LEU C 82 -3.16 -14.76 42.85
CA LEU C 82 -2.30 -13.77 42.19
C LEU C 82 -1.43 -14.48 41.16
N GLY C 83 -1.59 -14.11 39.90
CA GLY C 83 -0.79 -14.68 38.84
C GLY C 83 0.63 -14.15 38.85
N GLU C 84 1.42 -14.66 37.90
CA GLU C 84 2.81 -14.26 37.79
C GLU C 84 2.93 -12.81 37.33
N ARG C 85 3.94 -12.12 37.84
CA ARG C 85 4.12 -10.71 37.50
C ARG C 85 4.46 -10.55 36.02
N GLN C 86 3.83 -9.55 35.39
CA GLN C 86 4.12 -9.24 33.99
C GLN C 86 4.80 -7.87 33.90
N SER C 87 5.98 -7.76 34.51
CA SER C 87 6.85 -6.58 34.43
CA SER C 87 6.84 -6.57 34.43
C SER C 87 6.02 -5.34 34.80
N TYR C 88 6.04 -4.28 33.99
CA TYR C 88 5.37 -3.03 34.33
C TYR C 88 3.86 -3.15 34.43
N LYS C 89 3.28 -4.27 34.02
CA LYS C 89 1.83 -4.42 34.12
C LYS C 89 1.38 -4.97 35.46
N GLY C 90 2.31 -5.42 36.30
CA GLY C 90 1.95 -5.97 37.58
C GLY C 90 1.46 -7.40 37.47
N SER C 91 0.65 -7.80 38.44
CA SER C 91 0.23 -9.17 38.59
C SER C 91 -1.30 -9.27 38.52
N PRO C 92 -1.85 -10.12 37.66
CA PRO C 92 -3.31 -10.25 37.61
C PRO C 92 -3.84 -10.99 38.82
N MET C 93 -5.01 -10.56 39.30
CA MET C 93 -5.66 -11.13 40.47
C MET C 93 -7.00 -11.69 40.02
N GLU C 94 -7.11 -13.02 39.99
CA GLU C 94 -8.36 -13.70 39.62
C GLU C 94 -9.14 -14.04 40.88
N ILE C 95 -10.42 -13.70 40.89
CA ILE C 95 -11.30 -13.88 42.03
C ILE C 95 -12.40 -14.86 41.64
N SER C 96 -12.56 -15.93 42.42
CA SER C 96 -13.59 -16.94 42.19
C SER C 96 -14.89 -16.48 42.87
N LEU C 97 -15.91 -16.22 42.07
CA LEU C 97 -17.14 -15.72 42.65
C LEU C 97 -17.95 -16.85 43.30
N PRO C 98 -18.64 -16.56 44.40
CA PRO C 98 -19.40 -17.63 45.08
C PRO C 98 -20.47 -18.27 44.22
N ILE C 99 -21.17 -17.46 43.41
CA ILE C 99 -22.16 -17.98 42.47
C ILE C 99 -21.98 -17.24 41.16
N ALA C 100 -22.26 -17.94 40.07
CA ALA C 100 -22.17 -17.31 38.75
C ALA C 100 -23.16 -16.16 38.65
N LEU C 101 -22.72 -15.06 38.06
CA LEU C 101 -23.56 -13.91 37.80
C LEU C 101 -24.16 -14.00 36.40
N SER C 102 -25.36 -13.45 36.25
CA SER C 102 -25.97 -13.27 34.95
C SER C 102 -25.81 -11.82 34.50
N LYS C 103 -26.24 -11.54 33.27
CA LYS C 103 -26.08 -10.21 32.71
C LYS C 103 -26.84 -9.19 33.57
N ASN C 104 -26.16 -8.10 33.89
CA ASN C 104 -26.66 -6.94 34.63
C ASN C 104 -26.61 -7.17 36.14
N GLN C 105 -26.29 -8.37 36.61
CA GLN C 105 -26.23 -8.62 38.04
C GLN C 105 -25.03 -7.91 38.67
N GLU C 106 -25.25 -7.31 39.83
CA GLU C 106 -24.20 -6.58 40.53
C GLU C 106 -23.82 -7.29 41.81
N ILE C 107 -22.55 -7.13 42.19
CA ILE C 107 -22.02 -7.71 43.41
C ILE C 107 -20.95 -6.76 43.94
N VAL C 108 -20.75 -6.77 45.25
CA VAL C 108 -19.75 -5.92 45.90
C VAL C 108 -18.63 -6.81 46.40
N ILE C 109 -17.42 -6.58 45.90
CA ILE C 109 -16.23 -7.34 46.26
C ILE C 109 -15.35 -6.45 47.13
N GLU C 110 -15.10 -6.87 48.37
CA GLU C 110 -14.29 -6.10 49.30
C GLU C 110 -12.92 -6.76 49.46
N ILE C 111 -11.88 -6.06 49.05
CA ILE C 111 -10.51 -6.59 49.06
C ILE C 111 -9.70 -5.85 50.11
N SER C 112 -9.14 -6.60 51.05
CA SER C 112 -8.21 -6.07 52.04
C SER C 112 -6.79 -6.19 51.49
N PHE C 113 -6.04 -5.10 51.59
CA PHE C 113 -4.76 -5.00 50.90
C PHE C 113 -3.84 -4.03 51.64
N GLU C 114 -2.57 -4.10 51.32
CA GLU C 114 -1.66 -3.02 51.65
C GLU C 114 -0.66 -2.84 50.51
N THR C 115 -0.17 -1.61 50.37
CA THR C 115 0.75 -1.26 49.30
C THR C 115 2.18 -1.59 49.70
N SER C 116 3.04 -1.65 48.70
CA SER C 116 4.48 -1.71 48.94
C SER C 116 5.03 -0.31 49.16
N PRO C 117 6.05 -0.16 50.00
CA PRO C 117 6.76 1.13 50.07
C PRO C 117 7.30 1.57 48.73
N LYS C 118 7.54 0.64 47.80
CA LYS C 118 8.08 0.95 46.49
C LYS C 118 6.99 1.12 45.44
N SER C 119 5.74 1.28 45.86
CA SER C 119 4.65 1.51 44.91
C SER C 119 5.02 2.58 43.90
N SER C 120 4.95 2.22 42.62
CA SER C 120 5.25 3.17 41.56
C SER C 120 4.25 4.32 41.52
N ALA C 121 3.09 4.18 42.16
CA ALA C 121 2.10 5.24 42.17
C ALA C 121 2.40 6.34 43.20
N LEU C 122 3.22 6.04 44.21
CA LEU C 122 3.35 6.88 45.40
C LEU C 122 4.78 7.37 45.55
N GLN C 123 4.93 8.59 46.06
CA GLN C 123 6.21 9.02 46.61
C GLN C 123 6.02 9.40 48.07
N TRP C 124 6.78 8.75 48.94
CA TRP C 124 6.82 9.05 50.37
C TRP C 124 8.01 9.97 50.62
N LEU C 125 7.75 11.13 51.22
CA LEU C 125 8.79 12.10 51.53
C LEU C 125 9.03 12.14 53.03
N THR C 126 10.31 12.13 53.43
CA THR C 126 10.65 12.36 54.81
C THR C 126 10.46 13.85 55.14
N PRO C 127 10.31 14.19 56.42
CA PRO C 127 10.22 15.60 56.78
C PRO C 127 11.34 16.44 56.19
N GLU C 128 12.56 15.89 56.15
N GLU C 128 12.57 15.91 56.17
CA GLU C 128 13.70 16.62 55.61
CA GLU C 128 13.69 16.65 55.60
C GLU C 128 13.53 16.93 54.12
C GLU C 128 13.47 16.98 54.13
N GLN C 129 12.64 16.21 53.43
CA GLN C 129 12.37 16.45 52.02
C GLN C 129 11.26 17.45 51.77
N THR C 130 10.65 18.00 52.81
CA THR C 130 9.54 18.93 52.66
C THR C 130 10.03 20.37 52.89
N SER C 131 9.12 21.32 52.70
CA SER C 131 9.46 22.72 52.93
C SER C 131 9.50 23.03 54.43
N GLY C 132 8.58 22.44 55.21
CA GLY C 132 8.47 22.76 56.62
C GLY C 132 9.43 22.01 57.51
N LYS C 133 9.96 20.88 57.06
CA LYS C 133 11.00 20.12 57.75
C LYS C 133 10.50 19.41 59.00
N GLU C 134 9.20 19.48 59.33
CA GLU C 134 8.67 18.89 60.53
C GLU C 134 7.79 17.68 60.30
N HIS C 135 7.09 17.62 59.16
CA HIS C 135 6.16 16.53 58.91
C HIS C 135 6.51 15.80 57.62
N PRO C 136 6.13 14.53 57.49
CA PRO C 136 6.30 13.81 56.23
C PRO C 136 5.21 14.21 55.23
N TYR C 137 5.24 13.56 54.07
CA TYR C 137 4.40 13.96 52.96
C TYR C 137 4.25 12.78 52.03
N LEU C 138 3.04 12.59 51.50
CA LEU C 138 2.72 11.52 50.55
C LEU C 138 1.90 12.08 49.41
N PHE C 139 2.23 11.70 48.18
CA PHE C 139 1.37 12.04 47.05
C PHE C 139 1.39 10.93 46.03
N SER C 140 0.27 10.79 45.32
CA SER C 140 0.08 9.75 44.33
C SER C 140 0.15 10.32 42.91
N GLN C 141 0.36 9.42 41.96
CA GLN C 141 0.35 9.78 40.55
C GLN C 141 -0.01 8.50 39.78
N CYS C 142 -1.29 8.38 39.41
CA CYS C 142 -1.81 7.13 38.86
C CYS C 142 -1.74 7.04 37.34
N GLN C 143 -1.69 8.17 36.64
CA GLN C 143 -1.71 8.09 35.18
C GLN C 143 -0.33 7.65 34.70
N ALA C 144 -0.24 6.67 33.79
CA ALA C 144 -1.36 6.01 33.11
C ALA C 144 -1.91 4.79 33.86
N ILE C 145 -1.02 3.87 34.23
CA ILE C 145 -1.43 2.59 34.78
C ILE C 145 -0.78 2.33 36.13
N HIS C 146 -0.80 3.31 37.04
CA HIS C 146 -0.27 3.10 38.38
C HIS C 146 -1.34 2.98 39.46
N CYS C 147 -2.61 3.17 39.12
CA CYS C 147 -3.64 2.99 40.14
C CYS C 147 -3.60 1.57 40.69
N ARG C 148 -3.27 0.59 39.85
CA ARG C 148 -3.16 -0.79 40.30
C ARG C 148 -2.06 -0.98 41.34
N ALA C 149 -1.15 -0.02 41.46
CA ALA C 149 -0.14 -0.06 42.50
C ALA C 149 -0.62 0.57 43.80
N ILE C 150 -1.83 1.12 43.83
CA ILE C 150 -2.46 1.58 45.05
C ILE C 150 -3.51 0.58 45.54
N LEU C 151 -4.37 0.11 44.63
CA LEU C 151 -5.51 -0.72 45.02
C LEU C 151 -5.90 -1.61 43.84
N PRO C 152 -6.45 -2.80 44.11
CA PRO C 152 -6.91 -3.66 43.00
C PRO C 152 -8.04 -3.00 42.22
N CYS C 153 -7.97 -3.09 40.89
CA CYS C 153 -8.98 -2.42 40.07
C CYS C 153 -8.87 -2.94 38.64
N GLN C 154 -9.90 -2.64 37.86
CA GLN C 154 -9.81 -2.73 36.39
C GLN C 154 -9.05 -1.50 35.95
N ASP C 155 -7.73 -1.61 35.85
CA ASP C 155 -6.90 -0.43 35.66
C ASP C 155 -6.84 -0.10 34.16
N THR C 156 -7.98 0.37 33.65
CA THR C 156 -8.18 0.68 32.27
C THR C 156 -9.10 1.89 32.21
N PRO C 157 -8.83 2.87 31.34
CA PRO C 157 -9.72 4.03 31.23
C PRO C 157 -11.01 3.76 30.49
N SER C 158 -11.24 2.53 30.03
CA SER C 158 -12.53 2.17 29.43
C SER C 158 -13.62 1.95 30.46
N VAL C 159 -13.29 1.98 31.75
CA VAL C 159 -14.25 1.79 32.84
C VAL C 159 -14.29 3.08 33.65
N LYS C 160 -15.50 3.57 33.92
CA LYS C 160 -15.70 4.79 34.70
C LYS C 160 -16.57 4.49 35.92
N LEU C 161 -16.06 4.82 37.09
CA LEU C 161 -16.69 4.51 38.36
C LEU C 161 -16.77 5.77 39.21
N THR C 162 -17.81 5.84 40.04
CA THR C 162 -17.85 6.85 41.09
C THR C 162 -17.06 6.32 42.28
N TYR C 163 -16.76 7.18 43.25
CA TYR C 163 -16.09 6.65 44.42
C TYR C 163 -16.31 7.50 45.66
N THR C 164 -16.24 6.82 46.79
CA THR C 164 -16.21 7.44 48.11
C THR C 164 -14.99 6.88 48.83
N ALA C 165 -14.50 7.63 49.82
CA ALA C 165 -13.25 7.27 50.44
C ALA C 165 -13.19 7.79 51.87
N GLU C 166 -12.52 7.01 52.71
CA GLU C 166 -12.32 7.31 54.12
CA GLU C 166 -12.32 7.31 54.12
C GLU C 166 -10.84 7.07 54.41
N VAL C 167 -10.12 8.11 54.79
CA VAL C 167 -8.67 8.06 54.91
C VAL C 167 -8.26 8.49 56.30
N SER C 168 -7.62 7.58 57.04
CA SER C 168 -7.06 7.87 58.35
C SER C 168 -5.62 8.33 58.20
N VAL C 169 -5.30 9.46 58.81
CA VAL C 169 -3.95 10.03 58.76
C VAL C 169 -3.58 10.55 60.14
N PRO C 170 -2.28 10.73 60.39
CA PRO C 170 -1.88 11.45 61.61
C PRO C 170 -2.63 12.76 61.73
N LYS C 171 -3.14 13.04 62.94
CA LYS C 171 -4.10 14.13 63.10
C LYS C 171 -3.50 15.49 62.81
N GLU C 172 -2.17 15.60 62.76
CA GLU C 172 -1.55 16.89 62.47
C GLU C 172 -1.46 17.17 60.98
N LEU C 173 -1.82 16.19 60.12
CA LEU C 173 -1.73 16.33 58.68
C LEU C 173 -3.11 16.44 58.06
N VAL C 174 -3.14 16.78 56.77
CA VAL C 174 -4.35 16.95 55.99
C VAL C 174 -4.31 15.98 54.83
N ALA C 175 -5.43 15.32 54.55
CA ALA C 175 -5.58 14.49 53.37
C ALA C 175 -6.53 15.17 52.39
N LEU C 176 -6.18 15.12 51.10
CA LEU C 176 -7.03 15.58 50.01
C LEU C 176 -7.07 14.50 48.94
N MET C 177 -8.14 14.48 48.17
CA MET C 177 -8.29 13.51 47.10
C MET C 177 -8.97 14.18 45.92
N SER C 178 -9.02 13.45 44.81
CA SER C 178 -9.63 13.92 43.57
C SER C 178 -11.15 13.77 43.68
N ALA C 179 -11.73 14.53 44.62
CA ALA C 179 -13.12 14.36 45.02
C ALA C 179 -13.56 15.57 45.85
N ILE C 180 -14.85 15.62 46.15
CA ILE C 180 -15.36 16.68 47.01
C ILE C 180 -15.14 16.30 48.46
N ARG C 181 -14.60 17.22 49.24
CA ARG C 181 -14.36 16.97 50.65
C ARG C 181 -15.69 16.76 51.36
N ASP C 182 -15.75 15.72 52.19
CA ASP C 182 -17.01 15.28 52.79
C ASP C 182 -16.91 15.19 54.30
N GLY C 183 -16.02 15.95 54.92
CA GLY C 183 -15.94 16.05 56.36
C GLY C 183 -14.72 15.34 56.92
N GLU C 184 -14.47 15.62 58.20
CA GLU C 184 -13.36 15.06 58.93
C GLU C 184 -13.81 14.76 60.35
N THR C 185 -13.25 13.70 60.94
CA THR C 185 -13.53 13.36 62.33
C THR C 185 -12.28 12.77 62.94
N PRO C 186 -12.06 12.97 64.24
CA PRO C 186 -10.99 12.22 64.91
C PRO C 186 -11.19 10.72 64.68
N ASP C 187 -10.09 10.00 64.56
CA ASP C 187 -10.17 8.56 64.32
C ASP C 187 -10.63 7.89 65.61
N PRO C 188 -11.78 7.20 65.62
CA PRO C 188 -12.27 6.63 66.88
C PRO C 188 -11.42 5.48 67.40
N GLU C 189 -10.64 4.83 66.55
CA GLU C 189 -9.77 3.75 66.97
C GLU C 189 -8.39 4.23 67.40
N ASP C 190 -8.08 5.52 67.24
CA ASP C 190 -6.75 6.02 67.54
C ASP C 190 -6.79 7.54 67.70
N PRO C 191 -6.64 8.07 68.91
CA PRO C 191 -6.77 9.52 69.10
C PRO C 191 -5.65 10.32 68.48
N SER C 192 -4.56 9.69 68.05
CA SER C 192 -3.50 10.42 67.35
C SER C 192 -3.80 10.62 65.87
N ARG C 193 -4.92 10.10 65.38
CA ARG C 193 -5.21 10.13 63.96
C ARG C 193 -6.56 10.80 63.71
N LYS C 194 -6.75 11.16 62.44
CA LYS C 194 -7.96 11.83 61.98
C LYS C 194 -8.41 11.16 60.69
N ILE C 195 -9.71 11.15 60.47
CA ILE C 195 -10.30 10.55 59.27
C ILE C 195 -10.89 11.66 58.41
N TYR C 196 -10.47 11.72 57.16
CA TYR C 196 -11.00 12.63 56.16
C TYR C 196 -11.83 11.85 55.16
N LYS C 197 -12.99 12.39 54.81
CA LYS C 197 -13.92 11.71 53.92
C LYS C 197 -14.07 12.46 52.60
N PHE C 198 -14.29 11.70 51.54
CA PHE C 198 -14.35 12.24 50.19
C PHE C 198 -15.42 11.54 49.39
N ILE C 199 -16.01 12.26 48.44
CA ILE C 199 -17.05 11.72 47.57
C ILE C 199 -16.87 12.28 46.18
N GLN C 200 -16.84 11.39 45.19
CA GLN C 200 -16.78 11.76 43.77
C GLN C 200 -17.99 11.16 43.09
N LYS C 201 -18.96 12.01 42.74
CA LYS C 201 -20.22 11.56 42.14
C LYS C 201 -20.19 11.56 40.63
N VAL C 202 -19.13 12.07 40.01
CA VAL C 202 -19.01 12.00 38.56
C VAL C 202 -18.19 10.75 38.21
N PRO C 203 -18.69 9.85 37.36
CA PRO C 203 -17.91 8.66 37.00
C PRO C 203 -16.57 9.03 36.40
N ILE C 204 -15.51 8.38 36.89
CA ILE C 204 -14.16 8.65 36.41
C ILE C 204 -13.41 7.37 36.08
N PRO C 205 -12.48 7.41 35.12
CA PRO C 205 -11.49 6.33 35.03
C PRO C 205 -10.61 6.34 36.27
N CYS C 206 -10.15 5.15 36.68
CA CYS C 206 -9.40 5.04 37.92
C CYS C 206 -8.04 5.74 37.88
N TYR C 207 -7.50 6.04 36.69
CA TYR C 207 -6.25 6.79 36.67
C TYR C 207 -6.42 8.21 37.20
N LEU C 208 -7.65 8.68 37.38
CA LEU C 208 -7.92 9.98 37.98
C LEU C 208 -8.10 9.92 39.50
N ILE C 209 -7.96 8.74 40.12
CA ILE C 209 -7.93 8.65 41.58
C ILE C 209 -6.62 9.26 42.07
N ALA C 210 -6.69 10.09 43.11
CA ALA C 210 -5.50 10.78 43.58
C ALA C 210 -5.60 11.03 45.08
N LEU C 211 -4.44 11.00 45.74
CA LEU C 211 -4.35 11.20 47.17
C LEU C 211 -3.09 11.98 47.50
N VAL C 212 -3.24 12.96 48.39
CA VAL C 212 -2.11 13.67 48.97
C VAL C 212 -2.36 13.77 50.48
N VAL C 213 -1.30 13.58 51.26
CA VAL C 213 -1.35 13.72 52.71
C VAL C 213 -0.12 14.50 53.15
N GLY C 214 -0.33 15.61 53.85
CA GLY C 214 0.80 16.36 54.37
C GLY C 214 0.32 17.56 55.17
N ALA C 215 1.31 18.36 55.59
CA ALA C 215 1.04 19.58 56.36
C ALA C 215 0.63 20.68 55.37
N LEU C 216 -0.64 20.65 54.99
CA LEU C 216 -1.17 21.48 53.92
C LEU C 216 -2.02 22.61 54.48
N GLU C 217 -1.88 23.79 53.88
CA GLU C 217 -2.71 24.95 54.16
C GLU C 217 -3.28 25.46 52.85
N SER C 218 -4.29 26.32 52.95
CA SER C 218 -5.04 26.75 51.78
C SER C 218 -5.24 28.25 51.77
N ARG C 219 -5.46 28.75 50.56
N ARG C 219 -5.46 28.77 50.57
CA ARG C 219 -5.81 30.15 50.30
CA ARG C 219 -5.89 30.14 50.41
C ARG C 219 -6.86 30.16 49.20
C ARG C 219 -6.83 30.21 49.22
N GLN C 220 -7.99 30.84 49.43
CA GLN C 220 -9.04 30.90 48.43
C GLN C 220 -8.71 31.95 47.39
N ILE C 221 -8.72 31.57 46.11
CA ILE C 221 -8.43 32.49 45.02
C ILE C 221 -9.59 32.63 44.04
N GLY C 222 -10.71 31.95 44.29
CA GLY C 222 -11.88 32.06 43.45
C GLY C 222 -13.08 31.44 44.14
N PRO C 223 -14.28 31.68 43.63
CA PRO C 223 -15.47 31.15 44.30
C PRO C 223 -15.52 29.64 44.39
N ARG C 224 -14.74 28.93 43.58
CA ARG C 224 -14.72 27.47 43.63
C ARG C 224 -13.28 26.93 43.60
N THR C 225 -12.31 27.72 44.05
CA THR C 225 -10.92 27.34 43.93
C THR C 225 -10.15 27.73 45.20
N LEU C 226 -9.66 26.72 45.89
CA LEU C 226 -8.62 26.89 46.89
C LEU C 226 -7.31 26.41 46.30
N VAL C 227 -6.23 27.12 46.62
CA VAL C 227 -4.88 26.67 46.32
CA VAL C 227 -4.87 26.68 46.32
C VAL C 227 -4.29 26.08 47.59
N TRP C 228 -3.76 24.86 47.48
CA TRP C 228 -3.20 24.13 48.60
C TRP C 228 -1.71 23.91 48.41
N SER C 229 -0.94 24.06 49.49
CA SER C 229 0.45 23.63 49.55
C SER C 229 0.91 23.74 51.00
N GLU C 230 2.18 23.39 51.24
CA GLU C 230 2.78 23.72 52.52
C GLU C 230 2.77 25.23 52.71
N LYS C 231 2.80 25.65 53.97
CA LYS C 231 2.61 27.06 54.31
C LYS C 231 3.65 27.94 53.63
N GLU C 232 4.85 27.42 53.36
CA GLU C 232 5.90 28.24 52.78
C GLU C 232 5.58 28.69 51.35
N GLN C 233 4.69 27.98 50.65
CA GLN C 233 4.41 28.23 49.25
C GLN C 233 2.98 28.67 48.97
N VAL C 234 2.12 28.73 49.98
N VAL C 234 2.12 28.73 49.98
CA VAL C 234 0.69 28.95 49.74
CA VAL C 234 0.69 28.89 49.70
C VAL C 234 0.46 30.31 49.07
C VAL C 234 0.39 30.27 49.14
N GLU C 235 0.92 31.38 49.72
N GLU C 235 0.97 31.33 49.72
CA GLU C 235 0.64 32.72 49.22
CA GLU C 235 0.69 32.69 49.28
C GLU C 235 1.28 32.94 47.85
C GLU C 235 1.29 32.94 47.89
N LYS C 236 2.51 32.46 47.66
CA LYS C 236 3.15 32.62 46.36
C LYS C 236 2.36 31.90 45.28
N SER C 237 1.75 30.76 45.60
CA SER C 237 0.96 30.04 44.61
C SER C 237 -0.36 30.73 44.34
N ALA C 238 -1.01 31.26 45.38
CA ALA C 238 -2.25 32.01 45.17
C ALA C 238 -2.04 33.17 44.22
N TYR C 239 -0.92 33.88 44.35
CA TYR C 239 -0.61 34.94 43.39
C TYR C 239 -0.30 34.37 42.01
N GLU C 240 0.58 33.36 41.95
CA GLU C 240 0.98 32.83 40.64
C GLU C 240 -0.22 32.38 39.81
N PHE C 241 -1.24 31.83 40.46
CA PHE C 241 -2.37 31.22 39.77
C PHE C 241 -3.64 32.05 39.91
N SER C 242 -3.50 33.35 40.11
CA SER C 242 -4.67 34.22 40.28
C SER C 242 -5.61 34.20 39.09
N GLU C 243 -5.13 33.83 37.90
CA GLU C 243 -5.97 33.81 36.71
C GLU C 243 -6.89 32.59 36.64
N THR C 244 -6.86 31.71 37.63
CA THR C 244 -7.55 30.42 37.49
C THR C 244 -9.03 30.60 37.20
N GLU C 245 -9.73 31.43 38.00
CA GLU C 245 -11.17 31.54 37.83
C GLU C 245 -11.52 32.11 36.46
N SER C 246 -10.75 33.09 35.98
CA SER C 246 -11.02 33.65 34.66
C SER C 246 -10.82 32.61 33.57
N MET C 247 -9.88 31.67 33.78
CA MET C 247 -9.68 30.60 32.81
C MET C 247 -10.81 29.57 32.87
N LEU C 248 -11.27 29.23 34.08
CA LEU C 248 -12.45 28.37 34.24
C LEU C 248 -13.64 28.93 33.48
N LYS C 249 -13.88 30.24 33.60
CA LYS C 249 -15.01 30.86 32.92
C LYS C 249 -14.88 30.75 31.40
N ILE C 250 -13.69 30.99 30.87
CA ILE C 250 -13.45 30.82 29.45
C ILE C 250 -13.68 29.36 29.05
N ALA C 251 -13.12 28.43 29.84
CA ALA C 251 -13.24 27.01 29.53
C ALA C 251 -14.70 26.58 29.47
N GLU C 252 -15.51 27.08 30.42
CA GLU C 252 -16.94 26.73 30.41
C GLU C 252 -17.63 27.26 29.17
N ASP C 253 -17.23 28.44 28.71
CA ASP C 253 -17.82 28.98 27.50
C ASP C 253 -17.47 28.13 26.29
N LEU C 254 -16.24 27.58 26.26
CA LEU C 254 -15.81 26.78 25.12
C LEU C 254 -16.29 25.34 25.22
N GLY C 255 -16.32 24.77 26.42
CA GLY C 255 -16.56 23.34 26.57
C GLY C 255 -17.93 22.98 27.09
N GLY C 256 -18.69 23.95 27.59
CA GLY C 256 -19.91 23.67 28.29
C GLY C 256 -19.68 23.63 29.79
N PRO C 257 -20.71 23.26 30.55
CA PRO C 257 -20.66 23.47 32.01
C PRO C 257 -19.54 22.66 32.67
N TYR C 258 -18.95 23.27 33.69
CA TYR C 258 -18.00 22.58 34.54
C TYR C 258 -18.77 21.73 35.55
N VAL C 259 -18.57 20.41 35.53
CA VAL C 259 -19.47 19.50 36.23
C VAL C 259 -18.88 18.96 37.53
N TRP C 260 -17.68 19.39 37.92
CA TRP C 260 -16.95 18.75 39.00
C TRP C 260 -17.11 19.45 40.34
N GLY C 261 -17.88 20.53 40.40
CA GLY C 261 -18.13 21.24 41.63
C GLY C 261 -17.00 22.17 42.01
N GLN C 262 -15.92 21.62 42.55
CA GLN C 262 -14.78 22.41 42.99
C GLN C 262 -13.66 22.32 41.95
N TYR C 263 -12.86 23.37 41.85
CA TYR C 263 -11.61 23.30 41.09
C TYR C 263 -10.51 23.83 42.01
N ASP C 264 -9.92 22.93 42.79
CA ASP C 264 -8.80 23.28 43.66
C ASP C 264 -7.48 22.98 42.97
N LEU C 265 -6.44 23.67 43.43
CA LEU C 265 -5.07 23.47 42.97
C LEU C 265 -4.22 23.02 44.15
N LEU C 266 -3.30 22.11 43.86
CA LEU C 266 -2.34 21.63 44.85
C LEU C 266 -0.95 21.81 44.26
N VAL C 267 -0.10 22.57 44.94
CA VAL C 267 1.28 22.74 44.54
C VAL C 267 2.10 21.74 45.34
N LEU C 268 2.71 20.79 44.64
CA LEU C 268 3.37 19.66 45.27
CA LEU C 268 3.36 19.67 45.28
C LEU C 268 4.83 19.97 45.54
N PRO C 269 5.52 19.10 46.27
CA PRO C 269 6.96 19.26 46.44
C PRO C 269 7.66 19.19 45.10
N PRO C 270 8.94 19.60 45.04
CA PRO C 270 9.59 19.72 43.72
C PRO C 270 9.74 18.41 42.97
N SER C 271 9.62 17.26 43.62
CA SER C 271 9.84 15.99 42.94
C SER C 271 8.62 15.53 42.14
N PHE C 272 7.58 16.33 42.02
CA PHE C 272 6.42 15.92 41.25
C PHE C 272 6.81 15.75 39.79
N PRO C 273 6.54 14.60 39.16
CA PRO C 273 7.18 14.31 37.86
C PRO C 273 6.66 15.10 36.67
N TYR C 274 5.52 15.78 36.79
CA TYR C 274 4.87 16.41 35.65
C TYR C 274 4.63 17.89 35.96
N GLY C 275 4.29 18.65 34.91
CA GLY C 275 3.91 20.03 35.12
C GLY C 275 2.57 20.15 35.82
N GLY C 276 1.65 19.25 35.48
CA GLY C 276 0.39 19.18 36.18
C GLY C 276 -0.24 17.83 35.97
N MET C 277 -1.23 17.55 36.82
CA MET C 277 -2.08 16.38 36.68
C MET C 277 -3.51 16.81 36.98
N ALA C 278 -4.41 16.65 36.01
CA ALA C 278 -5.79 17.13 36.12
C ALA C 278 -6.66 16.16 36.93
N ASN C 279 -6.27 15.89 38.16
CA ASN C 279 -7.10 15.05 39.01
C ASN C 279 -8.40 15.80 39.28
N PRO C 280 -9.55 15.19 39.05
CA PRO C 280 -10.81 15.93 39.17
C PRO C 280 -10.98 16.51 40.57
N CYS C 281 -11.38 17.77 40.61
CA CYS C 281 -11.58 18.59 41.81
C CYS C 281 -10.27 19.03 42.43
N LEU C 282 -9.11 18.54 41.96
CA LEU C 282 -7.84 18.84 42.60
C LEU C 282 -6.69 18.67 41.63
N THR C 283 -6.43 19.67 40.80
CA THR C 283 -5.28 19.62 39.91
C THR C 283 -3.99 19.71 40.73
N PHE C 284 -3.07 18.79 40.46
CA PHE C 284 -1.71 18.81 41.00
C PHE C 284 -0.83 19.62 40.05
N VAL C 285 0.05 20.47 40.60
CA VAL C 285 0.97 21.23 39.76
C VAL C 285 2.38 21.22 40.35
N THR C 286 3.37 21.35 39.46
CA THR C 286 4.76 21.44 39.89
C THR C 286 5.05 22.82 40.47
N PRO C 287 5.89 22.90 41.51
CA PRO C 287 6.31 24.22 42.01
C PRO C 287 7.26 24.93 41.05
N THR C 288 7.75 24.26 40.02
CA THR C 288 8.53 24.97 39.01
C THR C 288 7.67 25.91 38.17
N LEU C 289 6.34 25.95 38.38
CA LEU C 289 5.51 26.98 37.77
C LEU C 289 5.61 28.34 38.45
N LEU C 290 6.26 28.42 39.62
CA LEU C 290 6.25 29.64 40.42
C LEU C 290 7.35 30.58 39.93
N ALA C 291 7.16 31.08 38.72
CA ALA C 291 8.13 31.99 38.11
C ALA C 291 8.08 33.39 38.71
N GLY C 292 7.07 33.71 39.51
CA GLY C 292 6.93 35.02 40.11
C GLY C 292 6.19 36.05 39.29
N ASP C 293 5.77 35.70 38.06
CA ASP C 293 5.11 36.66 37.18
C ASP C 293 3.92 36.07 36.44
N LYS C 294 3.50 34.86 36.77
CA LYS C 294 2.32 34.21 36.19
C LYS C 294 2.56 33.75 34.75
N SER C 295 3.80 33.76 34.27
CA SER C 295 4.10 33.53 32.87
C SER C 295 3.96 32.07 32.44
N LEU C 296 3.89 31.14 33.39
CA LEU C 296 3.73 29.72 33.08
C LEU C 296 2.30 29.24 33.33
N SER C 297 1.34 30.16 33.33
CA SER C 297 -0.05 29.83 33.62
C SER C 297 -0.69 28.95 32.55
N ASN C 298 -0.07 28.81 31.38
CA ASN C 298 -0.64 27.93 30.35
C ASN C 298 -0.81 26.50 30.86
N VAL C 299 0.06 26.07 31.77
CA VAL C 299 -0.11 24.75 32.38
C VAL C 299 -1.41 24.70 33.17
N ILE C 300 -1.80 25.81 33.81
CA ILE C 300 -3.07 25.83 34.52
C ILE C 300 -4.22 25.71 33.53
N ALA C 301 -4.17 26.50 32.44
CA ALA C 301 -5.20 26.37 31.42
C ALA C 301 -5.25 24.96 30.84
N HIS C 302 -4.10 24.30 30.73
CA HIS C 302 -4.10 22.91 30.26
C HIS C 302 -4.90 22.02 31.19
N GLU C 303 -4.58 22.04 32.49
CA GLU C 303 -5.22 21.12 33.42
C GLU C 303 -6.70 21.45 33.57
N ILE C 304 -7.05 22.74 33.56
CA ILE C 304 -8.46 23.13 33.54
C ILE C 304 -9.17 22.47 32.37
N SER C 305 -8.54 22.51 31.20
CA SER C 305 -9.19 22.01 29.99
C SER C 305 -9.48 20.52 30.06
N HIS C 306 -8.64 19.77 30.79
CA HIS C 306 -8.92 18.34 31.00
C HIS C 306 -10.24 18.10 31.72
N SER C 307 -10.79 19.10 32.39
CA SER C 307 -12.10 18.94 33.01
C SER C 307 -13.16 18.62 31.97
N TRP C 308 -12.87 18.89 30.70
CA TRP C 308 -13.70 18.46 29.58
C TRP C 308 -13.02 17.36 28.76
N THR C 309 -11.85 17.64 28.19
CA THR C 309 -11.19 16.72 27.27
C THR C 309 -10.21 15.87 28.07
N GLY C 310 -10.61 14.64 28.39
CA GLY C 310 -9.81 13.77 29.22
C GLY C 310 -10.61 13.20 30.39
N ASN C 311 -11.11 14.08 31.24
CA ASN C 311 -11.82 13.66 32.45
C ASN C 311 -13.31 13.41 32.18
N LEU C 312 -13.90 14.14 31.24
CA LEU C 312 -15.30 13.97 30.87
C LEU C 312 -15.45 13.06 29.65
N VAL C 313 -14.78 13.43 28.57
CA VAL C 313 -14.56 12.55 27.43
C VAL C 313 -13.17 11.95 27.59
N THR C 314 -13.09 10.62 27.64
CA THR C 314 -11.88 9.92 28.05
C THR C 314 -11.43 8.95 26.96
N ASN C 315 -10.13 8.87 26.72
CA ASN C 315 -9.64 7.86 25.77
C ASN C 315 -9.98 6.46 26.27
N LYS C 316 -10.45 5.62 25.36
CA LYS C 316 -10.91 4.29 25.77
C LYS C 316 -9.74 3.41 26.16
N THR C 317 -8.61 3.55 25.47
CA THR C 317 -7.35 2.91 25.82
C THR C 317 -6.24 3.94 25.61
N TRP C 318 -5.06 3.64 26.14
CA TRP C 318 -3.96 4.59 26.01
C TRP C 318 -3.39 4.65 24.59
N ASP C 319 -3.77 3.71 23.71
CA ASP C 319 -3.43 3.87 22.30
C ASP C 319 -3.99 5.18 21.73
N HIS C 320 -5.07 5.68 22.32
CA HIS C 320 -5.75 6.86 21.83
C HIS C 320 -5.54 8.06 22.74
N PHE C 321 -4.40 8.07 23.42
CA PHE C 321 -4.02 9.18 24.32
C PHE C 321 -4.12 10.53 23.63
N TRP C 322 -3.89 10.59 22.32
CA TRP C 322 -3.89 11.87 21.63
C TRP C 322 -5.24 12.56 21.74
N LEU C 323 -6.31 11.78 21.87
CA LEU C 323 -7.64 12.38 22.07
C LEU C 323 -7.65 13.22 23.34
N ASN C 324 -7.10 12.68 24.43
CA ASN C 324 -7.02 13.43 25.68
C ASN C 324 -6.16 14.69 25.51
N GLU C 325 -4.93 14.52 25.04
CA GLU C 325 -3.95 15.60 25.11
C GLU C 325 -4.05 16.55 23.92
N GLY C 326 -4.31 16.02 22.73
CA GLY C 326 -4.44 16.90 21.57
C GLY C 326 -5.55 17.91 21.75
N HIS C 327 -6.74 17.46 22.16
CA HIS C 327 -7.85 18.38 22.37
C HIS C 327 -7.59 19.31 23.54
N THR C 328 -6.88 18.84 24.57
CA THR C 328 -6.61 19.68 25.74
C THR C 328 -5.64 20.80 25.38
N VAL C 329 -4.61 20.50 24.59
CA VAL C 329 -3.69 21.55 24.14
C VAL C 329 -4.44 22.56 23.28
N TYR C 330 -5.38 22.08 22.47
CA TYR C 330 -6.17 22.96 21.62
C TYR C 330 -7.01 23.91 22.46
N LEU C 331 -7.68 23.39 23.48
CA LEU C 331 -8.47 24.24 24.38
CA LEU C 331 -8.47 24.25 24.36
C LEU C 331 -7.58 25.16 25.20
N GLU C 332 -6.47 24.63 25.72
CA GLU C 332 -5.50 25.43 26.45
C GLU C 332 -5.09 26.67 25.66
N ARG C 333 -4.79 26.50 24.37
CA ARG C 333 -4.28 27.63 23.61
C ARG C 333 -5.39 28.58 23.21
N HIS C 334 -6.63 28.10 23.13
CA HIS C 334 -7.77 29.00 22.98
C HIS C 334 -7.99 29.82 24.24
N ILE C 335 -7.79 29.22 25.41
CA ILE C 335 -7.94 29.97 26.66
C ILE C 335 -6.92 31.10 26.70
N CYS C 336 -5.66 30.78 26.43
CA CYS C 336 -4.62 31.79 26.48
C CYS C 336 -4.78 32.80 25.35
N GLY C 337 -5.32 32.37 24.21
CA GLY C 337 -5.63 33.31 23.15
C GLY C 337 -6.72 34.29 23.56
N ARG C 338 -7.73 33.81 24.28
N ARG C 338 -7.72 33.81 24.30
CA ARG C 338 -8.78 34.69 24.78
CA ARG C 338 -8.77 34.70 24.78
C ARG C 338 -8.21 35.70 25.79
C ARG C 338 -8.24 35.68 25.82
N LEU C 339 -7.31 35.24 26.67
CA LEU C 339 -6.75 36.12 27.68
C LEU C 339 -5.71 37.09 27.14
N PHE C 340 -4.93 36.69 26.15
CA PHE C 340 -3.78 37.46 25.73
C PHE C 340 -3.72 37.78 24.25
N GLY C 341 -4.65 37.27 23.45
CA GLY C 341 -4.73 37.64 22.04
C GLY C 341 -4.46 36.51 21.07
N GLU C 342 -5.08 36.60 19.90
CA GLU C 342 -4.95 35.56 18.89
C GLU C 342 -3.51 35.40 18.43
N LYS C 343 -2.77 36.51 18.34
CA LYS C 343 -1.37 36.43 17.94
C LYS C 343 -0.55 35.65 18.95
N PHE C 344 -0.95 35.67 20.23
CA PHE C 344 -0.28 34.87 21.25
C PHE C 344 -0.65 33.39 21.13
N ARG C 345 -1.90 33.09 20.77
CA ARG C 345 -2.24 31.70 20.50
C ARG C 345 -1.38 31.11 19.38
N HIS C 346 -1.19 31.87 18.29
CA HIS C 346 -0.39 31.38 17.18
C HIS C 346 1.08 31.23 17.58
N PHE C 347 1.61 32.18 18.35
CA PHE C 347 2.97 32.07 18.87
C PHE C 347 3.16 30.76 19.62
N ASN C 348 2.25 30.46 20.55
CA ASN C 348 2.34 29.22 21.31
C ASN C 348 2.10 28.01 20.41
N ALA C 349 1.16 28.11 19.48
CA ALA C 349 0.95 27.04 18.51
C ALA C 349 2.22 26.76 17.72
N LEU C 350 2.85 27.82 17.18
CA LEU C 350 4.08 27.63 16.41
C LEU C 350 5.17 27.03 17.30
N GLY C 351 5.30 27.54 18.52
CA GLY C 351 6.25 26.93 19.45
C GLY C 351 5.98 25.45 19.66
N GLY C 352 4.70 25.06 19.72
CA GLY C 352 4.37 23.66 19.90
C GLY C 352 4.80 22.82 18.71
N TRP C 353 4.73 23.38 17.50
CA TRP C 353 5.24 22.66 16.34
C TRP C 353 6.74 22.43 16.45
N GLY C 354 7.46 23.38 17.05
CA GLY C 354 8.89 23.18 17.26
C GLY C 354 9.19 22.05 18.22
N GLU C 355 8.41 21.95 19.30
CA GLU C 355 8.60 20.85 20.22
C GLU C 355 8.29 19.51 19.56
N LEU C 356 7.35 19.51 18.61
CA LEU C 356 7.09 18.30 17.83
C LEU C 356 8.30 17.94 16.99
N GLN C 357 8.90 18.92 16.33
CA GLN C 357 10.15 18.70 15.61
C GLN C 357 11.18 18.02 16.52
N ASN C 358 11.39 18.58 17.70
CA ASN C 358 12.36 17.99 18.63
C ASN C 358 12.03 16.55 18.97
N SER C 359 10.75 16.26 19.24
CA SER C 359 10.37 14.91 19.65
C SER C 359 10.58 13.91 18.53
N VAL C 360 10.17 14.26 17.31
CA VAL C 360 10.37 13.37 16.18
C VAL C 360 11.86 13.16 15.94
N LYS C 361 12.66 14.22 16.06
CA LYS C 361 14.10 14.09 15.87
C LYS C 361 14.70 13.12 16.89
N THR C 362 14.24 13.20 18.14
CA THR C 362 14.79 12.34 19.19
C THR C 362 14.41 10.88 18.97
N PHE C 363 13.17 10.61 18.58
CA PHE C 363 12.71 9.24 18.37
C PHE C 363 13.18 8.68 17.03
N GLY C 364 13.22 9.52 16.01
CA GLY C 364 13.47 9.11 14.65
C GLY C 364 12.17 9.17 13.86
N GLU C 365 12.27 9.59 12.60
CA GLU C 365 11.06 9.85 11.83
C GLU C 365 10.28 8.59 11.45
N THR C 366 10.83 7.40 11.68
CA THR C 366 10.07 6.17 11.45
C THR C 366 9.64 5.50 12.75
N HIS C 367 9.88 6.13 13.90
CA HIS C 367 9.65 5.43 15.15
C HIS C 367 8.15 5.28 15.42
N PRO C 368 7.71 4.12 15.90
CA PRO C 368 6.26 3.92 16.15
C PRO C 368 5.66 4.90 17.14
N PHE C 369 6.45 5.41 18.09
CA PHE C 369 5.93 6.37 19.06
C PHE C 369 5.70 7.75 18.47
N THR C 370 6.03 7.98 17.19
CA THR C 370 5.71 9.23 16.52
C THR C 370 4.42 9.16 15.73
N LYS C 371 3.74 8.01 15.73
CA LYS C 371 2.39 7.95 15.21
C LYS C 371 1.44 8.66 16.17
N LEU C 372 0.36 9.22 15.62
CA LEU C 372 -0.65 9.84 16.48
C LEU C 372 -1.35 8.77 17.30
N VAL C 373 -1.88 7.74 16.65
CA VAL C 373 -2.42 6.57 17.31
C VAL C 373 -1.32 5.53 17.43
N VAL C 374 -1.00 5.13 18.65
CA VAL C 374 0.09 4.20 18.89
C VAL C 374 -0.49 2.83 19.23
N ASP C 375 0.37 1.83 19.15
CA ASP C 375 0.06 0.47 19.59
C ASP C 375 0.98 0.15 20.76
N LEU C 376 0.42 0.18 21.98
CA LEU C 376 1.18 -0.05 23.19
C LEU C 376 1.29 -1.53 23.55
N THR C 377 1.10 -2.44 22.60
CA THR C 377 1.36 -3.84 22.85
C THR C 377 2.83 -4.03 23.23
N ASP C 378 3.07 -4.55 24.44
CA ASP C 378 4.42 -4.81 24.93
C ASP C 378 5.22 -3.53 25.13
N ILE C 379 4.54 -2.42 25.39
CA ILE C 379 5.16 -1.11 25.59
C ILE C 379 4.71 -0.56 26.93
N ASP C 380 5.66 -0.11 27.73
CA ASP C 380 5.36 0.60 28.97
C ASP C 380 4.87 2.01 28.63
N PRO C 381 3.65 2.40 29.01
CA PRO C 381 3.19 3.76 28.72
C PRO C 381 4.17 4.85 29.15
N ASP C 382 4.88 4.66 30.26
CA ASP C 382 5.81 5.68 30.73
C ASP C 382 7.01 5.82 29.79
N VAL C 383 7.39 4.74 29.12
CA VAL C 383 8.49 4.79 28.17
C VAL C 383 8.06 5.45 26.86
N ALA C 384 6.82 5.22 26.43
CA ALA C 384 6.34 5.78 25.17
C ALA C 384 5.90 7.23 25.30
N TYR C 385 5.69 7.71 26.53
CA TYR C 385 5.23 9.07 26.74
C TYR C 385 6.14 10.09 26.08
N SER C 386 5.54 11.04 25.36
CA SER C 386 6.30 12.09 24.68
C SER C 386 5.36 13.25 24.36
N SER C 387 5.91 14.26 23.68
CA SER C 387 5.14 15.40 23.20
C SER C 387 4.31 15.08 21.96
N VAL C 388 4.51 13.92 21.35
CA VAL C 388 3.85 13.64 20.07
C VAL C 388 2.34 13.69 20.18
N PRO C 389 1.68 12.97 21.10
CA PRO C 389 0.21 13.06 21.14
C PRO C 389 -0.27 14.45 21.44
N TYR C 390 0.49 15.22 22.22
CA TYR C 390 0.13 16.60 22.51
C TYR C 390 0.14 17.46 21.26
N GLU C 391 1.27 17.46 20.55
CA GLU C 391 1.54 18.45 19.52
C GLU C 391 1.19 17.98 18.11
N LYS C 392 1.36 16.69 17.80
CA LYS C 392 0.80 16.20 16.55
C LYS C 392 -0.72 16.16 16.62
N GLY C 393 -1.26 15.85 17.81
CA GLY C 393 -2.69 15.97 18.01
C GLY C 393 -3.16 17.39 17.86
N PHE C 394 -2.50 18.33 18.54
CA PHE C 394 -2.87 19.73 18.36
C PHE C 394 -2.73 20.15 16.90
N ALA C 395 -1.64 19.76 16.25
CA ALA C 395 -1.41 20.17 14.86
C ALA C 395 -2.54 19.70 13.96
N LEU C 396 -3.04 18.47 14.19
CA LEU C 396 -4.17 17.96 13.41
C LEU C 396 -5.40 18.83 13.62
N LEU C 397 -5.72 19.16 14.87
CA LEU C 397 -6.90 19.96 15.16
C LEU C 397 -6.76 21.39 14.63
N PHE C 398 -5.56 21.96 14.73
CA PHE C 398 -5.32 23.31 14.21
C PHE C 398 -5.43 23.33 12.70
N TYR C 399 -4.87 22.31 12.04
CA TYR C 399 -5.01 22.15 10.60
C TYR C 399 -6.48 22.03 10.21
N LEU C 400 -7.25 21.18 10.92
CA LEU C 400 -8.67 21.03 10.61
C LEU C 400 -9.42 22.34 10.85
N GLU C 401 -9.09 23.05 11.93
CA GLU C 401 -9.68 24.37 12.15
C GLU C 401 -9.53 25.25 10.93
N GLN C 402 -8.30 25.34 10.39
CA GLN C 402 -8.05 26.22 9.25
C GLN C 402 -8.68 25.68 7.98
N LEU C 403 -8.81 24.36 7.88
CA LEU C 403 -9.42 23.75 6.70
C LEU C 403 -10.94 23.96 6.70
N LEU C 404 -11.59 23.91 7.86
CA LEU C 404 -13.03 23.81 7.96
C LEU C 404 -13.74 25.13 8.21
N GLY C 405 -13.02 26.25 8.26
CA GLY C 405 -13.67 27.55 8.33
C GLY C 405 -13.26 28.43 9.50
N GLY C 406 -12.26 28.01 10.27
CA GLY C 406 -11.69 28.88 11.27
C GLY C 406 -12.09 28.53 12.69
N PRO C 407 -11.52 29.27 13.66
CA PRO C 407 -11.67 28.88 15.07
C PRO C 407 -13.11 28.86 15.56
N GLU C 408 -13.91 29.86 15.18
N GLU C 408 -13.92 29.86 15.19
CA GLU C 408 -15.30 29.91 15.63
CA GLU C 408 -15.31 29.87 15.67
C GLU C 408 -16.04 28.63 15.25
C GLU C 408 -16.05 28.60 15.27
N ILE C 409 -15.94 28.23 13.98
CA ILE C 409 -16.63 27.04 13.51
C ILE C 409 -16.10 25.79 14.21
N PHE C 410 -14.78 25.67 14.32
CA PHE C 410 -14.25 24.43 14.88
C PHE C 410 -14.56 24.31 16.37
N LEU C 411 -14.58 25.44 17.10
CA LEU C 411 -14.98 25.40 18.50
C LEU C 411 -16.43 24.96 18.64
N GLY C 412 -17.27 25.26 17.66
CA GLY C 412 -18.61 24.69 17.66
C GLY C 412 -18.59 23.17 17.63
N PHE C 413 -17.75 22.60 16.76
CA PHE C 413 -17.57 21.16 16.74
C PHE C 413 -17.06 20.65 18.08
N LEU C 414 -16.10 21.36 18.67
CA LEU C 414 -15.48 20.87 19.90
C LEU C 414 -16.49 20.82 21.04
N LYS C 415 -17.35 21.83 21.14
CA LYS C 415 -18.34 21.83 22.20
C LYS C 415 -19.34 20.70 22.02
N ALA C 416 -19.73 20.43 20.77
CA ALA C 416 -20.67 19.36 20.48
C ALA C 416 -20.05 17.99 20.72
N TYR C 417 -18.75 17.86 20.41
CA TYR C 417 -18.03 16.63 20.66
C TYR C 417 -17.98 16.31 22.15
N VAL C 418 -17.71 17.32 22.99
CA VAL C 418 -17.72 17.11 24.42
C VAL C 418 -19.10 16.68 24.90
N GLU C 419 -20.14 17.37 24.43
CA GLU C 419 -21.50 17.04 24.83
C GLU C 419 -21.88 15.64 24.36
N LYS C 420 -21.50 15.30 23.13
CA LYS C 420 -21.81 13.98 22.59
C LYS C 420 -21.25 12.87 23.47
N PHE C 421 -20.00 13.00 23.91
CA PHE C 421 -19.30 11.89 24.56
C PHE C 421 -19.03 12.14 26.04
N SER C 422 -19.71 13.10 26.65
CA SER C 422 -19.53 13.35 28.08
C SER C 422 -19.81 12.07 28.88
N TYR C 423 -18.92 11.78 29.82
CA TYR C 423 -19.02 10.65 30.75
C TYR C 423 -18.71 9.31 30.08
N LYS C 424 -18.21 9.32 28.85
CA LYS C 424 -17.93 8.10 28.11
C LYS C 424 -16.44 8.00 27.81
N SER C 425 -16.03 6.83 27.33
CA SER C 425 -14.68 6.56 26.87
C SER C 425 -14.74 6.14 25.41
N ILE C 426 -13.90 6.75 24.57
CA ILE C 426 -14.05 6.67 23.12
C ILE C 426 -12.71 6.41 22.45
N THR C 427 -12.80 6.11 21.16
CA THR C 427 -11.65 5.82 20.31
C THR C 427 -11.51 6.89 19.23
N THR C 428 -10.38 6.83 18.53
CA THR C 428 -10.15 7.73 17.42
C THR C 428 -11.26 7.62 16.38
N ASP C 429 -11.73 6.40 16.12
CA ASP C 429 -12.82 6.21 15.15
C ASP C 429 -14.12 6.83 15.65
N ASP C 430 -14.37 6.80 16.95
CA ASP C 430 -15.52 7.53 17.49
C ASP C 430 -15.40 9.01 17.17
N TRP C 431 -14.22 9.58 17.44
CA TRP C 431 -14.00 11.00 17.18
C TRP C 431 -14.16 11.31 15.70
N LYS C 432 -13.48 10.54 14.85
CA LYS C 432 -13.52 10.80 13.40
C LYS C 432 -14.93 10.67 12.86
N ASP C 433 -15.65 9.61 13.26
CA ASP C 433 -17.02 9.43 12.82
C ASP C 433 -17.88 10.63 13.21
N PHE C 434 -17.64 11.18 14.39
CA PHE C 434 -18.45 12.33 14.82
C PHE C 434 -18.04 13.58 14.07
N LEU C 435 -16.74 13.75 13.82
CA LEU C 435 -16.28 14.87 12.98
C LEU C 435 -17.04 14.88 11.65
N TYR C 436 -17.10 13.72 11.00
CA TYR C 436 -17.79 13.60 9.73
C TYR C 436 -19.28 13.86 9.89
N SER C 437 -19.87 13.44 11.00
CA SER C 437 -21.29 13.68 11.24
C SER C 437 -21.56 15.15 11.48
N TYR C 438 -20.77 15.79 12.35
CA TYR C 438 -20.97 17.21 12.62
C TYR C 438 -20.75 18.05 11.38
N PHE C 439 -19.73 17.72 10.58
CA PHE C 439 -19.42 18.47 9.36
C PHE C 439 -19.94 17.76 8.12
N LYS C 440 -21.17 17.24 8.19
CA LYS C 440 -21.71 16.46 7.08
C LYS C 440 -21.84 17.29 5.80
N ASP C 441 -21.89 18.61 5.91
CA ASP C 441 -21.96 19.48 4.74
C ASP C 441 -20.57 19.83 4.18
N LYS C 442 -19.50 19.33 4.80
CA LYS C 442 -18.15 19.55 4.32
C LYS C 442 -17.40 18.23 4.17
N VAL C 443 -18.12 17.16 3.87
CA VAL C 443 -17.49 15.85 3.76
C VAL C 443 -16.44 15.85 2.66
N ASP C 444 -16.70 16.57 1.56
CA ASP C 444 -15.73 16.63 0.47
C ASP C 444 -14.43 17.29 0.93
N VAL C 445 -14.53 18.27 1.83
CA VAL C 445 -13.33 18.85 2.42
C VAL C 445 -12.62 17.83 3.30
N LEU C 446 -13.36 17.20 4.22
CA LEU C 446 -12.77 16.20 5.09
C LEU C 446 -12.09 15.10 4.28
N ASN C 447 -12.71 14.66 3.19
CA ASN C 447 -12.14 13.59 2.38
C ASN C 447 -10.85 14.00 1.66
N GLN C 448 -10.40 15.24 1.76
CA GLN C 448 -9.08 15.61 1.24
C GLN C 448 -7.99 15.49 2.30
N VAL C 449 -8.35 15.16 3.54
CA VAL C 449 -7.36 14.94 4.58
C VAL C 449 -6.70 13.59 4.36
N ASP C 450 -5.38 13.54 4.46
CA ASP C 450 -4.65 12.27 4.41
C ASP C 450 -4.78 11.60 5.78
N TRP C 451 -5.92 10.95 5.99
CA TRP C 451 -6.24 10.43 7.31
C TRP C 451 -5.25 9.37 7.76
N ASN C 452 -4.88 8.46 6.86
N ASN C 452 -4.84 8.49 6.85
CA ASN C 452 -3.92 7.41 7.20
CA ASN C 452 -3.94 7.42 7.25
C ASN C 452 -2.60 8.01 7.66
C ASN C 452 -2.55 7.94 7.59
N ALA C 453 -2.13 9.04 6.95
CA ALA C 453 -0.85 9.65 7.31
C ALA C 453 -0.95 10.37 8.66
N TRP C 454 -1.97 11.19 8.83
CA TRP C 454 -2.12 11.93 10.08
C TRP C 454 -2.23 10.99 11.27
N LEU C 455 -3.14 10.00 11.19
CA LEU C 455 -3.44 9.17 12.35
C LEU C 455 -2.43 8.04 12.56
N TYR C 456 -1.84 7.50 11.49
CA TYR C 456 -1.12 6.23 11.59
C TYR C 456 0.29 6.24 11.02
N SER C 457 0.72 7.31 10.34
CA SER C 457 2.09 7.27 9.83
C SER C 457 3.06 7.88 10.84
N PRO C 458 4.26 7.35 10.99
CA PRO C 458 5.26 8.00 11.85
C PRO C 458 5.79 9.27 11.20
N GLY C 459 6.49 10.06 12.00
CA GLY C 459 7.17 11.24 11.50
C GLY C 459 6.36 12.51 11.65
N LEU C 460 6.86 13.57 11.02
CA LEU C 460 6.15 14.83 11.04
C LEU C 460 4.87 14.73 10.20
N PRO C 461 3.85 15.53 10.51
CA PRO C 461 2.58 15.44 9.78
C PRO C 461 2.77 15.73 8.31
N PRO C 462 1.85 15.26 7.45
CA PRO C 462 2.00 15.47 6.02
C PRO C 462 1.78 16.91 5.58
N ILE C 463 1.26 17.77 6.44
CA ILE C 463 1.04 19.17 6.10
C ILE C 463 1.18 19.99 7.37
N LYS C 464 1.76 21.18 7.23
CA LYS C 464 1.99 22.07 8.36
C LYS C 464 0.95 23.16 8.38
N PRO C 465 0.29 23.45 9.51
CA PRO C 465 -0.69 24.54 9.54
C PRO C 465 -0.07 25.88 9.19
N ASN C 466 -0.90 26.91 9.11
CA ASN C 466 -0.45 28.28 8.92
C ASN C 466 -0.37 28.96 10.28
N TYR C 467 0.70 29.72 10.49
CA TYR C 467 0.97 30.38 11.76
C TYR C 467 1.28 31.85 11.54
N ASP C 468 0.56 32.73 12.23
CA ASP C 468 0.98 34.11 12.37
C ASP C 468 2.36 34.17 12.99
N MET C 469 3.21 35.05 12.47
CA MET C 469 4.60 35.13 12.87
C MET C 469 4.92 36.34 13.73
N THR C 470 3.92 37.18 14.05
CA THR C 470 4.18 38.49 14.63
C THR C 470 5.13 38.43 15.81
N LEU C 471 4.82 37.60 16.81
CA LEU C 471 5.61 37.53 18.03
C LEU C 471 6.82 36.63 17.91
N THR C 472 6.93 35.85 16.83
CA THR C 472 8.05 34.94 16.65
C THR C 472 9.20 35.56 15.86
N ASN C 473 8.91 36.55 15.02
CA ASN C 473 9.92 37.13 14.16
C ASN C 473 11.15 37.57 14.95
N ALA C 474 10.94 38.36 16.01
CA ALA C 474 12.06 38.88 16.80
C ALA C 474 12.90 37.75 17.41
N CYS C 475 12.27 36.63 17.75
CA CYS C 475 13.02 35.49 18.28
C CYS C 475 13.91 34.87 17.20
N ILE C 476 13.37 34.71 15.99
CA ILE C 476 14.15 34.14 14.89
CA ILE C 476 14.16 34.13 14.91
C ILE C 476 15.33 35.04 14.57
N ALA C 477 15.09 36.35 14.50
CA ALA C 477 16.15 37.29 14.14
C ALA C 477 17.30 37.25 15.15
N LEU C 478 16.99 37.28 16.44
CA LEU C 478 18.06 37.26 17.43
C LEU C 478 18.81 35.94 17.42
N SER C 479 18.09 34.82 17.27
CA SER C 479 18.75 33.53 17.21
CA SER C 479 18.75 33.53 17.21
C SER C 479 19.67 33.43 16.01
N GLN C 480 19.19 33.86 14.84
CA GLN C 480 20.02 33.81 13.64
C GLN C 480 21.23 34.72 13.76
N ARG C 481 21.06 35.90 14.36
CA ARG C 481 22.21 36.77 14.61
C ARG C 481 23.29 36.02 15.38
N TRP C 482 22.89 35.26 16.41
CA TRP C 482 23.86 34.52 17.20
C TRP C 482 24.42 33.33 16.45
N ILE C 483 23.55 32.57 15.76
CA ILE C 483 23.98 31.38 15.06
C ILE C 483 25.04 31.72 14.01
N THR C 484 24.79 32.78 13.23
CA THR C 484 25.69 33.17 12.16
C THR C 484 26.76 34.16 12.60
N ALA C 485 26.78 34.56 13.87
CA ALA C 485 27.76 35.51 14.34
C ALA C 485 29.16 34.90 14.35
N LYS C 486 30.14 35.75 14.12
CA LYS C 486 31.56 35.39 14.16
C LYS C 486 32.21 36.11 15.34
N GLU C 487 33.54 35.99 15.46
CA GLU C 487 34.25 36.66 16.54
C GLU C 487 34.09 38.16 16.46
N ASP C 488 34.20 38.74 15.25
CA ASP C 488 34.10 40.18 15.07
C ASP C 488 32.71 40.72 15.32
N ASP C 489 31.73 39.87 15.65
CA ASP C 489 30.37 40.32 15.94
C ASP C 489 29.98 40.21 17.40
N LEU C 490 30.71 39.41 18.19
CA LEU C 490 30.29 39.17 19.57
C LEU C 490 30.21 40.44 20.38
N ASN C 491 31.09 41.41 20.10
CA ASN C 491 31.10 42.66 20.84
C ASN C 491 29.84 43.49 20.60
N SER C 492 29.15 43.30 19.47
CA SER C 492 27.95 44.07 19.18
C SER C 492 26.76 43.65 20.04
N PHE C 493 26.73 42.42 20.54
CA PHE C 493 25.60 41.99 21.34
C PHE C 493 25.60 42.72 22.67
N ASN C 494 24.41 43.10 23.12
CA ASN C 494 24.25 43.94 24.31
C ASN C 494 22.96 43.56 25.01
N ALA C 495 22.91 43.84 26.31
CA ALA C 495 21.70 43.61 27.07
C ALA C 495 20.49 44.24 26.40
N THR C 496 20.68 45.34 25.67
CA THR C 496 19.57 46.00 24.99
C THR C 496 18.93 45.12 23.94
N ASP C 497 19.60 44.03 23.50
CA ASP C 497 19.00 43.12 22.54
C ASP C 497 17.68 42.56 23.05
N LEU C 498 17.52 42.47 24.36
CA LEU C 498 16.35 41.85 24.97
C LEU C 498 15.29 42.88 25.37
N LYS C 499 15.49 44.14 24.97
CA LYS C 499 14.65 45.24 25.44
C LYS C 499 13.16 44.91 25.34
N ASP C 500 12.70 44.52 24.15
CA ASP C 500 11.29 44.40 23.87
C ASP C 500 10.84 42.95 23.78
N LEU C 501 11.51 42.05 24.50
CA LEU C 501 11.18 40.63 24.46
C LEU C 501 10.55 40.20 25.78
N SER C 502 9.39 39.56 25.69
CA SER C 502 8.75 38.97 26.85
C SER C 502 9.50 37.71 27.27
N SER C 503 9.19 37.24 28.48
CA SER C 503 9.76 35.97 28.92
C SER C 503 9.46 34.87 27.92
N HIS C 504 8.24 34.86 27.35
CA HIS C 504 7.87 33.85 26.36
C HIS C 504 8.77 33.93 25.14
N GLN C 505 9.14 35.15 24.74
CA GLN C 505 10.01 35.31 23.58
C GLN C 505 11.46 34.95 23.92
N LEU C 506 11.90 35.28 25.14
CA LEU C 506 13.22 34.81 25.57
C LEU C 506 13.30 33.30 25.52
N ASN C 507 12.28 32.64 26.05
CA ASN C 507 12.23 31.18 26.02
C ASN C 507 12.26 30.66 24.58
N GLU C 508 11.50 31.29 23.68
CA GLU C 508 11.47 30.83 22.29
C GLU C 508 12.80 31.08 21.60
N PHE C 509 13.42 32.25 21.82
CA PHE C 509 14.74 32.50 21.29
C PHE C 509 15.70 31.39 21.69
N LEU C 510 15.68 31.00 22.97
CA LEU C 510 16.58 29.95 23.43
C LEU C 510 16.20 28.60 22.84
N ALA C 511 14.90 28.35 22.63
CA ALA C 511 14.48 27.10 22.01
C ALA C 511 14.96 27.02 20.56
N GLN C 512 14.91 28.13 19.85
CA GLN C 512 15.40 28.14 18.47
C GLN C 512 16.91 27.94 18.44
N THR C 513 17.64 28.60 19.33
CA THR C 513 19.08 28.42 19.37
C THR C 513 19.44 26.99 19.78
N LEU C 514 18.73 26.43 20.75
CA LEU C 514 19.02 25.07 21.20
C LEU C 514 18.88 24.06 20.06
N GLN C 515 17.94 24.28 19.15
CA GLN C 515 17.77 23.38 18.01
C GLN C 515 19.01 23.33 17.12
N ARG C 516 19.86 24.35 17.18
CA ARG C 516 21.07 24.39 16.37
C ARG C 516 22.33 24.31 17.22
N ALA C 517 22.21 23.77 18.42
CA ALA C 517 23.37 23.49 19.27
C ALA C 517 24.23 22.40 18.63
N PRO C 518 25.54 22.42 18.90
CA PRO C 518 26.22 23.38 19.78
C PRO C 518 26.57 24.70 19.11
N LEU C 519 26.67 25.76 19.92
CA LEU C 519 27.27 26.99 19.46
C LEU C 519 28.73 27.03 19.87
N PRO C 520 29.54 27.89 19.25
CA PRO C 520 30.92 28.04 19.71
C PRO C 520 30.96 28.43 21.17
N LEU C 521 31.86 27.80 21.93
CA LEU C 521 31.93 28.06 23.36
C LEU C 521 32.14 29.54 23.65
N GLY C 522 32.80 30.27 22.74
CA GLY C 522 32.94 31.70 22.93
C GLY C 522 31.63 32.45 22.82
N HIS C 523 30.72 31.97 21.96
CA HIS C 523 29.41 32.59 21.87
C HIS C 523 28.63 32.44 23.17
N ILE C 524 28.65 31.24 23.76
CA ILE C 524 27.91 30.99 24.99
C ILE C 524 28.45 31.85 26.12
N LYS C 525 29.78 31.96 26.22
CA LYS C 525 30.37 32.82 27.25
C LYS C 525 29.92 34.26 27.09
N ARG C 526 29.90 34.76 25.84
CA ARG C 526 29.42 36.11 25.60
C ARG C 526 27.95 36.24 25.97
N MET C 527 27.13 35.27 25.54
CA MET C 527 25.70 35.33 25.84
C MET C 527 25.47 35.53 27.33
N GLN C 528 26.21 34.82 28.17
CA GLN C 528 26.06 35.02 29.61
C GLN C 528 26.52 36.41 30.02
N GLU C 529 27.59 36.90 29.40
CA GLU C 529 28.14 38.19 29.81
C GLU C 529 27.16 39.33 29.55
N VAL C 530 26.44 39.29 28.42
CA VAL C 530 25.58 40.41 28.04
C VAL C 530 24.12 40.18 28.44
N TYR C 531 23.70 38.92 28.58
CA TYR C 531 22.31 38.63 28.90
C TYR C 531 22.08 38.13 30.31
N ASN C 532 23.12 37.62 30.98
CA ASN C 532 23.02 37.16 32.37
C ASN C 532 21.86 36.18 32.55
N PHE C 533 21.76 35.21 31.63
CA PHE C 533 20.73 34.19 31.78
C PHE C 533 20.94 33.34 33.03
N ASN C 534 22.16 33.34 33.60
CA ASN C 534 22.37 32.59 34.83
C ASN C 534 21.52 33.13 35.97
N ALA C 535 21.07 34.38 35.89
CA ALA C 535 20.27 34.98 36.94
C ALA C 535 18.78 34.69 36.83
N ILE C 536 18.33 34.11 35.71
CA ILE C 536 16.90 33.91 35.50
C ILE C 536 16.46 32.61 36.16
N ASN C 537 15.37 32.68 36.91
CA ASN C 537 14.86 31.54 37.65
C ASN C 537 13.57 30.96 37.06
N ASN C 538 13.01 31.60 36.03
CA ASN C 538 11.97 30.99 35.22
C ASN C 538 12.44 29.62 34.75
N SER C 539 11.72 28.57 35.16
CA SER C 539 12.23 27.22 34.97
C SER C 539 12.34 26.83 33.51
N GLU C 540 11.44 27.34 32.66
CA GLU C 540 11.52 27.00 31.25
C GLU C 540 12.74 27.63 30.59
N ILE C 541 13.00 28.91 30.88
CA ILE C 541 14.16 29.60 30.33
C ILE C 541 15.46 28.98 30.86
N ARG C 542 15.53 28.77 32.16
CA ARG C 542 16.74 28.22 32.76
C ARG C 542 17.03 26.83 32.23
N PHE C 543 15.98 26.03 32.04
CA PHE C 543 16.13 24.70 31.45
C PHE C 543 16.82 24.78 30.09
N ARG C 544 16.25 25.56 29.16
CA ARG C 544 16.82 25.64 27.82
C ARG C 544 18.18 26.31 27.83
N TRP C 545 18.38 27.29 28.71
CA TRP C 545 19.67 27.96 28.81
C TRP C 545 20.76 26.99 29.25
N LEU C 546 20.49 26.19 30.29
CA LEU C 546 21.50 25.24 30.76
C LEU C 546 21.72 24.12 29.76
N ARG C 547 20.67 23.67 29.07
CA ARG C 547 20.87 22.69 28.01
C ARG C 547 21.78 23.26 26.92
N LEU C 548 21.56 24.53 26.56
CA LEU C 548 22.42 25.16 25.56
C LEU C 548 23.87 25.17 26.02
N CYS C 549 24.10 25.54 27.28
CA CYS C 549 25.47 25.62 27.79
C CYS C 549 26.14 24.26 27.81
N ILE C 550 25.42 23.24 28.28
CA ILE C 550 25.99 21.90 28.37
C ILE C 550 26.28 21.36 26.98
N GLN C 551 25.31 21.45 26.07
CA GLN C 551 25.52 20.93 24.72
C GLN C 551 26.62 21.70 23.98
N SER C 552 26.92 22.92 24.41
CA SER C 552 28.01 23.71 23.83
C SER C 552 29.31 23.58 24.61
N LYS C 553 29.39 22.64 25.54
CA LYS C 553 30.65 22.24 26.17
C LYS C 553 31.20 23.31 27.11
N TRP C 554 30.33 23.99 27.85
CA TRP C 554 30.75 24.95 28.86
C TRP C 554 30.80 24.24 30.21
N GLU C 555 32.01 24.09 30.76
CA GLU C 555 32.17 23.39 32.02
C GLU C 555 31.58 24.16 33.19
N ASP C 556 31.54 25.49 33.11
N ASP C 556 31.55 25.49 33.11
CA ASP C 556 31.01 26.29 34.20
CA ASP C 556 31.00 26.28 34.21
C ASP C 556 29.51 26.10 34.40
C ASP C 556 29.55 25.92 34.49
N ALA C 557 28.83 25.45 33.47
CA ALA C 557 27.41 25.17 33.60
C ALA C 557 27.12 23.81 34.22
N ILE C 558 28.12 22.95 34.35
CA ILE C 558 27.87 21.60 34.89
C ILE C 558 27.23 21.65 36.27
N PRO C 559 27.77 22.39 37.25
CA PRO C 559 27.12 22.40 38.58
C PRO C 559 25.73 23.02 38.55
N LEU C 560 25.50 24.03 37.71
CA LEU C 560 24.17 24.61 37.62
C LEU C 560 23.18 23.61 37.05
N ALA C 561 23.62 22.84 36.04
CA ALA C 561 22.75 21.84 35.44
C ALA C 561 22.47 20.71 36.43
N LEU C 562 23.51 20.22 37.11
CA LEU C 562 23.31 19.18 38.11
C LEU C 562 22.35 19.65 39.20
N LYS C 563 22.51 20.89 39.64
CA LYS C 563 21.66 21.44 40.68
C LYS C 563 20.19 21.46 40.24
N MET C 564 19.91 21.94 39.03
CA MET C 564 18.52 21.98 38.58
C MET C 564 17.96 20.58 38.37
N ALA C 565 18.76 19.64 37.88
CA ALA C 565 18.24 18.31 37.60
C ALA C 565 17.82 17.59 38.88
N THR C 566 18.44 17.91 40.01
CA THR C 566 18.22 17.18 41.26
C THR C 566 17.36 17.94 42.26
N GLU C 567 17.38 19.28 42.27
CA GLU C 567 16.59 20.04 43.22
C GLU C 567 15.14 20.14 42.82
N GLN C 568 14.80 19.76 41.60
CA GLN C 568 13.43 19.53 41.19
C GLN C 568 13.41 18.27 40.34
N GLY C 569 12.22 17.71 40.17
CA GLY C 569 12.09 16.41 39.54
C GLY C 569 11.07 16.36 38.42
N ARG C 570 10.66 17.52 37.92
CA ARG C 570 9.82 17.54 36.73
C ARG C 570 10.56 16.87 35.58
N MET C 571 10.01 15.75 35.10
CA MET C 571 10.75 14.93 34.12
C MET C 571 11.07 15.71 32.86
N LYS C 572 10.18 16.63 32.46
CA LYS C 572 10.45 17.51 31.33
C LYS C 572 11.82 18.17 31.44
N PHE C 573 12.28 18.43 32.66
CA PHE C 573 13.56 19.08 32.92
C PHE C 573 14.63 18.09 33.32
N THR C 574 14.30 17.21 34.28
CA THR C 574 15.30 16.34 34.89
C THR C 574 15.87 15.35 33.87
N ARG C 575 15.01 14.72 33.06
CA ARG C 575 15.51 13.71 32.14
C ARG C 575 16.42 14.33 31.08
N PRO C 576 16.04 15.38 30.37
CA PRO C 576 16.95 15.93 29.36
C PRO C 576 18.24 16.48 29.96
N LEU C 577 18.20 17.04 31.17
CA LEU C 577 19.42 17.55 31.78
C LEU C 577 20.40 16.41 32.08
N PHE C 578 19.92 15.35 32.75
CA PHE C 578 20.78 14.19 32.96
C PHE C 578 21.29 13.65 31.64
N LYS C 579 20.44 13.61 30.62
CA LYS C 579 20.86 13.08 29.32
C LYS C 579 21.95 13.94 28.70
N ASP C 580 21.77 15.26 28.72
CA ASP C 580 22.81 16.16 28.22
C ASP C 580 24.10 16.01 29.04
N LEU C 581 23.96 15.97 30.37
CA LEU C 581 25.13 15.84 31.22
C LEU C 581 25.86 14.53 30.98
N ALA C 582 25.13 13.46 30.65
CA ALA C 582 25.78 12.19 30.35
C ALA C 582 26.51 12.23 29.01
N ALA C 583 26.00 13.01 28.05
CA ALA C 583 26.63 13.10 26.74
C ALA C 583 27.80 14.08 26.71
N PHE C 584 27.97 14.89 27.76
CA PHE C 584 29.10 15.81 27.90
C PHE C 584 30.23 15.05 28.58
N ASP C 585 31.33 14.84 27.87
CA ASP C 585 32.38 13.95 28.38
C ASP C 585 32.86 14.38 29.76
N LYS C 586 32.92 15.68 30.02
CA LYS C 586 33.46 16.20 31.27
C LYS C 586 32.49 16.10 32.44
N SER C 587 31.22 15.80 32.19
CA SER C 587 30.25 15.65 33.26
C SER C 587 29.60 14.26 33.28
N HIS C 588 30.01 13.36 32.37
CA HIS C 588 29.40 12.04 32.34
C HIS C 588 29.52 11.34 33.68
N ASP C 589 30.74 11.23 34.21
CA ASP C 589 30.93 10.53 35.47
C ASP C 589 30.11 11.18 36.59
N GLN C 590 30.07 12.51 36.62
CA GLN C 590 29.33 13.20 37.66
C GLN C 590 27.83 12.97 37.52
N ALA C 591 27.34 12.89 36.27
CA ALA C 591 25.92 12.64 36.04
C ALA C 591 25.51 11.27 36.59
N VAL C 592 26.28 10.23 36.25
CA VAL C 592 25.97 8.89 36.75
C VAL C 592 26.08 8.86 38.27
N ARG C 593 27.15 9.41 38.81
CA ARG C 593 27.33 9.39 40.26
C ARG C 593 26.19 10.12 40.96
N THR C 594 25.85 11.31 40.46
CA THR C 594 24.77 12.08 41.08
C THR C 594 23.46 11.30 41.03
N TYR C 595 23.20 10.62 39.91
CA TYR C 595 21.98 9.83 39.84
C TYR C 595 21.96 8.74 40.89
N GLN C 596 23.03 7.95 40.96
CA GLN C 596 23.08 6.87 41.94
C GLN C 596 22.92 7.41 43.36
N GLU C 597 23.49 8.57 43.65
N GLU C 597 23.49 8.57 43.65
CA GLU C 597 23.40 9.13 44.99
CA GLU C 597 23.40 9.14 44.98
C GLU C 597 22.01 9.67 45.32
C GLU C 597 21.97 9.60 45.31
N HIS C 598 21.20 10.02 44.31
CA HIS C 598 19.87 10.58 44.55
C HIS C 598 18.73 9.61 44.28
N LYS C 599 18.95 8.52 43.55
CA LYS C 599 17.83 7.76 43.02
C LYS C 599 16.96 7.16 44.11
N ALA C 600 17.54 6.87 45.28
CA ALA C 600 16.74 6.36 46.39
C ALA C 600 15.66 7.36 46.81
N SER C 601 15.99 8.65 46.76
CA SER C 601 15.08 9.69 47.24
C SER C 601 14.22 10.29 46.12
N MET C 602 14.33 9.79 44.90
CA MET C 602 13.59 10.32 43.77
C MET C 602 12.21 9.68 43.66
N HIS C 603 11.35 10.30 42.86
CA HIS C 603 10.09 9.67 42.50
C HIS C 603 10.37 8.35 41.79
N PRO C 604 9.61 7.29 42.09
CA PRO C 604 9.93 5.97 41.50
C PRO C 604 9.88 5.92 39.98
N VAL C 605 8.95 6.65 39.36
CA VAL C 605 8.87 6.64 37.90
C VAL C 605 10.04 7.40 37.31
N THR C 606 10.31 8.60 37.84
CA THR C 606 11.45 9.37 37.36
C THR C 606 12.75 8.61 37.56
N ALA C 607 12.91 7.97 38.72
CA ALA C 607 14.14 7.23 38.98
C ALA C 607 14.32 6.12 37.95
N MET C 608 13.23 5.43 37.62
CA MET C 608 13.30 4.36 36.62
C MET C 608 13.68 4.92 35.26
N LEU C 609 13.06 6.03 34.84
CA LEU C 609 13.29 6.52 33.49
C LEU C 609 14.68 7.13 33.35
N VAL C 610 15.14 7.87 34.37
CA VAL C 610 16.51 8.41 34.33
C VAL C 610 17.51 7.26 34.31
N GLY C 611 17.29 6.23 35.11
CA GLY C 611 18.14 5.05 35.05
C GLY C 611 18.19 4.47 33.65
N LYS C 612 17.03 4.35 33.01
CA LYS C 612 16.98 3.88 31.63
C LYS C 612 17.72 4.82 30.69
N ASP C 613 17.53 6.13 30.86
CA ASP C 613 18.21 7.10 30.01
C ASP C 613 19.72 7.00 30.13
N LEU C 614 20.22 6.78 31.34
CA LEU C 614 21.66 6.71 31.58
C LEU C 614 22.25 5.33 31.31
N LYS C 615 21.41 4.32 31.10
CA LYS C 615 21.86 2.95 30.84
C LYS C 615 22.63 2.40 32.03
N VAL C 616 22.06 2.54 33.22
CA VAL C 616 22.67 2.00 34.43
C VAL C 616 21.91 0.77 34.90
ZN ZN D . -5.90 9.83 -42.03
N1 IMD E . 8.77 17.67 -48.11
C2 IMD E . 9.13 18.51 -49.11
N3 IMD E . 10.35 18.15 -49.57
C4 IMD E . 10.77 17.08 -48.87
C5 IMD E . 9.77 16.77 -47.95
HN1 IMD E . 7.94 17.69 -47.61
H2 IMD E . 8.59 19.25 -49.45
HN3 IMD E . 10.84 18.59 -50.31
H4 IMD E . 11.62 16.61 -48.98
H5 IMD E . 9.80 16.05 -47.30
N1 IMD F . -22.16 10.22 -49.04
C2 IMD F . -22.07 9.16 -49.89
N3 IMD F . -22.96 8.21 -49.48
C4 IMD F . -23.59 8.68 -48.39
C5 IMD F . -23.09 9.94 -48.11
HN1 IMD F . -21.63 11.04 -49.10
H2 IMD F . -21.47 9.09 -50.66
HN3 IMD F . -23.12 7.34 -49.91
H4 IMD F . -24.29 8.21 -47.88
H5 IMD F . -23.35 10.53 -47.37
N1 IMD G . -11.82 -9.19 -57.00
C2 IMD G . -11.02 -9.59 -58.01
N3 IMD G . -10.24 -10.61 -57.57
C4 IMD G . -10.55 -10.85 -56.28
C5 IMD G . -11.55 -9.95 -55.91
HN1 IMD G . -12.49 -8.47 -57.04
H2 IMD G . -10.99 -9.21 -58.90
HN3 IMD G . -9.56 -11.08 -58.09
H4 IMD G . -10.15 -11.53 -55.70
H5 IMD G . -11.99 -9.90 -55.03
OAB DJ3 H . 0.82 13.57 -37.12
OAB DJ3 H . -1.77 13.37 -42.44
CAU DJ3 H . 0.23 13.64 -38.17
CAU DJ3 H . -2.36 14.32 -41.94
OAC DJ3 H . 0.16 14.64 -38.85
OAC DJ3 H . -2.54 15.41 -42.49
CAR DJ3 H . -0.48 12.40 -38.74
CAR DJ3 H . -2.80 14.22 -40.48
CAQ DJ3 H . -2.01 12.42 -38.49
CAQ DJ3 H . -3.36 12.86 -40.21
CAS DJ3 H . -2.81 12.09 -39.74
CAS DJ3 H . -2.54 12.02 -39.22
CAW DJ3 H . -3.38 10.59 -39.78
CAW DJ3 H . -3.09 10.53 -39.39
OAT DJ3 H . -4.57 10.12 -40.48
OAT DJ3 H . -4.21 10.10 -40.31
CAV DJ3 H . -4.64 10.40 -39.08
CAV DJ3 H . -4.46 10.30 -38.89
CAK DJ3 H . -4.46 9.35 -37.97
CAK DJ3 H . -4.37 9.20 -37.83
CAG DJ3 H . -3.87 7.92 -38.24
CAG DJ3 H . -3.76 7.80 -38.13
CAE DJ3 H . -3.70 6.87 -37.10
CAE DJ3 H . -3.66 6.72 -37.03
CAD DJ3 H . -3.10 5.48 -37.39
CAD DJ3 H . -3.04 5.35 -37.35
CAF DJ3 H . -2.83 4.47 -36.28
CAF DJ3 H . -2.86 4.30 -36.27
CAH DJ3 H . -2.35 3.05 -36.57
CAH DJ3 H . -2.36 2.90 -36.62
CAM DJ3 H . -1.84 2.66 -37.92
CAM DJ3 H . -1.85 2.62 -38.00
CAI DJ3 H . -2.80 1.84 -38.71
CAI DJ3 H . -2.77 1.76 -38.79
CAJ DJ3 H . -2.30 1.04 -39.89
CAJ DJ3 H . -2.22 0.95 -39.94
CAN DJ3 H . -0.84 1.08 -40.26
CAN DJ3 H . -0.76 1.02 -40.28
CAP DJ3 H . -0.41 -0.29 -40.77
CAP DJ3 H . -0.30 -0.31 -40.82
CAO DJ3 H . 0.31 -0.17 -42.14
CAO DJ3 H . 0.37 -0.17 -42.20
CAL DJ3 H . -0.66 -0.47 -43.29
CAL DJ3 H . -0.63 -0.47 -43.33
CAA DJ3 H . -0.14 0.15 -44.60
CAA DJ3 H . -0.14 0.14 -44.65
HAY DJ3 H . -0.13 11.63 -38.33
HAY DJ3 H . -3.47 14.85 -40.32
HAX DJ3 H . -0.31 12.35 -39.66
HAX DJ3 H . -2.08 14.38 -39.92
HAV DJ3 H . -2.25 13.29 -38.19
HAV DJ3 H . -3.44 12.39 -41.01
HAW DJ3 H . -2.22 11.80 -37.81
HAW DJ3 H . -4.22 12.95 -39.85
HAZ DJ3 H . -2.25 12.20 -40.49
HAZ DJ3 H . -2.64 12.33 -38.34
HA0 DJ3 H . -3.53 12.68 -39.81
HA0 DJ3 H . -1.63 12.05 -39.47
HA2 DJ3 H . -2.76 9.91 -39.61
HA2 DJ3 H . -2.49 9.84 -39.19
HA1 DJ3 H . -4.87 11.27 -38.77
HA1 DJ3 H . -4.82 11.12 -38.62
HAK DJ3 H . -4.02 9.74 -37.22
HAK DJ3 H . -3.96 9.55 -37.05
HAG DJ3 H . -4.35 7.53 -38.96
HAG DJ3 H . -4.20 7.44 -38.88
HAE DJ3 H . -3.25 7.27 -36.36
HAE DJ3 H . -3.24 7.08 -36.26
HAD DJ3 H . -2.29 5.59 -37.90
HAD DJ3 H . -2.21 5.48 -37.78
HAF DJ3 H . -3.61 4.41 -35.73
HAF DJ3 H . -3.66 4.22 -35.77
HAH DJ3 H . -3.11 2.49 -36.40
HAH DJ3 H . -3.12 2.33 -36.51
HAN DJ3 H . -1.04 2.19 -37.81
HAN DJ3 H . -1.02 2.19 -37.91
HAO DJ3 H . -1.66 3.45 -38.41
HAO DJ3 H . -1.72 3.42 -38.47
HAI DJ3 H . -3.52 2.39 -38.99
HAI DJ3 H . -3.51 2.29 -39.10
HAJ DJ3 H . -2.60 0.14 -39.81
HAJ DJ3 H . -2.50 0.04 -39.85
HAP DJ3 H . -0.31 1.30 -39.53
HAP DJ3 H . -0.24 1.23 -39.53
HAQ DJ3 H . -0.72 1.71 -40.94
HAQ DJ3 H . -0.65 1.68 -40.94
HAT DJ3 H . -1.15 -0.85 -40.86
HAT DJ3 H . -1.03 -0.90 -40.91
HAU DJ3 H . 0.19 -0.66 -40.15
HAU DJ3 H . 0.31 -0.68 -40.22
HAS DJ3 H . 1.01 -0.79 -42.17
HAS DJ3 H . 1.09 -0.78 -42.26
HAR DJ3 H . 0.66 0.69 -42.23
HAR DJ3 H . 0.71 0.70 -42.30
HAM DJ3 H . -1.50 -0.11 -43.08
HAM DJ3 H . -1.47 -0.10 -43.10
HAL DJ3 H . -0.75 -1.40 -43.39
HAL DJ3 H . -0.72 -1.40 -43.42
HAC DJ3 H . -0.81 0.12 -45.25
HAC DJ3 H . -0.83 0.11 -45.29
HAB DJ3 H . 0.11 1.04 -44.45
HAB DJ3 H . 0.12 1.03 -44.51
HAA DJ3 H . 0.61 -0.34 -44.90
HAA DJ3 H . 0.60 -0.34 -44.97
ZN ZN I . 4.61 -26.77 -0.74
N1 IMD J . -12.44 -35.57 -0.77
C2 IMD J . -12.46 -36.85 -1.21
N3 IMD J . -11.24 -37.39 -1.02
C4 IMD J . -10.44 -36.47 -0.45
C5 IMD J . -11.20 -35.32 -0.29
HN1 IMD J . -13.19 -34.94 -0.79
H2 IMD J . -13.24 -37.31 -1.61
HN3 IMD J . -10.97 -38.31 -1.25
H4 IMD J . -9.50 -36.58 -0.20
H5 IMD J . -10.91 -34.47 0.09
N1 IMD K . 5.77 -15.41 -23.64
C2 IMD K . 5.67 -16.64 -24.17
N3 IMD K . 6.86 -17.28 -24.03
C4 IMD K . 7.70 -16.44 -23.39
C5 IMD K . 7.02 -15.26 -23.15
HN1 IMD K . 5.06 -14.73 -23.61
H2 IMD K . 4.88 -17.01 -24.61
HN3 IMD K . 7.06 -18.18 -24.33
H4 IMD K . 8.63 -16.63 -23.15
H5 IMD K . 7.38 -14.46 -22.69
N1 IMD L . 20.31 -28.96 -10.44
C2 IMD L . 19.58 -30.10 -10.54
N3 IMD L . 19.81 -30.88 -9.45
C4 IMD L . 20.71 -30.23 -8.66
C5 IMD L . 21.01 -29.03 -9.29
HN1 IMD L . 20.33 -28.23 -11.10
H2 IMD L . 18.98 -30.32 -11.28
HN3 IMD L . 19.42 -31.75 -9.27
H4 IMD L . 21.07 -30.55 -7.81
H5 IMD L . 21.63 -28.35 -8.96
OAB DJ3 M . -0.83 -29.25 5.31
OAB DJ3 M . 2.09 -30.39 2.85
CAU DJ3 M . -0.90 -28.05 5.28
CAU DJ3 M . 1.11 -30.12 2.16
OAC DJ3 M . -1.30 -27.41 6.23
OAC DJ3 M . 0.84 -30.68 1.11
CAR DJ3 M . -0.33 -27.34 4.02
CAR DJ3 M . 0.30 -28.87 2.59
CAQ DJ3 M . 1.24 -27.31 4.05
CAQ DJ3 M . 1.25 -27.80 3.20
CAS DJ3 M . 1.93 -27.59 2.67
CAS DJ3 M . 2.56 -27.77 2.33
CAW DJ3 M . 2.57 -26.29 1.99
CAW DJ3 M . 2.86 -26.37 1.81
OAT DJ3 M . 3.64 -26.24 0.93
OAT DJ3 M . 3.80 -26.15 0.79
CAV DJ3 M . 3.94 -25.96 2.32
CAV DJ3 M . 4.15 -25.94 2.17
CAK DJ3 M . 3.81 -24.58 2.96
CAK DJ3 M . 3.86 -24.61 2.91
CAG DJ3 M . 3.25 -23.41 2.16
CAG DJ3 M . 3.34 -23.41 2.13
CAE DJ3 M . 3.06 -22.01 2.76
CAE DJ3 M . 3.05 -22.05 2.77
CAD DJ3 M . 2.46 -20.90 1.87
CAD DJ3 M . 2.50 -20.93 1.89
CAF DJ3 M . 2.22 -19.49 2.38
CAF DJ3 M . 2.14 -19.54 2.41
CAH DJ3 M . 1.65 -18.41 1.48
CAH DJ3 M . 1.63 -18.47 1.45
CAM DJ3 M . 1.10 -18.74 0.12
CAM DJ3 M . 1.27 -18.86 0.03
CAI DJ3 M . 1.77 -18.01 -0.98
CAI DJ3 M . 1.82 -17.94 -1.00
CAJ DJ3 M . 0.98 -17.57 -2.19
CAJ DJ3 M . 0.98 -17.49 -2.17
CAN DJ3 M . -0.50 -17.88 -2.30
CAN DJ3 M . -0.47 -17.91 -2.31
CAP DJ3 M . -1.08 -17.15 -3.51
CAP DJ3 M . -1.09 -17.12 -3.46
CAO DJ3 M . -1.88 -18.09 -4.40
CAO DJ3 M . -1.92 -18.01 -4.38
CAL DJ3 M . -1.24 -18.14 -5.76
CAL DJ3 M . -1.24 -18.08 -5.74
CAA DJ3 M . -2.00 -19.09 -6.69
CAA DJ3 M . -1.99 -19.06 -6.66
HAY DJ3 M . -0.64 -26.45 3.99
HAY DJ3 M . -0.15 -28.52 1.84
HAX DJ3 M . -0.62 -27.81 3.26
HAX DJ3 M . -0.33 -29.12 3.24
HAV DJ3 M . 1.53 -27.96 4.66
HAV DJ3 M . 1.48 -28.04 4.08
HAW DJ3 M . 1.53 -26.47 4.35
HAW DJ3 M . 0.85 -26.96 3.18
HAZ DJ3 M . 1.28 -27.94 2.10
HAZ DJ3 M . 2.44 -28.29 1.56
HA0 DJ3 M . 2.61 -28.23 2.79
HA0 DJ3 M . 3.27 -28.14 2.82
HA2 DJ3 M . 1.99 -25.58 1.94
HA2 DJ3 M . 2.18 -25.72 1.87
HA1 DJ3 M . 4.30 -26.64 2.85
HA1 DJ3 M . 4.46 -26.60 2.74
HAK DJ3 M . 3.36 -24.65 3.80
HAK DJ3 M . 4.58 -24.38 3.48
HAG DJ3 M . 2.44 -23.65 1.71
HAG DJ3 M . 2.59 -23.66 1.60
HAE DJ3 M . 3.87 -21.71 3.14
HAE DJ3 M . 3.81 -21.75 3.25
HAD DJ3 M . 1.64 -21.23 1.49
HAD DJ3 M . 1.76 -21.27 1.39
HAF DJ3 M . 3.03 -19.16 2.76
HAF DJ3 M . 2.89 -19.18 2.87
HAH DJ3 M . 1.01 -17.89 1.96
HAH DJ3 M . 0.90 -18.00 1.84
HAN DJ3 M . 0.18 -18.54 0.12
HAN DJ3 M . 0.34 -18.86 -0.04
HAO DJ3 M . 1.20 -19.66 -0.03
HAO DJ3 M . 1.59 -19.72 -0.15
HAI DJ3 M . 2.54 -18.50 -1.26
HAI DJ3 M . 2.65 -18.29 -1.32
HAJ DJ3 M . 1.13 -16.64 -2.36
HAJ DJ3 M . 1.44 -17.67 -2.98
HAP DJ3 M . -0.95 -17.60 -1.53
HAP DJ3 M . -0.94 -17.74 -1.52
HAQ DJ3 M . -0.59 -18.81 -2.41
HAQ DJ3 M . -0.51 -18.83 -2.50
HAT DJ3 M . -0.38 -16.80 -4.02
HAT DJ3 M . -0.41 -16.72 -3.96
HAU DJ3 M . -1.63 -16.46 -3.21
HAU DJ3 M . -1.64 -16.44 -3.10
HAS DJ3 M . -2.76 -17.76 -4.48
HAS DJ3 M . -2.78 -17.63 -4.49
HAR DJ3 M . -1.92 -18.95 -4.02
HAR DJ3 M . -2.01 -18.87 -4.02
HAM DJ3 M . -0.35 -18.42 -5.66
HAM DJ3 M . -0.35 -18.36 -5.61
HAL DJ3 M . -1.24 -17.28 -6.14
HAL DJ3 M . -1.23 -17.22 -6.12
HAC DJ3 M . -2.83 -18.72 -6.90
HAC DJ3 M . -2.82 -18.69 -6.89
HAB DJ3 M . -1.51 -19.23 -7.48
HAB DJ3 M . -1.48 -19.20 -7.43
HAA DJ3 M . -2.14 -19.92 -6.26
HAA DJ3 M . -2.12 -19.87 -6.22
ZN ZN N . -2.66 16.83 29.59
N1 IMD O . 10.77 26.16 19.14
C2 IMD O . 10.06 25.93 20.27
N3 IMD O . 10.34 24.69 20.72
C4 IMD O . 11.25 24.13 19.87
C5 IMD O . 11.51 25.06 18.87
HN1 IMD O . 10.75 26.98 18.61
H2 IMD O . 9.44 26.55 20.69
HN3 IMD O . 9.98 24.26 21.52
H4 IMD O . 11.64 23.23 19.95
H5 IMD O . 12.12 24.95 18.12
OAB DJ3 P . 5.81 18.35 32.24
OAB DJ3 P . 0.86 21.95 29.04
CAU DJ3 P . 4.99 18.88 31.56
CAU DJ3 P . 1.33 20.90 29.38
OAC DJ3 P . 4.94 20.06 31.44
OAC DJ3 P . 1.87 20.13 28.60
CAR DJ3 P . 3.93 18.05 30.83
CAR DJ3 P . 1.33 20.52 30.87
CAQ DJ3 P . 2.62 17.98 31.71
CAQ DJ3 P . 0.55 19.22 31.08
CAS DJ3 P . 1.31 18.11 30.90
CAS DJ3 P . 1.43 17.97 31.03
CAW DJ3 P . 0.51 16.73 30.88
CAW DJ3 P . 0.55 16.65 30.91
OAT DJ3 P . -0.82 16.52 30.35
OAT DJ3 P . -0.82 16.54 30.41
CAV DJ3 P . -0.66 16.56 31.79
CAV DJ3 P . -0.59 16.47 31.85
CAK DJ3 P . -0.05 15.42 32.61
CAK DJ3 P . -0.01 15.26 32.60
CAG DJ3 P . 0.03 14.07 31.95
CAG DJ3 P . 0.08 13.92 31.87
CAE DJ3 P . 0.63 12.86 32.61
CAE DJ3 P . 0.64 12.65 32.47
CAD DJ3 P . 0.65 11.57 31.78
CAD DJ3 P . 0.69 11.40 31.58
CAF DJ3 P . 1.27 10.32 32.34
CAF DJ3 P . 1.26 10.09 32.04
CAH DJ3 P . 1.23 9.04 31.55
CAH DJ3 P . 1.24 8.85 31.14
CAM DJ3 P . 0.66 8.95 30.16
CAM DJ3 P . 0.69 8.84 29.72
CAI DJ3 P . 1.50 7.86 29.64
CAI DJ3 P . 1.11 7.50 29.21
CAJ DJ3 P . 1.25 7.09 28.38
CAJ DJ3 P . 0.77 6.87 27.89
CAN DJ3 P . 0.25 7.37 27.34
CAN DJ3 P . 0.22 7.53 26.70
CAP DJ3 P . 0.98 6.79 26.11
CAP DJ3 P . 1.16 7.07 25.56
CAO DJ3 P . 0.32 7.08 24.77
CAO DJ3 P . 0.46 6.87 24.24
CAL DJ3 P . 1.38 7.25 23.69
CAL DJ3 P . 1.28 7.55 23.16
CAA DJ3 P . 0.73 7.99 22.52
CAA DJ3 P . 0.32 8.20 22.20
HAY DJ3 P . 4.24 17.17 30.68
HAY DJ3 P . 0.89 21.20 31.35
HAX DJ3 P . 3.72 18.46 30.01
HAX DJ3 P . 2.20 20.42 31.18
HAV DJ3 P . 2.65 18.68 32.34
HAV DJ3 P . -0.11 19.14 30.42
HAW DJ3 P . 2.62 17.18 32.17
HAW DJ3 P . 0.15 19.26 31.92
HAZ DJ3 P . 1.53 18.34 30.02
HAZ DJ3 P . 2.05 18.02 30.33
HA0 DJ3 P . 0.77 18.78 31.27
HA0 DJ3 P . 1.91 17.93 31.85
HA2 DJ3 P . 1.06 15.98 30.78
HA2 DJ3 P . 1.06 15.89 30.73
HA1 DJ3 P . -0.47 17.38 32.24
HA1 DJ3 P . -0.42 17.25 32.37
HAK DJ3 P . 0.79 15.69 32.97
HAK DJ3 P . 0.83 15.48 32.99
HAG DJ3 P . 0.35 14.12 31.06
HAG DJ3 P . 0.40 14.02 30.99
HAE DJ3 P . 1.50 13.05 32.92
HAE DJ3 P . 1.51 12.83 32.82
HAD DJ3 P . 1.02 11.76 30.94
HAD DJ3 P . 1.08 11.63 30.74
HAF DJ3 P . 0.91 10.16 33.20
HAF DJ3 P . 0.86 9.86 32.87
HAH DJ3 P . 0.84 8.36 32.09
HAH DJ3 P . 2.11 8.46 31.15
HAN DJ3 P . 0.79 9.75 29.68
HAN DJ3 P . 1.09 9.53 29.21
HAO DJ3 P . -0.24 8.70 30.17
HAO DJ3 P . -0.24 8.92 29.72
HAI DJ3 P . 1.68 7.24 30.33
HAI DJ3 P . 0.99 6.86 29.90
HAJ DJ3 P . 1.56 6.21 28.38
HAJ DJ3 P . 1.32 6.13 27.71
HAP DJ3 P . 0.12 8.30 27.24
HAP DJ3 P . 0.26 8.46 26.79
HAQ DJ3 P . -0.55 6.93 27.51
HAQ DJ3 P . -0.66 7.24 26.55
HAT DJ3 P . 1.03 5.86 26.22
HAT DJ3 P . 1.54 6.23 25.78
HAU DJ3 P . 1.84 7.14 26.10
HAU DJ3 P . 1.85 7.69 25.48
HAS DJ3 P . -0.19 7.86 24.85
HAS DJ3 P . -0.41 7.27 24.28
HAR DJ3 P . -0.25 6.37 24.55
HAR DJ3 P . 0.37 5.96 24.06
HAM DJ3 P . 1.70 6.42 23.42
HAM DJ3 P . 1.79 6.91 22.72
HAL DJ3 P . 2.09 7.77 24.03
HAL DJ3 P . 1.85 8.19 23.53
HAC DJ3 P . 1.32 8.00 21.79
HAC DJ3 P . 0.77 8.42 21.41
HAB DJ3 P . -0.06 7.55 22.27
HAB DJ3 P . -0.38 7.61 22.00
HAA DJ3 P . 0.53 8.87 22.77
HAA DJ3 P . -0.03 8.99 22.58
#